data_4B6F
#
_entry.id   4B6F
#
_cell.length_a   91.315
_cell.length_b   111.288
_cell.length_c   139.626
_cell.angle_alpha   90.00
_cell.angle_beta   90.00
_cell.angle_gamma   90.00
#
_symmetry.space_group_name_H-M   'P 21 21 21'
#
loop_
_entity.id
_entity.type
_entity.pdbx_description
1 polymer 'NON-STRUCTURAL PROTEIN 4A, SERINE PROTEASE NS3'
2 non-polymer 'SULFATE ION'
3 non-polymer (4-phenoxyphenyl)methylazanium
4 water water
#
_entity_poly.entity_id   1
_entity_poly.type   'polypeptide(L)'
_entity_poly.pdbx_seq_one_letter_code
;MGSSHHHHHHSSGLVPRGSHMGSVVIVGRIILSGSGSITAYSQQTRGLLGCIITSLTGRDKNQVEGEVQVVSTATQSFLA
TCVNGVCWTVYHGAGSKTLAGPKGPITQMYTNVDQDLVGWQAPPGARSLTPCTCGSSDLYLVTRHADVIPVRRRGDSRGS
LLSPRPVSYLKGSSGGPLLCPSGHAVGIFRAAVCTRGVAKAVDFVPVESMETTMRSPVFTDNSSPPAVPQSFQVAHLHAP
TGSGKSTKVPAAYAAQGYKVLVLNPSVAATLGFGAYMSKAHGIDPNIRTGVRTITTGAPVTYSTYGKFLADGGCSGGAYD
IIICDECHSTDSTTILGIGTVLDQAETAGARLVVLATATPPGSVTVPHPNIEEVALSNTGEIPFYGKAIPIEAIRGGRHL
IFCHSKKKCDELAAKLSGLGINAVAYYRGLDVSVIPTIGDVVVVATDALMTGYTGDFDSVIDCNTCVTQTVDFSLDPTFT
IETTTVPQDAVSRSQRRGRTGRGRRGIYRFVTPGERPSGMFDSSVLCECYDAGCAWYELTPAETSVRLRAYLNTPGLPVC
QDHLEFWESVFTGLTHIDAHFLSQTKQAGDNFPYLVAYQATVCARAQAPPPSWDQMWKCLIRLKPTLHGPTPLLYRLGAV
QNEVTLTHPITKYIMACMSADLEVVTLGSVVIVGRIILSGSGS
;
_entity_poly.pdbx_strand_id   A,B
#
loop_
_chem_comp.id
_chem_comp.type
_chem_comp.name
_chem_comp.formula
20L non-polymer (4-phenoxyphenyl)methylazanium 'C13 H14 N O 1'
SO4 non-polymer 'SULFATE ION' 'O4 S -2'
#
# COMPACT_ATOMS: atom_id res chain seq x y z
N ILE A 38 -11.47 29.01 11.56
CA ILE A 38 -11.52 28.17 10.38
C ILE A 38 -11.72 26.69 10.77
N THR A 39 -12.85 26.14 10.36
CA THR A 39 -13.19 24.74 10.65
C THR A 39 -13.89 24.15 9.42
N ALA A 40 -13.86 22.83 9.32
CA ALA A 40 -14.27 22.18 8.10
C ALA A 40 -14.90 20.84 8.37
N TYR A 41 -15.70 20.37 7.42
CA TYR A 41 -16.25 19.04 7.47
C TYR A 41 -16.52 18.59 6.05
N SER A 42 -16.77 17.32 5.87
CA SER A 42 -16.76 16.74 4.56
C SER A 42 -18.07 16.03 4.24
N GLN A 43 -18.36 15.98 2.95
CA GLN A 43 -19.53 15.29 2.45
C GLN A 43 -19.10 14.39 1.35
N GLN A 44 -19.46 13.11 1.45
CA GLN A 44 -19.23 12.18 0.36
C GLN A 44 -20.41 12.25 -0.60
N THR A 45 -20.15 12.69 -1.83
CA THR A 45 -21.19 12.95 -2.82
C THR A 45 -21.37 11.83 -3.86
N ARG A 46 -20.53 10.79 -3.84
CA ARG A 46 -20.62 9.66 -4.79
C ARG A 46 -20.07 8.41 -4.15
N GLY A 47 -20.60 7.27 -4.59
CA GLY A 47 -20.08 5.97 -4.19
C GLY A 47 -19.01 5.48 -5.13
N LEU A 48 -18.58 4.24 -4.96
CA LEU A 48 -17.51 3.66 -5.78
C LEU A 48 -17.97 3.34 -7.19
N LEU A 49 -19.24 2.98 -7.36
CA LEU A 49 -19.76 2.66 -8.70
C LEU A 49 -20.09 3.94 -9.46
N GLY A 50 -20.82 4.85 -8.81
CA GLY A 50 -21.15 6.12 -9.44
C GLY A 50 -19.89 6.80 -9.93
N CYS A 51 -18.78 6.54 -9.26
CA CYS A 51 -17.51 7.13 -9.61
C CYS A 51 -16.83 6.49 -10.83
N ILE A 52 -16.98 5.18 -11.00
CA ILE A 52 -16.44 4.50 -12.19
C ILE A 52 -17.27 4.85 -13.41
N ILE A 53 -18.59 4.84 -13.24
CA ILE A 53 -19.48 5.22 -14.31
C ILE A 53 -19.13 6.60 -14.78
N THR A 54 -18.96 7.52 -13.84
CA THR A 54 -18.69 8.92 -14.16
C THR A 54 -17.30 9.16 -14.77
N SER A 55 -16.28 8.43 -14.33
CA SER A 55 -14.95 8.56 -14.93
C SER A 55 -14.98 8.17 -16.37
N LEU A 56 -15.76 7.13 -16.70
CA LEU A 56 -15.80 6.57 -18.05
C LEU A 56 -16.64 7.42 -18.96
N THR A 57 -17.84 7.81 -18.53
CA THR A 57 -18.67 8.67 -19.36
C THR A 57 -18.17 10.11 -19.35
N GLY A 58 -17.46 10.50 -18.29
CA GLY A 58 -16.98 11.87 -18.13
C GLY A 58 -18.10 12.87 -17.92
N ARG A 59 -19.29 12.40 -17.55
CA ARG A 59 -20.46 13.26 -17.35
C ARG A 59 -20.90 13.24 -15.89
N ASP A 60 -20.90 14.39 -15.25
CA ASP A 60 -21.25 14.52 -13.84
C ASP A 60 -22.31 15.63 -13.76
N LYS A 61 -23.48 15.28 -13.25
CA LYS A 61 -24.58 16.23 -13.11
C LYS A 61 -24.59 16.91 -11.74
N ASN A 62 -24.37 16.15 -10.67
CA ASN A 62 -24.30 16.73 -9.31
C ASN A 62 -23.75 18.16 -9.31
N GLN A 63 -24.56 19.12 -8.87
CA GLN A 63 -24.09 20.49 -8.71
C GLN A 63 -22.72 20.49 -8.02
N VAL A 64 -21.78 21.28 -8.52
CA VAL A 64 -20.54 21.50 -7.79
C VAL A 64 -20.80 22.58 -6.72
N GLU A 65 -20.97 22.11 -5.49
CA GLU A 65 -21.06 22.97 -4.31
C GLU A 65 -19.70 23.04 -3.62
N GLY A 66 -19.55 24.00 -2.72
CA GLY A 66 -18.32 24.15 -1.95
C GLY A 66 -17.19 24.68 -2.81
N GLU A 67 -15.98 24.69 -2.25
CA GLU A 67 -14.80 25.21 -2.95
C GLU A 67 -13.76 24.12 -3.07
N VAL A 68 -13.45 23.50 -1.92
CA VAL A 68 -12.59 22.32 -1.89
C VAL A 68 -13.31 21.05 -2.35
N GLN A 69 -12.81 20.43 -3.40
CA GLN A 69 -13.39 19.20 -3.92
C GLN A 69 -12.48 17.96 -3.69
N VAL A 70 -13.11 16.85 -3.34
CA VAL A 70 -12.42 15.61 -3.15
C VAL A 70 -12.58 14.90 -4.47
N VAL A 71 -11.47 14.69 -5.15
CA VAL A 71 -11.53 14.19 -6.50
C VAL A 71 -10.87 12.86 -6.45
N SER A 72 -11.05 12.07 -7.51
CA SER A 72 -10.50 10.73 -7.53
C SER A 72 -10.26 10.24 -8.95
N THR A 73 -9.26 9.37 -9.08
CA THR A 73 -8.97 8.63 -10.29
C THR A 73 -9.33 7.18 -9.98
N ALA A 74 -9.02 6.25 -10.89
CA ALA A 74 -9.11 4.80 -10.58
C ALA A 74 -8.05 4.43 -9.54
N THR A 75 -6.87 5.02 -9.67
CA THR A 75 -5.71 4.66 -8.88
C THR A 75 -5.63 5.36 -7.51
N GLN A 76 -6.11 6.59 -7.38
CA GLN A 76 -5.88 7.35 -6.15
C GLN A 76 -6.90 8.49 -5.93
N SER A 77 -6.66 9.29 -4.91
CA SER A 77 -7.57 10.34 -4.58
C SER A 77 -6.88 11.51 -3.88
N PHE A 78 -7.46 12.68 -4.00
CA PHE A 78 -6.80 13.88 -3.57
C PHE A 78 -7.79 15.02 -3.68
N LEU A 79 -7.31 16.22 -3.40
CA LEU A 79 -8.18 17.37 -3.29
C LEU A 79 -8.02 18.26 -4.52
N ALA A 80 -9.07 19.00 -4.84
CA ALA A 80 -9.03 20.01 -5.86
C ALA A 80 -9.75 21.22 -5.32
N THR A 81 -9.09 22.37 -5.39
CA THR A 81 -9.61 23.65 -4.87
C THR A 81 -10.02 24.59 -5.97
N CYS A 82 -11.23 25.09 -5.91
CA CYS A 82 -11.69 26.01 -6.94
C CYS A 82 -11.29 27.46 -6.62
N VAL A 83 -10.44 28.08 -7.43
CA VAL A 83 -9.99 29.45 -7.16
C VAL A 83 -10.02 30.30 -8.41
N ASN A 84 -10.58 31.52 -8.25
CA ASN A 84 -10.86 32.48 -9.32
C ASN A 84 -11.53 31.85 -10.50
N GLY A 85 -12.46 30.94 -10.21
CA GLY A 85 -13.28 30.34 -11.23
C GLY A 85 -12.59 29.18 -11.92
N VAL A 86 -11.34 28.95 -11.57
CA VAL A 86 -10.63 27.77 -12.07
C VAL A 86 -10.47 26.79 -10.93
N CYS A 87 -10.63 25.53 -11.29
CA CYS A 87 -10.62 24.44 -10.36
C CYS A 87 -9.24 23.76 -10.41
N TRP A 88 -8.39 24.09 -9.46
CA TRP A 88 -7.00 23.69 -9.51
C TRP A 88 -6.73 22.39 -8.76
N THR A 89 -5.69 21.69 -9.18
CA THR A 89 -5.19 20.53 -8.46
C THR A 89 -3.77 20.22 -8.93
N VAL A 90 -3.15 19.20 -8.32
CA VAL A 90 -1.75 18.88 -8.61
C VAL A 90 -1.61 17.96 -9.79
N TYR A 91 -0.53 18.18 -10.56
CA TYR A 91 -0.29 17.40 -11.77
C TYR A 91 0.00 15.94 -11.42
N HIS A 92 0.74 15.72 -10.34
CA HIS A 92 1.09 14.35 -9.93
C HIS A 92 -0.13 13.47 -9.60
N GLY A 93 -1.23 14.09 -9.23
CA GLY A 93 -2.48 13.35 -8.98
C GLY A 93 -3.26 13.15 -10.27
N ALA A 94 -3.40 14.23 -11.03
CA ALA A 94 -4.41 14.37 -12.06
C ALA A 94 -3.92 14.12 -13.47
N GLY A 95 -2.61 14.22 -13.67
CA GLY A 95 -2.00 14.09 -15.00
C GLY A 95 -2.63 15.06 -15.98
N SER A 96 -2.97 14.57 -17.16
CA SER A 96 -3.59 15.42 -18.15
C SER A 96 -5.06 15.15 -18.24
N LYS A 97 -5.57 14.32 -17.33
CA LYS A 97 -6.92 13.78 -17.45
C LYS A 97 -7.97 14.88 -17.53
N THR A 98 -9.07 14.58 -18.21
CA THR A 98 -10.21 15.47 -18.22
C THR A 98 -10.92 15.38 -16.89
N LEU A 99 -11.92 16.24 -16.71
CA LEU A 99 -12.66 16.36 -15.46
C LEU A 99 -14.12 16.23 -15.81
N ALA A 100 -14.77 15.20 -15.28
CA ALA A 100 -16.18 14.96 -15.55
C ALA A 100 -16.97 16.23 -15.30
N GLY A 101 -17.95 16.51 -16.15
CA GLY A 101 -18.81 17.70 -15.98
C GLY A 101 -20.19 17.53 -16.59
N PRO A 102 -21.08 18.53 -16.39
CA PRO A 102 -22.49 18.55 -16.80
C PRO A 102 -22.75 18.09 -18.21
N LYS A 103 -21.92 18.57 -19.15
CA LYS A 103 -22.10 18.21 -20.54
C LYS A 103 -21.09 17.19 -21.07
N GLY A 104 -20.09 16.87 -20.27
CA GLY A 104 -19.07 15.91 -20.70
C GLY A 104 -17.71 16.26 -20.12
N PRO A 105 -16.69 15.54 -20.55
CA PRO A 105 -15.38 15.77 -19.98
C PRO A 105 -14.95 17.22 -20.19
N ILE A 106 -14.45 17.86 -19.12
CA ILE A 106 -13.92 19.21 -19.18
C ILE A 106 -12.44 19.07 -19.40
N THR A 107 -11.93 19.73 -20.43
CA THR A 107 -10.50 19.68 -20.78
C THR A 107 -9.68 20.58 -19.86
N GLN A 108 -8.43 20.22 -19.61
CA GLN A 108 -7.64 21.08 -18.75
C GLN A 108 -7.40 22.39 -19.46
N MET A 109 -7.62 23.48 -18.75
CA MET A 109 -7.33 24.79 -19.31
C MET A 109 -5.87 25.05 -19.14
N TYR A 110 -5.37 24.88 -17.92
CA TYR A 110 -3.95 25.08 -17.61
C TYR A 110 -3.29 23.79 -17.16
N THR A 111 -2.01 23.68 -17.53
CA THR A 111 -1.14 22.58 -17.17
C THR A 111 0.23 23.15 -17.02
N ASN A 112 0.75 23.16 -15.81
CA ASN A 112 2.10 23.61 -15.56
C ASN A 112 2.87 22.50 -14.85
N VAL A 113 3.41 21.55 -15.61
CA VAL A 113 4.13 20.44 -14.97
C VAL A 113 5.32 20.87 -14.10
N ASP A 114 5.80 22.12 -14.24
CA ASP A 114 6.94 22.61 -13.43
C ASP A 114 6.49 23.00 -12.02
N GLN A 115 5.37 23.70 -11.95
CA GLN A 115 4.75 24.07 -10.67
C GLN A 115 3.97 22.90 -10.03
N ASP A 116 3.76 21.84 -10.80
CA ASP A 116 2.93 20.69 -10.41
C ASP A 116 1.49 21.12 -10.24
N LEU A 117 0.96 21.78 -11.27
CA LEU A 117 -0.27 22.52 -11.15
C LEU A 117 -1.08 22.37 -12.42
N VAL A 118 -2.33 21.95 -12.30
CA VAL A 118 -3.23 21.89 -13.46
C VAL A 118 -4.53 22.51 -13.04
N GLY A 119 -5.32 22.95 -14.03
CA GLY A 119 -6.58 23.62 -13.76
C GLY A 119 -7.59 23.39 -14.86
N TRP A 120 -8.83 23.11 -14.44
CA TRP A 120 -10.00 23.09 -15.33
C TRP A 120 -10.89 24.28 -15.05
N GLN A 121 -11.69 24.69 -16.03
CA GLN A 121 -12.68 25.74 -15.78
C GLN A 121 -13.80 25.21 -14.92
N ALA A 122 -14.06 25.85 -13.79
CA ALA A 122 -15.16 25.43 -12.92
C ALA A 122 -16.47 25.48 -13.72
N PRO A 123 -17.29 24.41 -13.65
CA PRO A 123 -18.65 24.53 -14.19
C PRO A 123 -19.44 25.66 -13.52
N PRO A 124 -20.13 26.53 -14.32
CA PRO A 124 -20.78 27.74 -13.79
C PRO A 124 -21.84 27.40 -12.74
N GLY A 125 -21.76 28.08 -11.61
CA GLY A 125 -22.38 27.63 -10.37
C GLY A 125 -21.33 27.57 -9.27
N ALA A 126 -20.50 26.52 -9.32
CA ALA A 126 -19.39 26.29 -8.36
C ALA A 126 -18.84 27.55 -7.70
N ARG A 127 -18.79 27.55 -6.36
CA ARG A 127 -18.18 28.67 -5.63
C ARG A 127 -16.68 28.59 -5.87
N SER A 128 -16.00 29.68 -5.57
CA SER A 128 -14.56 29.74 -5.70
C SER A 128 -14.08 30.38 -4.42
N LEU A 129 -12.94 29.95 -3.90
CA LEU A 129 -12.20 30.76 -2.95
C LEU A 129 -11.62 31.93 -3.74
N THR A 130 -10.93 32.83 -3.06
CA THR A 130 -10.27 33.95 -3.71
C THR A 130 -8.94 34.16 -3.02
N PRO A 131 -7.98 34.78 -3.71
CA PRO A 131 -6.64 34.96 -3.11
C PRO A 131 -6.63 35.82 -1.85
N CYS A 132 -5.58 35.68 -1.05
CA CYS A 132 -5.32 36.61 0.06
C CYS A 132 -4.95 37.98 -0.45
N THR A 133 -5.40 39.00 0.28
CA THR A 133 -5.14 40.37 -0.11
C THR A 133 -4.06 41.09 0.75
N CYS A 134 -3.45 40.37 1.70
CA CYS A 134 -2.30 40.92 2.47
C CYS A 134 -1.62 39.89 3.39
N GLY A 135 -0.52 39.34 2.88
CA GLY A 135 0.22 38.29 3.53
C GLY A 135 0.27 38.38 5.04
N SER A 136 -0.69 37.72 5.70
CA SER A 136 -0.56 37.28 7.10
C SER A 136 0.14 35.93 7.11
N SER A 137 1.13 35.74 7.98
CA SER A 137 1.93 34.51 7.99
C SER A 137 1.23 33.33 8.67
N ASP A 138 0.21 33.60 9.47
CA ASP A 138 -0.54 32.50 10.06
C ASP A 138 -1.37 31.84 8.98
N LEU A 139 -1.26 30.53 8.90
CA LEU A 139 -1.82 29.79 7.78
C LEU A 139 -2.58 28.60 8.29
N TYR A 140 -3.36 28.00 7.41
CA TYR A 140 -4.24 26.92 7.78
C TYR A 140 -4.42 25.94 6.65
N LEU A 141 -3.85 24.75 6.81
CA LEU A 141 -3.96 23.72 5.82
C LEU A 141 -5.23 22.90 6.05
N VAL A 142 -6.01 22.64 5.00
CA VAL A 142 -7.19 21.79 5.12
C VAL A 142 -6.87 20.44 4.54
N THR A 143 -7.00 19.39 5.34
CA THR A 143 -6.64 18.02 4.93
C THR A 143 -7.91 17.33 4.40
N ARG A 144 -7.77 16.23 3.66
CA ARG A 144 -8.95 15.56 3.11
C ARG A 144 -9.83 14.97 4.17
N HIS A 145 -9.30 14.82 5.38
CA HIS A 145 -10.07 14.34 6.52
C HIS A 145 -10.81 15.50 7.18
N ALA A 146 -10.89 16.63 6.46
CA ALA A 146 -11.55 17.84 6.93
C ALA A 146 -10.93 18.42 8.21
N ASP A 147 -9.70 18.01 8.50
CA ASP A 147 -8.99 18.60 9.61
C ASP A 147 -8.35 19.84 9.06
N VAL A 148 -8.05 20.78 9.95
CA VAL A 148 -7.52 22.06 9.58
C VAL A 148 -6.31 22.24 10.44
N ILE A 149 -5.13 22.34 9.86
CA ILE A 149 -3.94 22.19 10.66
C ILE A 149 -2.98 23.35 10.44
N PRO A 150 -2.68 24.06 11.54
CA PRO A 150 -1.98 25.33 11.46
C PRO A 150 -0.54 25.25 10.98
N VAL A 151 -0.18 26.22 10.13
CA VAL A 151 1.08 26.26 9.40
C VAL A 151 1.68 27.66 9.49
N ARG A 152 2.99 27.75 9.70
CA ARG A 152 3.67 29.05 9.72
C ARG A 152 4.42 29.34 8.42
N ARG A 153 3.97 30.34 7.67
CA ARG A 153 4.59 30.66 6.39
C ARG A 153 6.05 31.02 6.58
N ARG A 154 6.91 30.34 5.83
CA ARG A 154 8.36 30.45 5.94
C ARG A 154 8.91 30.52 4.52
N GLY A 155 8.54 31.57 3.81
CA GLY A 155 9.03 31.77 2.46
C GLY A 155 7.94 31.61 1.42
N ASP A 156 8.33 31.72 0.17
CA ASP A 156 7.36 31.98 -0.88
C ASP A 156 6.39 30.82 -1.08
N SER A 157 6.84 29.62 -0.77
CA SER A 157 6.00 28.45 -0.99
C SER A 157 6.38 27.32 -0.03
N ARG A 158 6.66 27.71 1.21
CA ARG A 158 6.97 26.79 2.27
C ARG A 158 6.36 27.29 3.56
N GLY A 159 5.86 26.36 4.34
CA GLY A 159 5.40 26.66 5.67
C GLY A 159 5.65 25.47 6.56
N SER A 160 5.86 25.75 7.84
CA SER A 160 6.20 24.70 8.77
C SER A 160 5.02 24.40 9.68
N LEU A 161 4.81 23.11 9.93
CA LEU A 161 3.76 22.67 10.81
C LEU A 161 4.16 23.07 12.21
N LEU A 162 3.27 23.78 12.90
CA LEU A 162 3.43 24.10 14.32
C LEU A 162 3.52 22.80 15.11
N SER A 163 2.79 21.79 14.67
CA SER A 163 2.92 20.44 15.20
C SER A 163 3.31 19.50 14.07
N PRO A 164 4.52 18.95 14.13
CA PRO A 164 4.91 17.87 13.23
C PRO A 164 3.99 16.66 13.38
N ARG A 165 3.82 15.91 12.28
CA ARG A 165 2.90 14.78 12.21
C ARG A 165 3.40 13.84 11.13
N PRO A 166 3.17 12.53 11.30
CA PRO A 166 3.54 11.56 10.27
C PRO A 166 3.01 11.90 8.87
N VAL A 167 3.83 11.73 7.84
CA VAL A 167 3.43 12.09 6.48
C VAL A 167 2.14 11.37 6.06
N SER A 168 1.98 10.13 6.51
CA SER A 168 0.80 9.32 6.19
C SER A 168 -0.52 10.01 6.56
N TYR A 169 -0.48 10.91 7.53
CA TYR A 169 -1.63 11.72 7.88
C TYR A 169 -2.03 12.71 6.77
N LEU A 170 -1.05 13.18 6.00
CA LEU A 170 -1.29 14.16 4.94
C LEU A 170 -1.56 13.52 3.57
N LYS A 171 -1.68 12.20 3.49
CA LYS A 171 -1.77 11.56 2.18
C LYS A 171 -3.18 11.61 1.62
N GLY A 172 -3.27 12.06 0.39
CA GLY A 172 -4.55 12.28 -0.25
C GLY A 172 -5.02 13.70 -0.08
N SER A 173 -4.19 14.55 0.53
CA SER A 173 -4.53 15.97 0.68
C SER A 173 -3.82 16.86 -0.35
N SER A 174 -3.15 16.28 -1.34
CA SER A 174 -2.56 17.10 -2.38
C SER A 174 -3.70 17.81 -3.07
N GLY A 175 -3.45 19.07 -3.42
CA GLY A 175 -4.42 19.90 -4.10
C GLY A 175 -5.34 20.66 -3.17
N GLY A 176 -5.11 20.50 -1.87
CA GLY A 176 -5.87 21.19 -0.84
C GLY A 176 -5.32 22.59 -0.58
N PRO A 177 -6.14 23.46 -0.02
CA PRO A 177 -5.72 24.83 0.16
C PRO A 177 -5.11 25.10 1.52
N LEU A 178 -4.09 25.97 1.50
CA LEU A 178 -3.63 26.72 2.66
C LEU A 178 -4.46 28.01 2.68
N LEU A 179 -5.16 28.26 3.78
CA LEU A 179 -5.93 29.48 3.91
C LEU A 179 -5.27 30.41 4.91
N CYS A 180 -5.40 31.71 4.68
CA CYS A 180 -5.06 32.70 5.70
C CYS A 180 -6.20 32.72 6.70
N PRO A 181 -6.05 33.49 7.81
CA PRO A 181 -7.13 33.47 8.82
C PRO A 181 -8.48 33.98 8.30
N SER A 182 -8.44 34.84 7.27
CA SER A 182 -9.66 35.38 6.68
C SER A 182 -10.34 34.42 5.70
N GLY A 183 -9.83 33.19 5.57
CA GLY A 183 -10.46 32.15 4.73
C GLY A 183 -10.17 32.26 3.24
N HIS A 184 -9.09 32.95 2.92
CA HIS A 184 -8.69 33.16 1.53
C HIS A 184 -7.57 32.23 1.13
N ALA A 185 -7.50 31.94 -0.17
CA ALA A 185 -6.55 30.99 -0.72
C ALA A 185 -5.13 31.56 -0.73
N VAL A 186 -4.21 30.93 0.00
CA VAL A 186 -2.79 31.30 -0.04
C VAL A 186 -2.03 30.42 -1.01
N GLY A 187 -2.45 29.18 -1.16
CA GLY A 187 -1.82 28.28 -2.11
C GLY A 187 -2.43 26.89 -2.05
N ILE A 188 -2.14 26.07 -3.05
CA ILE A 188 -2.59 24.68 -3.02
C ILE A 188 -1.42 23.79 -2.66
N PHE A 189 -1.67 22.95 -1.67
CA PHE A 189 -0.68 22.07 -1.07
C PHE A 189 -0.24 21.02 -2.08
N ARG A 190 1.08 20.84 -2.24
CA ARG A 190 1.56 19.81 -3.16
C ARG A 190 2.47 18.75 -2.55
N ALA A 191 3.33 19.10 -1.61
CA ALA A 191 4.17 18.08 -0.96
C ALA A 191 4.60 18.42 0.48
N ALA A 192 4.92 17.37 1.25
CA ALA A 192 5.43 17.46 2.63
C ALA A 192 6.95 17.40 2.63
N VAL A 193 7.58 18.15 3.52
CA VAL A 193 9.03 18.07 3.69
C VAL A 193 9.27 17.22 4.93
N CYS A 194 9.98 16.10 4.78
CA CYS A 194 10.07 15.08 5.82
C CYS A 194 11.44 14.91 6.44
N THR A 195 11.45 14.57 7.72
CA THR A 195 12.62 13.97 8.34
C THR A 195 12.24 12.60 8.82
N ARG A 196 12.85 11.58 8.27
CA ARG A 196 12.65 10.21 8.74
C ARG A 196 11.18 9.86 8.88
N GLY A 197 10.36 10.36 7.95
CA GLY A 197 8.93 10.03 7.91
C GLY A 197 7.98 10.93 8.67
N VAL A 198 8.49 12.07 9.14
CA VAL A 198 7.67 13.05 9.87
C VAL A 198 7.71 14.39 9.13
N ALA A 199 6.51 14.91 8.85
CA ALA A 199 6.36 16.17 8.12
C ALA A 199 6.57 17.30 9.08
N LYS A 200 7.59 18.11 8.82
CA LYS A 200 7.85 19.27 9.65
C LYS A 200 7.50 20.55 8.90
N ALA A 201 7.07 20.39 7.66
CA ALA A 201 6.91 21.50 6.74
C ALA A 201 6.20 21.06 5.48
N VAL A 202 5.52 22.01 4.84
CA VAL A 202 4.68 21.72 3.68
C VAL A 202 5.04 22.66 2.53
N ASP A 203 5.09 22.11 1.32
CA ASP A 203 5.37 22.91 0.14
C ASP A 203 4.07 23.06 -0.58
N PHE A 204 3.85 24.26 -1.12
CA PHE A 204 2.61 24.57 -1.82
C PHE A 204 2.85 25.42 -3.06
N VAL A 205 1.83 25.50 -3.92
CA VAL A 205 1.88 26.29 -5.12
C VAL A 205 1.28 27.63 -4.79
N PRO A 206 2.11 28.67 -4.71
CA PRO A 206 1.55 29.93 -4.24
C PRO A 206 0.52 30.45 -5.21
N VAL A 207 -0.60 30.88 -4.68
CA VAL A 207 -1.66 31.44 -5.52
C VAL A 207 -1.20 32.58 -6.48
N GLU A 208 -0.02 33.16 -6.30
CA GLU A 208 0.46 34.14 -7.31
C GLU A 208 0.88 33.44 -8.59
N SER A 209 1.63 32.35 -8.48
CA SER A 209 1.86 31.46 -9.64
C SER A 209 0.57 31.16 -10.41
N MET A 210 -0.52 30.86 -9.68
CA MET A 210 -1.84 30.66 -10.32
C MET A 210 -2.35 31.92 -10.97
N GLU A 211 -2.02 33.06 -10.39
CA GLU A 211 -2.43 34.35 -10.95
C GLU A 211 -1.72 34.63 -12.26
N THR A 212 -0.40 34.35 -12.32
CA THR A 212 0.35 34.44 -13.56
C THR A 212 -0.33 33.62 -14.64
N THR A 213 -0.48 32.33 -14.35
CA THR A 213 -1.01 31.35 -15.29
C THR A 213 -2.29 31.83 -15.91
N MET A 214 -3.23 32.31 -15.10
CA MET A 214 -4.51 32.78 -15.64
C MET A 214 -4.38 34.01 -16.54
N ARG A 215 -3.61 35.00 -16.06
CA ARG A 215 -3.24 36.17 -16.87
C ARG A 215 -2.17 35.81 -17.88
N SER A 216 -2.47 34.90 -18.82
CA SER A 216 -1.46 34.42 -19.77
C SER A 216 -2.11 33.49 -20.83
N PRO A 217 -1.41 33.26 -21.96
CA PRO A 217 -2.00 32.46 -23.03
C PRO A 217 -2.22 31.00 -22.65
N VAL A 218 -3.37 30.44 -23.07
CA VAL A 218 -3.66 29.01 -22.92
C VAL A 218 -2.87 28.18 -23.95
N PHE A 219 -2.72 28.72 -25.17
CA PHE A 219 -2.00 28.04 -26.26
C PHE A 219 -0.66 28.75 -26.53
N THR A 220 0.44 27.98 -26.58
CA THR A 220 1.79 28.48 -26.98
C THR A 220 2.30 27.73 -28.22
N ASP A 221 3.25 28.33 -28.92
CA ASP A 221 3.73 27.76 -30.17
C ASP A 221 4.71 26.59 -29.97
N ASN A 222 6.03 26.87 -29.91
CA ASN A 222 7.05 25.82 -29.79
C ASN A 222 7.11 24.80 -30.94
N SER A 223 6.33 24.99 -32.00
CA SER A 223 6.25 24.02 -33.11
C SER A 223 7.36 24.20 -34.13
N SER A 224 7.89 25.42 -34.18
CA SER A 224 8.86 25.81 -35.17
C SER A 224 10.24 25.98 -34.56
N PRO A 225 11.29 25.67 -35.34
CA PRO A 225 12.64 25.97 -34.86
C PRO A 225 12.83 27.45 -34.58
N PRO A 226 13.44 27.78 -33.44
CA PRO A 226 13.71 29.17 -33.15
C PRO A 226 14.76 29.78 -34.06
N ALA A 227 14.64 31.09 -34.28
CA ALA A 227 15.73 31.86 -34.87
C ALA A 227 16.81 31.97 -33.81
N VAL A 228 18.06 32.04 -34.23
CA VAL A 228 19.16 32.17 -33.28
C VAL A 228 19.10 33.56 -32.66
N PRO A 229 19.03 33.64 -31.32
CA PRO A 229 19.14 34.93 -30.66
C PRO A 229 20.54 35.52 -30.70
N GLN A 230 20.63 36.78 -30.29
CA GLN A 230 21.88 37.53 -30.29
C GLN A 230 22.75 37.12 -29.10
N SER A 231 22.10 36.85 -27.98
CA SER A 231 22.78 36.27 -26.84
C SER A 231 22.02 35.01 -26.39
N PHE A 232 22.54 34.37 -25.35
CA PHE A 232 22.12 33.03 -24.94
C PHE A 232 20.65 32.87 -24.60
N GLN A 233 20.07 31.79 -25.09
CA GLN A 233 18.68 31.52 -24.87
C GLN A 233 18.41 30.02 -24.96
N VAL A 234 17.59 29.52 -24.06
CA VAL A 234 17.12 28.15 -24.11
C VAL A 234 15.71 28.09 -24.68
N ALA A 235 15.60 27.67 -25.92
CA ALA A 235 14.32 27.54 -26.59
C ALA A 235 13.82 26.10 -26.50
N HIS A 236 12.50 25.92 -26.62
CA HIS A 236 11.90 24.59 -26.80
C HIS A 236 11.53 24.39 -28.21
N LEU A 237 11.45 23.13 -28.61
CA LEU A 237 10.98 22.76 -29.94
C LEU A 237 10.18 21.48 -29.82
N HIS A 238 8.87 21.59 -30.01
CA HIS A 238 7.98 20.44 -29.91
C HIS A 238 7.46 20.15 -31.29
N ALA A 239 7.98 19.13 -31.94
CA ALA A 239 7.51 18.78 -33.27
C ALA A 239 7.55 17.27 -33.50
N PRO A 240 6.63 16.77 -34.36
CA PRO A 240 6.59 15.32 -34.64
C PRO A 240 7.91 14.76 -35.17
N THR A 241 8.20 13.48 -34.87
CA THR A 241 9.26 12.77 -35.59
C THR A 241 8.80 12.71 -37.03
N GLY A 242 9.57 13.34 -37.92
CA GLY A 242 9.07 13.76 -39.22
C GLY A 242 9.52 15.18 -39.46
N SER A 243 9.31 16.06 -38.49
CA SER A 243 9.79 17.44 -38.59
C SER A 243 11.30 17.54 -38.76
N GLY A 244 11.98 16.39 -38.81
CA GLY A 244 13.42 16.35 -39.08
C GLY A 244 14.19 17.23 -38.13
N LYS A 245 13.72 17.32 -36.89
CA LYS A 245 14.35 18.16 -35.89
C LYS A 245 15.75 17.70 -35.53
N SER A 246 16.10 16.45 -35.86
CA SER A 246 17.48 15.97 -35.72
C SER A 246 18.31 16.00 -37.02
N THR A 247 17.70 16.35 -38.15
CA THR A 247 18.41 16.41 -39.44
C THR A 247 18.10 17.70 -40.25
N LYS A 248 16.83 17.91 -40.55
CA LYS A 248 16.40 19.09 -41.29
C LYS A 248 16.84 20.40 -40.59
N VAL A 249 16.44 20.59 -39.33
CA VAL A 249 16.68 21.85 -38.62
C VAL A 249 18.17 22.09 -38.33
N PRO A 250 18.94 21.05 -37.93
CA PRO A 250 20.38 21.30 -37.78
C PRO A 250 21.06 21.71 -39.08
N ALA A 251 20.60 21.17 -40.22
CA ALA A 251 21.02 21.63 -41.56
C ALA A 251 20.74 23.13 -41.76
N ALA A 252 19.45 23.50 -41.70
CA ALA A 252 19.02 24.89 -41.70
C ALA A 252 20.00 25.80 -40.97
N TYR A 253 20.27 25.52 -39.70
CA TYR A 253 21.21 26.35 -38.90
C TYR A 253 22.63 26.35 -39.49
N ALA A 254 23.02 25.23 -40.08
CA ALA A 254 24.33 25.11 -40.72
C ALA A 254 24.30 25.90 -42.02
N ALA A 255 23.24 25.74 -42.81
CA ALA A 255 23.02 26.56 -44.01
C ALA A 255 23.17 28.07 -43.71
N GLN A 256 22.70 28.52 -42.54
CA GLN A 256 22.90 29.92 -42.08
C GLN A 256 24.30 30.21 -41.51
N GLY A 257 25.23 29.28 -41.68
CA GLY A 257 26.60 29.48 -41.26
C GLY A 257 26.80 29.49 -39.76
N TYR A 258 26.32 28.45 -39.09
CA TYR A 258 26.47 28.27 -37.63
C TYR A 258 26.96 26.86 -37.31
N LYS A 259 27.80 26.72 -36.29
CA LYS A 259 28.21 25.40 -35.77
C LYS A 259 27.16 24.80 -34.82
N VAL A 260 26.51 23.69 -35.21
CA VAL A 260 25.52 23.08 -34.35
C VAL A 260 25.87 21.62 -33.93
N LEU A 261 25.75 21.34 -32.64
CA LEU A 261 25.94 20.00 -32.08
C LEU A 261 24.60 19.34 -31.78
N VAL A 262 24.41 18.10 -32.23
CA VAL A 262 23.15 17.40 -31.99
C VAL A 262 23.27 16.20 -31.06
N LEU A 263 22.83 16.38 -29.83
CA LEU A 263 22.83 15.32 -28.86
C LEU A 263 21.59 14.48 -28.97
N ASN A 264 21.78 13.17 -28.89
CA ASN A 264 20.69 12.20 -28.92
C ASN A 264 21.03 11.09 -27.94
N PRO A 265 20.03 10.46 -27.31
CA PRO A 265 20.32 9.37 -26.39
C PRO A 265 20.77 8.09 -27.10
N SER A 266 20.16 7.76 -28.23
CA SER A 266 20.42 6.49 -28.92
C SER A 266 21.71 6.56 -29.73
N VAL A 267 22.52 5.51 -29.72
CA VAL A 267 23.72 5.48 -30.56
C VAL A 267 23.35 5.09 -32.01
N ALA A 268 22.38 4.19 -32.16
CA ALA A 268 21.82 3.91 -33.48
C ALA A 268 21.19 5.18 -34.10
N ALA A 269 20.42 5.92 -33.32
CA ALA A 269 19.80 7.15 -33.83
C ALA A 269 20.86 8.16 -34.31
N THR A 270 21.96 8.29 -33.58
CA THR A 270 23.06 9.23 -33.88
C THR A 270 23.84 8.90 -35.15
N LEU A 271 24.19 7.64 -35.31
CA LEU A 271 24.87 7.19 -36.53
C LEU A 271 23.98 7.32 -37.76
N GLY A 272 22.68 7.05 -37.58
CA GLY A 272 21.71 7.06 -38.65
C GLY A 272 21.37 8.45 -39.13
N PHE A 273 21.26 9.39 -38.20
CA PHE A 273 21.05 10.80 -38.58
C PHE A 273 22.25 11.36 -39.34
N GLY A 274 23.45 10.94 -38.93
CA GLY A 274 24.69 11.32 -39.58
C GLY A 274 24.72 10.80 -40.99
N ALA A 275 24.43 9.51 -41.15
CA ALA A 275 24.49 8.84 -42.45
C ALA A 275 23.56 9.54 -43.42
N TYR A 276 22.30 9.65 -43.01
CA TYR A 276 21.27 10.36 -43.76
C TYR A 276 21.70 11.77 -44.17
N MET A 277 22.30 12.51 -43.24
CA MET A 277 22.77 13.84 -43.53
C MET A 277 23.80 13.86 -44.65
N SER A 278 24.92 13.18 -44.46
CA SER A 278 26.04 13.22 -45.43
C SER A 278 25.57 12.86 -46.83
N LYS A 279 24.75 11.81 -46.89
CA LYS A 279 24.08 11.38 -48.10
C LYS A 279 23.03 12.42 -48.49
N ALA A 280 21.78 12.22 -48.09
CA ALA A 280 20.66 13.04 -48.58
C ALA A 280 20.64 14.47 -48.00
N HIS A 281 21.70 15.24 -48.27
CA HIS A 281 21.92 16.58 -47.66
C HIS A 281 23.34 17.15 -47.90
N GLY A 282 24.32 16.29 -48.22
CA GLY A 282 25.61 16.72 -48.75
C GLY A 282 26.77 17.04 -47.81
N ILE A 283 26.50 17.21 -46.51
CA ILE A 283 27.55 17.54 -45.51
C ILE A 283 28.02 16.30 -44.71
N ASP A 284 29.31 15.97 -44.79
CA ASP A 284 29.90 14.90 -43.99
C ASP A 284 30.08 15.39 -42.55
N PRO A 285 29.18 14.96 -41.63
CA PRO A 285 29.13 15.57 -40.30
C PRO A 285 30.02 14.80 -39.34
N ASN A 286 30.61 15.49 -38.38
CA ASN A 286 31.38 14.80 -37.35
C ASN A 286 30.44 13.94 -36.52
N ILE A 287 30.86 12.72 -36.22
CA ILE A 287 30.09 11.84 -35.38
C ILE A 287 30.91 11.63 -34.15
N ARG A 288 30.27 11.61 -32.98
CA ARG A 288 30.98 11.34 -31.76
C ARG A 288 30.13 10.39 -30.93
N THR A 289 30.53 9.13 -30.93
CA THR A 289 29.88 8.07 -30.18
C THR A 289 30.99 7.15 -29.71
N GLY A 290 30.70 6.29 -28.74
CA GLY A 290 31.69 5.35 -28.20
C GLY A 290 32.13 4.33 -29.22
N VAL A 291 31.17 3.80 -29.97
CA VAL A 291 31.46 2.81 -31.02
C VAL A 291 32.09 3.42 -32.27
N ARG A 292 31.81 4.68 -32.57
CA ARG A 292 32.37 5.29 -33.77
C ARG A 292 32.55 6.82 -33.69
N THR A 293 33.80 7.28 -33.66
CA THR A 293 34.11 8.71 -33.71
C THR A 293 34.73 9.09 -35.04
N ILE A 294 34.31 10.21 -35.63
CA ILE A 294 34.81 10.65 -36.92
C ILE A 294 34.89 12.17 -37.00
N THR A 295 36.08 12.73 -37.19
CA THR A 295 36.22 14.19 -37.36
C THR A 295 36.51 14.61 -38.80
N THR A 296 35.49 15.12 -39.47
CA THR A 296 35.62 15.70 -40.79
C THR A 296 36.22 17.10 -40.67
N GLY A 297 35.71 17.89 -39.74
CA GLY A 297 35.96 19.33 -39.73
C GLY A 297 34.68 20.10 -40.01
N ALA A 298 33.60 19.38 -40.29
CA ALA A 298 32.29 19.97 -40.62
C ALA A 298 31.74 20.91 -39.54
N PRO A 299 30.72 21.70 -39.91
CA PRO A 299 30.12 22.62 -38.96
C PRO A 299 29.06 21.93 -38.08
N VAL A 300 28.45 20.85 -38.57
CA VAL A 300 27.55 19.97 -37.80
C VAL A 300 28.31 18.82 -37.12
N THR A 301 28.09 18.63 -35.81
CA THR A 301 28.53 17.42 -35.11
C THR A 301 27.32 16.68 -34.56
N TYR A 302 27.28 15.36 -34.71
CA TYR A 302 26.24 14.56 -34.06
C TYR A 302 26.89 13.84 -32.92
N SER A 303 26.17 13.65 -31.82
CA SER A 303 26.75 12.95 -30.67
C SER A 303 25.67 12.34 -29.76
N THR A 304 26.01 11.26 -29.06
CA THR A 304 25.15 10.88 -27.96
C THR A 304 25.45 11.73 -26.72
N TYR A 305 24.57 11.65 -25.73
CA TYR A 305 24.82 12.31 -24.47
C TYR A 305 26.01 11.66 -23.75
N GLY A 306 26.17 10.35 -23.91
CA GLY A 306 27.22 9.63 -23.22
C GLY A 306 28.63 10.05 -23.58
N LYS A 307 28.86 10.16 -24.89
CA LYS A 307 30.14 10.59 -25.41
C LYS A 307 30.40 12.05 -25.03
N PHE A 308 29.40 12.90 -25.22
CA PHE A 308 29.48 14.29 -24.77
C PHE A 308 29.97 14.35 -23.35
N LEU A 309 29.34 13.58 -22.48
CA LEU A 309 29.70 13.56 -21.05
C LEU A 309 31.07 12.96 -20.88
N ALA A 310 31.37 11.90 -21.64
CA ALA A 310 32.71 11.33 -21.66
C ALA A 310 33.78 12.30 -22.16
N ASP A 311 33.43 13.23 -23.04
CA ASP A 311 34.39 14.22 -23.55
C ASP A 311 34.54 15.43 -22.65
N GLY A 312 33.80 15.42 -21.53
CA GLY A 312 33.84 16.52 -20.57
C GLY A 312 32.84 17.64 -20.86
N GLY A 313 31.88 17.38 -21.73
CA GLY A 313 30.87 18.37 -22.05
C GLY A 313 31.35 19.43 -23.02
N CYS A 314 30.98 20.68 -22.74
CA CYS A 314 31.23 21.78 -23.67
C CYS A 314 32.68 22.26 -23.63
N SER A 315 33.35 22.18 -24.77
CA SER A 315 34.68 22.75 -24.95
C SER A 315 34.54 24.15 -25.56
N GLY A 316 34.90 25.17 -24.79
CA GLY A 316 34.78 26.57 -25.22
C GLY A 316 35.05 26.87 -26.71
N GLY A 317 34.20 27.73 -27.29
CA GLY A 317 34.28 28.06 -28.71
C GLY A 317 33.59 27.06 -29.65
N ALA A 318 33.58 25.78 -29.27
CA ALA A 318 33.14 24.68 -30.12
C ALA A 318 31.87 24.97 -30.93
N TYR A 319 30.73 25.15 -30.27
CA TYR A 319 29.45 25.26 -30.99
C TYR A 319 28.67 26.52 -30.63
N ASP A 320 27.70 26.85 -31.50
CA ASP A 320 26.83 27.99 -31.29
C ASP A 320 25.47 27.52 -30.85
N ILE A 321 24.94 26.53 -31.57
CA ILE A 321 23.68 25.93 -31.25
C ILE A 321 23.93 24.53 -30.72
N ILE A 322 23.19 24.15 -29.69
CA ILE A 322 23.15 22.77 -29.23
C ILE A 322 21.73 22.26 -29.26
N ILE A 323 21.45 21.20 -30.00
CA ILE A 323 20.10 20.64 -29.97
C ILE A 323 20.09 19.39 -29.13
N CYS A 324 19.37 19.45 -28.01
CA CYS A 324 19.09 18.26 -27.22
C CYS A 324 17.84 17.54 -27.67
N ASP A 325 17.95 16.65 -28.65
CA ASP A 325 16.79 15.87 -29.04
C ASP A 325 16.51 14.80 -27.97
N GLU A 326 15.23 14.44 -27.85
CA GLU A 326 14.73 13.54 -26.80
C GLU A 326 14.88 14.08 -25.40
N CYS A 327 14.65 15.37 -25.18
CA CYS A 327 14.80 15.86 -23.84
C CYS A 327 13.84 15.17 -22.86
N HIS A 328 12.70 14.71 -23.39
CA HIS A 328 11.75 13.91 -22.63
C HIS A 328 12.33 12.64 -22.01
N SER A 329 13.42 12.11 -22.58
CA SER A 329 14.09 10.95 -21.99
C SER A 329 14.47 11.26 -20.59
N THR A 330 14.34 10.26 -19.72
CA THR A 330 14.72 10.42 -18.35
C THR A 330 15.63 9.30 -17.95
N ASP A 331 16.45 8.83 -18.89
CA ASP A 331 17.65 8.06 -18.54
C ASP A 331 18.67 9.01 -17.88
N SER A 332 19.38 8.50 -16.90
CA SER A 332 20.34 9.27 -16.16
C SER A 332 21.31 10.01 -17.08
N THR A 333 21.68 9.36 -18.16
CA THR A 333 22.63 9.94 -19.12
C THR A 333 22.05 11.17 -19.85
N THR A 334 20.78 11.10 -20.24
CA THR A 334 20.15 12.22 -20.94
C THR A 334 19.92 13.37 -19.96
N ILE A 335 19.62 13.03 -18.72
CA ILE A 335 19.42 14.04 -17.68
C ILE A 335 20.75 14.69 -17.30
N LEU A 336 21.80 13.91 -17.18
CA LEU A 336 23.10 14.46 -16.82
C LEU A 336 23.62 15.29 -18.01
N GLY A 337 23.43 14.76 -19.23
CA GLY A 337 23.90 15.43 -20.44
C GLY A 337 23.28 16.79 -20.65
N ILE A 338 21.97 16.86 -20.54
CA ILE A 338 21.25 18.11 -20.73
C ILE A 338 21.59 19.06 -19.59
N GLY A 339 21.70 18.51 -18.38
CA GLY A 339 22.18 19.27 -17.26
C GLY A 339 23.50 19.94 -17.59
N THR A 340 24.49 19.18 -18.09
CA THR A 340 25.77 19.78 -18.46
C THR A 340 25.57 20.85 -19.52
N VAL A 341 24.87 20.55 -20.62
CA VAL A 341 24.67 21.57 -21.65
C VAL A 341 24.14 22.84 -20.99
N LEU A 342 23.06 22.75 -20.22
CA LEU A 342 22.47 23.95 -19.59
C LEU A 342 23.41 24.57 -18.56
N ASP A 343 24.22 23.75 -17.92
CA ASP A 343 25.16 24.31 -17.00
C ASP A 343 26.34 25.00 -17.68
N GLN A 344 26.76 24.54 -18.84
CA GLN A 344 28.02 24.97 -19.43
C GLN A 344 27.89 25.76 -20.73
N ALA A 345 26.74 25.68 -21.39
CA ALA A 345 26.66 26.10 -22.79
C ALA A 345 26.89 27.60 -22.98
N GLU A 346 26.39 28.41 -22.05
CA GLU A 346 26.54 29.86 -22.17
C GLU A 346 28.00 30.31 -21.96
N THR A 347 28.66 29.78 -20.93
CA THR A 347 30.05 30.10 -20.73
C THR A 347 30.96 29.53 -21.80
N ALA A 348 30.50 28.52 -22.55
CA ALA A 348 31.26 27.99 -23.67
C ALA A 348 30.90 28.73 -24.97
N GLY A 349 30.26 29.89 -24.83
CA GLY A 349 29.97 30.75 -25.98
C GLY A 349 28.92 30.27 -26.97
N ALA A 350 28.02 29.37 -26.56
CA ALA A 350 26.88 29.00 -27.41
C ALA A 350 25.79 30.10 -27.33
N ARG A 351 24.93 30.17 -28.32
CA ARG A 351 23.92 31.21 -28.41
C ARG A 351 22.52 30.66 -28.26
N LEU A 352 22.35 29.36 -28.41
CA LEU A 352 21.02 28.77 -28.46
C LEU A 352 21.01 27.26 -28.12
N VAL A 353 20.33 26.90 -27.04
CA VAL A 353 20.07 25.51 -26.74
C VAL A 353 18.63 25.23 -27.07
N VAL A 354 18.38 24.34 -28.03
CA VAL A 354 17.03 23.85 -28.34
C VAL A 354 16.73 22.52 -27.60
N LEU A 355 15.76 22.52 -26.69
CA LEU A 355 15.31 21.29 -26.06
C LEU A 355 14.22 20.71 -26.94
N ALA A 356 14.50 19.59 -27.58
CA ALA A 356 13.68 19.11 -28.69
C ALA A 356 13.01 17.77 -28.39
N THR A 357 11.74 17.65 -28.74
CA THR A 357 10.97 16.48 -28.35
C THR A 357 9.60 16.43 -29.03
N ALA A 358 9.11 15.21 -29.25
CA ALA A 358 7.78 15.01 -29.84
C ALA A 358 6.73 15.15 -28.76
N THR A 359 7.12 14.85 -27.53
CA THR A 359 6.18 14.58 -26.47
C THR A 359 6.68 15.23 -25.17
N PRO A 360 6.50 16.55 -25.05
CA PRO A 360 6.90 17.26 -23.83
C PRO A 360 6.07 16.87 -22.60
N PRO A 361 6.60 17.14 -21.40
CA PRO A 361 5.83 16.86 -20.19
C PRO A 361 4.41 17.44 -20.28
N GLY A 362 3.39 16.63 -20.03
CA GLY A 362 2.02 17.06 -20.18
C GLY A 362 1.35 16.47 -21.40
N SER A 363 2.11 16.10 -22.41
CA SER A 363 1.54 15.70 -23.70
C SER A 363 0.74 14.42 -23.58
N VAL A 364 -0.32 14.31 -24.39
CA VAL A 364 -1.29 13.22 -24.35
C VAL A 364 -1.24 12.47 -25.67
N THR A 365 -1.66 11.20 -25.69
CA THR A 365 -1.65 10.40 -26.93
C THR A 365 -2.94 10.59 -27.73
N VAL A 366 -2.90 11.57 -28.64
CA VAL A 366 -3.92 11.74 -29.69
C VAL A 366 -3.79 10.62 -30.75
N PRO A 367 -4.81 10.44 -31.60
CA PRO A 367 -4.70 9.37 -32.61
C PRO A 367 -3.68 9.67 -33.73
N HIS A 368 -3.68 8.84 -34.77
CA HIS A 368 -2.77 9.00 -35.92
C HIS A 368 -3.57 8.93 -37.25
N PRO A 369 -3.16 9.72 -38.27
CA PRO A 369 -3.72 9.46 -39.61
C PRO A 369 -3.46 8.04 -40.10
N ASN A 370 -2.27 7.51 -39.80
CA ASN A 370 -1.73 6.31 -40.43
C ASN A 370 -1.82 5.04 -39.62
N ILE A 371 -2.33 5.11 -38.38
CA ILE A 371 -2.30 3.92 -37.49
C ILE A 371 -3.65 3.57 -36.90
N GLU A 372 -4.25 2.51 -37.42
CA GLU A 372 -5.44 1.96 -36.80
C GLU A 372 -5.01 1.22 -35.54
N GLU A 373 -5.70 1.51 -34.44
CA GLU A 373 -5.36 0.97 -33.12
C GLU A 373 -6.48 0.02 -32.69
N VAL A 374 -6.10 -1.18 -32.26
CA VAL A 374 -7.08 -2.24 -32.02
C VAL A 374 -6.87 -3.02 -30.74
N ALA A 375 -7.85 -2.90 -29.85
CA ALA A 375 -7.91 -3.64 -28.61
C ALA A 375 -7.63 -5.11 -28.86
N LEU A 376 -6.54 -5.59 -28.29
CA LEU A 376 -6.27 -7.03 -28.19
C LEU A 376 -7.46 -7.57 -27.42
N SER A 377 -7.60 -8.89 -27.38
CA SER A 377 -8.74 -9.51 -26.69
C SER A 377 -8.46 -10.96 -26.34
N ASN A 378 -9.47 -11.60 -25.74
CA ASN A 378 -9.29 -12.93 -25.16
C ASN A 378 -9.25 -14.06 -26.17
N THR A 379 -10.07 -13.99 -27.22
CA THR A 379 -10.11 -15.07 -28.20
C THR A 379 -8.89 -14.97 -29.13
N GLY A 380 -7.98 -15.92 -29.00
CA GLY A 380 -6.72 -15.87 -29.73
C GLY A 380 -5.86 -17.05 -29.37
N GLU A 381 -4.99 -17.43 -30.31
CA GLU A 381 -4.18 -18.62 -30.19
C GLU A 381 -2.98 -18.41 -29.24
N ILE A 382 -2.54 -17.16 -29.06
CA ILE A 382 -1.37 -16.87 -28.20
C ILE A 382 -1.73 -16.03 -26.97
N PRO A 383 -1.54 -16.60 -25.76
CA PRO A 383 -1.75 -15.77 -24.57
C PRO A 383 -0.76 -14.62 -24.50
N PHE A 384 -1.26 -13.44 -24.11
CA PHE A 384 -0.45 -12.24 -24.02
C PHE A 384 -0.98 -11.28 -22.96
N TYR A 385 -0.33 -11.31 -21.80
CA TYR A 385 -0.68 -10.46 -20.66
C TYR A 385 -2.17 -10.40 -20.36
N GLY A 386 -2.79 -11.56 -20.26
CA GLY A 386 -4.17 -11.63 -19.83
C GLY A 386 -5.09 -11.82 -21.00
N LYS A 387 -4.79 -11.14 -22.10
CA LYS A 387 -5.52 -11.27 -23.35
C LYS A 387 -4.78 -12.25 -24.23
N ALA A 388 -5.25 -12.42 -25.46
CA ALA A 388 -4.55 -13.25 -26.44
C ALA A 388 -4.27 -12.49 -27.75
N ILE A 389 -3.23 -12.94 -28.45
CA ILE A 389 -2.92 -12.47 -29.80
C ILE A 389 -3.24 -13.61 -30.78
N PRO A 390 -4.16 -13.36 -31.73
CA PRO A 390 -4.47 -14.33 -32.79
C PRO A 390 -3.38 -14.38 -33.85
N ILE A 391 -3.04 -15.60 -34.33
CA ILE A 391 -1.89 -15.81 -35.23
C ILE A 391 -2.06 -15.09 -36.58
N GLU A 392 -3.22 -15.26 -37.20
CA GLU A 392 -3.50 -14.57 -38.46
C GLU A 392 -2.97 -13.13 -38.45
N ALA A 393 -3.13 -12.45 -37.30
CA ALA A 393 -2.63 -11.08 -37.12
C ALA A 393 -1.13 -10.89 -37.41
N ILE A 394 -0.36 -11.96 -37.32
CA ILE A 394 1.08 -11.84 -37.40
C ILE A 394 1.80 -12.97 -38.18
N ARG A 395 1.04 -13.84 -38.85
CA ARG A 395 1.63 -15.01 -39.55
C ARG A 395 2.59 -14.60 -40.66
N GLY A 396 2.26 -13.52 -41.36
CA GLY A 396 3.11 -12.99 -42.43
C GLY A 396 3.48 -11.53 -42.22
N GLY A 397 4.72 -11.21 -42.53
CA GLY A 397 5.19 -9.82 -42.53
C GLY A 397 6.18 -9.51 -41.43
N ARG A 398 6.15 -8.25 -40.98
CA ARG A 398 7.10 -7.72 -40.00
C ARG A 398 6.38 -7.10 -38.81
N HIS A 399 6.66 -7.63 -37.62
CA HIS A 399 5.93 -7.26 -36.41
C HIS A 399 6.83 -7.12 -35.18
N LEU A 400 6.53 -6.10 -34.38
CA LEU A 400 7.20 -5.90 -33.10
C LEU A 400 6.21 -6.13 -31.96
N ILE A 401 6.52 -7.10 -31.13
CA ILE A 401 5.76 -7.37 -29.93
C ILE A 401 6.58 -6.88 -28.74
N PHE A 402 6.08 -5.89 -28.03
CA PHE A 402 6.77 -5.36 -26.86
C PHE A 402 6.43 -6.14 -25.60
N CYS A 403 7.43 -6.32 -24.73
CA CYS A 403 7.24 -7.04 -23.48
C CYS A 403 7.97 -6.36 -22.34
N HIS A 404 7.34 -6.40 -21.17
CA HIS A 404 7.85 -5.66 -20.02
C HIS A 404 9.22 -6.18 -19.58
N SER A 405 9.53 -7.44 -19.87
CA SER A 405 10.78 -8.05 -19.40
C SER A 405 11.39 -9.09 -20.34
N LYS A 406 12.71 -9.20 -20.24
CA LYS A 406 13.53 -10.20 -20.96
C LYS A 406 13.00 -11.63 -20.84
N LYS A 407 12.56 -12.01 -19.65
CA LYS A 407 12.00 -13.35 -19.43
C LYS A 407 10.81 -13.59 -20.35
N LYS A 408 9.88 -12.65 -20.40
CA LYS A 408 8.66 -12.82 -21.19
C LYS A 408 8.96 -12.80 -22.69
N CYS A 409 10.04 -12.13 -23.07
CA CYS A 409 10.47 -12.10 -24.45
C CYS A 409 10.88 -13.49 -24.87
N ASP A 410 11.83 -14.07 -24.13
CA ASP A 410 12.31 -15.44 -24.37
C ASP A 410 11.16 -16.43 -24.43
N GLU A 411 10.35 -16.41 -23.37
CA GLU A 411 9.21 -17.30 -23.27
C GLU A 411 8.31 -17.16 -24.49
N LEU A 412 7.96 -15.92 -24.85
CA LEU A 412 7.10 -15.69 -26.02
C LEU A 412 7.77 -15.96 -27.36
N ALA A 413 9.10 -15.89 -27.41
CA ALA A 413 9.84 -16.28 -28.61
C ALA A 413 9.64 -17.77 -28.84
N ALA A 414 10.03 -18.55 -27.83
CA ALA A 414 9.86 -20.01 -27.83
C ALA A 414 8.48 -20.46 -28.31
N LYS A 415 7.44 -19.77 -27.85
CA LYS A 415 6.06 -20.13 -28.21
C LYS A 415 5.80 -19.83 -29.68
N LEU A 416 6.37 -18.75 -30.20
CA LEU A 416 6.10 -18.34 -31.60
C LEU A 416 6.90 -19.13 -32.62
N SER A 417 8.03 -19.67 -32.18
CA SER A 417 8.83 -20.61 -32.98
C SER A 417 8.34 -22.08 -32.84
N GLY A 418 7.23 -22.27 -32.12
CA GLY A 418 6.50 -23.53 -32.12
C GLY A 418 5.47 -23.47 -33.22
N LEU A 419 4.65 -22.42 -33.19
CA LEU A 419 3.69 -22.17 -34.26
C LEU A 419 4.40 -21.71 -35.55
N GLY A 420 5.73 -21.79 -35.53
CA GLY A 420 6.55 -21.70 -36.72
C GLY A 420 6.54 -20.32 -37.37
N ILE A 421 6.60 -19.27 -36.55
CA ILE A 421 6.88 -17.92 -37.07
C ILE A 421 8.33 -17.59 -36.78
N ASN A 422 9.00 -16.99 -37.76
CA ASN A 422 10.36 -16.55 -37.56
C ASN A 422 10.29 -15.40 -36.60
N ALA A 423 10.71 -15.64 -35.36
CA ALA A 423 10.57 -14.65 -34.28
C ALA A 423 11.83 -14.60 -33.44
N VAL A 424 12.52 -13.47 -33.45
CA VAL A 424 13.63 -13.26 -32.51
C VAL A 424 13.16 -12.55 -31.24
N ALA A 425 13.94 -12.70 -30.18
CA ALA A 425 13.80 -11.87 -29.00
C ALA A 425 15.01 -10.95 -29.00
N TYR A 426 14.76 -9.68 -28.74
CA TYR A 426 15.84 -8.73 -28.54
C TYR A 426 15.67 -8.14 -27.16
N TYR A 427 16.79 -7.73 -26.56
CA TYR A 427 16.77 -6.99 -25.31
C TYR A 427 18.17 -6.56 -24.94
N ARG A 428 18.28 -5.83 -23.82
CA ARG A 428 19.58 -5.39 -23.32
C ARG A 428 20.49 -6.61 -23.15
N GLY A 429 21.71 -6.48 -23.65
CA GLY A 429 22.68 -7.58 -23.70
C GLY A 429 22.88 -8.07 -25.11
N LEU A 430 21.78 -8.38 -25.79
CA LEU A 430 21.84 -8.97 -27.13
C LEU A 430 22.30 -7.96 -28.18
N ASP A 431 22.63 -8.46 -29.36
CA ASP A 431 23.17 -7.64 -30.43
C ASP A 431 22.08 -7.24 -31.44
N VAL A 432 22.15 -5.99 -31.89
CA VAL A 432 21.14 -5.40 -32.78
C VAL A 432 20.90 -6.19 -34.06
N SER A 433 21.97 -6.75 -34.63
CA SER A 433 21.87 -7.46 -35.91
C SER A 433 21.32 -8.88 -35.76
N VAL A 434 20.94 -9.29 -34.55
CA VAL A 434 20.19 -10.54 -34.37
C VAL A 434 18.77 -10.40 -34.92
N ILE A 435 18.52 -9.31 -35.67
CA ILE A 435 17.24 -9.08 -36.30
C ILE A 435 17.43 -9.03 -37.81
N PRO A 436 16.65 -9.81 -38.57
CA PRO A 436 16.64 -9.69 -40.03
C PRO A 436 16.11 -8.32 -40.49
N THR A 437 16.70 -7.77 -41.55
CA THR A 437 16.48 -6.36 -41.90
C THR A 437 15.34 -5.94 -42.86
N ILE A 438 14.86 -6.71 -43.86
CA ILE A 438 15.16 -8.08 -44.28
C ILE A 438 14.05 -9.12 -44.46
N GLY A 439 14.14 -10.31 -43.88
CA GLY A 439 13.17 -11.38 -44.19
C GLY A 439 11.74 -11.16 -43.68
N ASP A 440 11.04 -12.27 -43.46
CA ASP A 440 9.83 -12.28 -42.63
C ASP A 440 10.28 -12.32 -41.18
N VAL A 441 9.61 -11.57 -40.30
CA VAL A 441 9.99 -11.59 -38.88
C VAL A 441 8.92 -11.02 -37.93
N VAL A 442 8.92 -11.56 -36.72
CA VAL A 442 8.10 -11.08 -35.60
C VAL A 442 9.04 -10.84 -34.40
N VAL A 443 9.53 -9.62 -34.24
CA VAL A 443 10.48 -9.31 -33.17
C VAL A 443 9.78 -9.14 -31.80
N VAL A 444 10.29 -9.80 -30.77
CA VAL A 444 9.73 -9.70 -29.42
C VAL A 444 10.72 -8.92 -28.50
N ALA A 445 10.49 -7.62 -28.35
CA ALA A 445 11.50 -6.72 -27.74
C ALA A 445 11.06 -6.11 -26.39
N THR A 446 12.04 -5.70 -25.59
CA THR A 446 11.80 -4.78 -24.48
C THR A 446 12.02 -3.39 -25.05
N ASP A 447 11.99 -2.36 -24.20
CA ASP A 447 12.22 -0.97 -24.65
C ASP A 447 13.65 -0.73 -25.14
N ALA A 448 14.57 -1.61 -24.76
CA ALA A 448 15.93 -1.61 -25.29
C ALA A 448 15.96 -1.47 -26.82
N LEU A 449 14.94 -2.04 -27.46
CA LEU A 449 14.74 -1.91 -28.89
C LEU A 449 14.85 -0.46 -29.35
N MET A 450 14.28 0.45 -28.60
CA MET A 450 14.13 1.80 -29.10
C MET A 450 15.41 2.65 -29.06
N THR A 451 16.50 2.12 -28.53
CA THR A 451 17.83 2.73 -28.68
C THR A 451 18.76 1.92 -29.58
N GLY A 452 18.71 0.59 -29.45
CA GLY A 452 19.53 -0.28 -30.28
C GLY A 452 19.20 -0.23 -31.76
N TYR A 453 17.91 -0.28 -32.09
CA TYR A 453 17.44 -0.51 -33.46
C TYR A 453 16.59 0.67 -33.97
N THR A 454 16.71 1.02 -35.25
CA THR A 454 15.99 2.19 -35.81
C THR A 454 14.87 1.86 -36.82
N GLY A 455 14.71 0.60 -37.18
CA GLY A 455 13.71 0.20 -38.15
C GLY A 455 12.28 0.31 -37.66
N ASP A 456 11.33 0.17 -38.58
CA ASP A 456 9.90 0.26 -38.26
C ASP A 456 9.21 -1.04 -38.70
N PHE A 457 7.90 -1.12 -38.52
CA PHE A 457 7.14 -2.38 -38.69
C PHE A 457 5.71 -2.15 -39.20
N ASP A 458 5.06 -3.25 -39.58
CA ASP A 458 3.71 -3.19 -40.12
C ASP A 458 2.71 -3.07 -38.98
N SER A 459 2.93 -3.87 -37.93
CA SER A 459 2.12 -3.81 -36.72
C SER A 459 2.98 -3.95 -35.46
N VAL A 460 2.54 -3.27 -34.40
CA VAL A 460 3.22 -3.29 -33.13
C VAL A 460 2.21 -3.74 -32.09
N ILE A 461 2.58 -4.76 -31.33
CA ILE A 461 1.76 -5.20 -30.19
C ILE A 461 2.42 -4.76 -28.88
N ASP A 462 1.64 -4.11 -28.02
CA ASP A 462 2.12 -3.48 -26.79
C ASP A 462 1.37 -4.07 -25.59
N CYS A 463 2.11 -4.61 -24.62
CA CYS A 463 1.52 -5.02 -23.36
C CYS A 463 1.26 -3.84 -22.43
N ASN A 464 1.72 -2.66 -22.82
CA ASN A 464 1.35 -1.39 -22.18
C ASN A 464 1.82 -1.22 -20.71
N THR A 465 2.80 -2.00 -20.30
CA THR A 465 3.36 -1.91 -18.97
C THR A 465 4.87 -1.84 -19.10
N CYS A 466 5.55 -1.15 -18.19
CA CYS A 466 7.01 -1.21 -18.14
C CYS A 466 7.55 -1.39 -16.75
N VAL A 467 8.87 -1.50 -16.71
CA VAL A 467 9.62 -1.74 -15.49
C VAL A 467 10.31 -0.45 -15.02
N THR A 468 9.93 0.02 -13.84
CA THR A 468 10.61 1.14 -13.22
C THR A 468 11.46 0.72 -12.03
N GLN A 469 12.18 1.70 -11.49
CA GLN A 469 12.84 1.56 -10.22
C GLN A 469 12.34 2.65 -9.36
N THR A 470 12.04 2.34 -8.11
CA THR A 470 11.62 3.39 -7.24
C THR A 470 12.55 3.31 -6.07
N VAL A 471 12.73 4.41 -5.37
CA VAL A 471 13.49 4.38 -4.17
C VAL A 471 12.51 4.51 -3.06
N ASP A 472 12.59 3.64 -2.08
CA ASP A 472 11.81 3.79 -0.86
C ASP A 472 12.72 4.15 0.29
N PHE A 473 12.46 5.26 0.96
CA PHE A 473 13.24 5.61 2.15
C PHE A 473 12.83 4.80 3.40
N SER A 474 13.07 3.49 3.36
CA SER A 474 12.47 2.56 4.29
C SER A 474 13.16 2.50 5.66
N LEU A 475 14.29 3.19 5.81
CA LEU A 475 15.08 3.19 7.05
C LEU A 475 15.36 1.79 7.64
N ASP A 476 15.67 0.84 6.76
CA ASP A 476 15.72 -0.57 7.10
C ASP A 476 17.00 -1.21 6.58
N PRO A 477 18.16 -0.60 6.78
CA PRO A 477 18.52 0.54 7.60
C PRO A 477 18.51 1.89 6.90
N THR A 478 18.58 1.93 5.58
CA THR A 478 18.69 3.20 4.90
C THR A 478 17.63 3.37 3.82
N PHE A 479 17.90 2.95 2.60
CA PHE A 479 16.87 3.06 1.57
C PHE A 479 16.85 1.85 0.69
N THR A 480 15.81 1.74 -0.09
CA THR A 480 15.65 0.58 -0.96
C THR A 480 15.48 1.07 -2.38
N ILE A 481 16.12 0.42 -3.34
CA ILE A 481 15.73 0.60 -4.73
C ILE A 481 15.01 -0.67 -5.14
N GLU A 482 13.69 -0.60 -5.29
CA GLU A 482 12.89 -1.70 -5.82
C GLU A 482 12.71 -1.53 -7.32
N THR A 483 12.73 -2.65 -8.05
CA THR A 483 12.37 -2.65 -9.48
C THR A 483 10.95 -3.14 -9.56
N THR A 484 10.04 -2.30 -10.04
CA THR A 484 8.65 -2.71 -10.14
C THR A 484 8.16 -2.66 -11.58
N THR A 485 7.03 -3.36 -11.81
CA THR A 485 6.27 -3.27 -13.05
C THR A 485 5.13 -2.30 -12.89
N VAL A 486 4.97 -1.38 -13.85
CA VAL A 486 3.94 -0.36 -13.74
C VAL A 486 3.31 -0.02 -15.07
N PRO A 487 2.06 0.52 -15.04
CA PRO A 487 1.42 1.05 -16.24
C PRO A 487 2.30 2.01 -17.03
N GLN A 488 2.26 1.94 -18.34
CA GLN A 488 3.11 2.82 -19.17
C GLN A 488 2.61 4.26 -19.18
N ASP A 489 3.53 5.21 -19.34
CA ASP A 489 3.18 6.61 -19.43
C ASP A 489 2.96 6.98 -20.89
N ALA A 490 2.47 8.19 -21.14
CA ALA A 490 2.12 8.63 -22.49
C ALA A 490 3.29 8.56 -23.46
N VAL A 491 4.47 8.99 -23.02
CA VAL A 491 5.67 8.98 -23.87
C VAL A 491 5.92 7.57 -24.37
N SER A 492 5.98 6.64 -23.42
CA SER A 492 6.15 5.22 -23.72
C SER A 492 5.19 4.75 -24.79
N ARG A 493 3.90 4.96 -24.57
CA ARG A 493 2.90 4.51 -25.51
C ARG A 493 3.25 5.06 -26.87
N SER A 494 3.39 6.38 -26.93
CA SER A 494 3.76 7.09 -28.15
C SER A 494 5.04 6.58 -28.84
N GLN A 495 6.14 6.37 -28.11
CA GLN A 495 7.34 5.76 -28.74
C GLN A 495 7.02 4.37 -29.32
N ARG A 496 6.44 3.49 -28.50
CA ARG A 496 6.13 2.11 -28.90
C ARG A 496 5.20 2.01 -30.10
N ARG A 497 4.15 2.82 -30.10
CA ARG A 497 3.25 2.92 -31.24
C ARG A 497 3.97 3.61 -32.40
N GLY A 498 4.88 4.52 -32.09
CA GLY A 498 5.67 5.20 -33.10
C GLY A 498 6.47 4.31 -34.02
N ARG A 499 6.75 3.07 -33.62
CA ARG A 499 7.47 2.12 -34.47
C ARG A 499 6.60 1.50 -35.59
N THR A 500 5.49 2.16 -35.93
CA THR A 500 4.69 1.82 -37.11
C THR A 500 4.00 3.06 -37.65
N GLY A 501 3.37 2.92 -38.81
CA GLY A 501 2.62 4.03 -39.42
C GLY A 501 3.47 5.12 -40.04
N ARG A 502 4.73 4.82 -40.30
CA ARG A 502 5.63 5.77 -40.96
C ARG A 502 5.49 5.69 -42.50
N GLY A 503 4.83 6.67 -43.09
CA GLY A 503 4.65 6.74 -44.54
C GLY A 503 3.93 5.52 -45.09
N ARG A 504 2.98 5.00 -44.31
CA ARG A 504 2.17 3.86 -44.71
C ARG A 504 1.14 3.48 -43.66
N ARG A 505 0.33 2.45 -43.96
CA ARG A 505 -0.64 1.92 -43.00
C ARG A 505 0.15 1.32 -41.85
N GLY A 506 -0.51 1.15 -40.72
CA GLY A 506 0.09 0.46 -39.57
C GLY A 506 -0.96 0.08 -38.53
N ILE A 507 -0.87 -1.12 -38.00
CA ILE A 507 -1.84 -1.56 -36.99
C ILE A 507 -1.21 -1.46 -35.61
N TYR A 508 -1.94 -0.91 -34.63
CA TYR A 508 -1.47 -0.87 -33.25
C TYR A 508 -2.35 -1.70 -32.31
N ARG A 509 -1.83 -2.83 -31.84
CA ARG A 509 -2.61 -3.67 -30.96
C ARG A 509 -2.13 -3.50 -29.54
N PHE A 510 -3.07 -3.38 -28.61
CA PHE A 510 -2.70 -3.06 -27.24
C PHE A 510 -3.54 -3.80 -26.19
N VAL A 511 -2.88 -4.19 -25.11
CA VAL A 511 -3.53 -4.94 -24.04
C VAL A 511 -4.42 -4.07 -23.16
N THR A 512 -4.10 -2.78 -23.02
CA THR A 512 -4.82 -1.86 -22.12
C THR A 512 -4.87 -0.41 -22.63
N PRO A 513 -6.06 0.19 -22.66
CA PRO A 513 -6.10 1.59 -23.03
C PRO A 513 -5.63 2.42 -21.87
N GLY A 514 -5.25 3.66 -22.15
CA GLY A 514 -4.88 4.58 -21.08
C GLY A 514 -3.41 4.54 -20.74
N GLU A 515 -2.95 5.67 -20.20
CA GLU A 515 -1.58 5.90 -19.82
C GLU A 515 -1.60 6.54 -18.45
N ARG A 516 -0.50 6.44 -17.72
CA ARG A 516 -0.27 7.36 -16.62
C ARG A 516 0.41 8.63 -17.23
N PRO A 517 0.56 9.69 -16.42
CA PRO A 517 1.05 10.95 -16.99
C PRO A 517 2.57 10.98 -17.22
N SER A 518 2.97 11.70 -18.27
CA SER A 518 4.36 11.84 -18.64
C SER A 518 4.96 13.03 -17.93
N GLY A 519 6.30 13.07 -17.88
CA GLY A 519 7.07 14.25 -17.45
C GLY A 519 7.50 14.24 -16.00
N MET A 520 7.34 13.10 -15.33
CA MET A 520 7.77 12.94 -13.95
C MET A 520 8.71 11.76 -13.85
N PHE A 521 9.81 11.90 -13.12
CA PHE A 521 10.62 10.72 -12.87
C PHE A 521 10.97 10.56 -11.39
N ASP A 522 11.29 9.33 -11.04
CA ASP A 522 11.55 8.98 -9.67
C ASP A 522 12.93 9.47 -9.16
N SER A 523 12.99 9.68 -7.84
CA SER A 523 14.21 10.00 -7.10
C SER A 523 15.38 9.03 -7.36
N SER A 524 15.06 7.78 -7.69
CA SER A 524 16.04 6.78 -8.10
C SER A 524 16.80 7.18 -9.35
N VAL A 525 16.19 8.01 -10.20
CA VAL A 525 16.85 8.34 -11.45
C VAL A 525 17.95 9.31 -11.13
N LEU A 526 17.73 10.17 -10.14
CA LEU A 526 18.79 11.07 -9.67
C LEU A 526 19.92 10.29 -9.06
N CYS A 527 19.54 9.27 -8.32
CA CYS A 527 20.49 8.36 -7.75
C CYS A 527 21.37 7.76 -8.85
N GLU A 528 20.75 7.30 -9.94
CA GLU A 528 21.48 6.79 -11.10
C GLU A 528 22.45 7.84 -11.68
N CYS A 529 22.04 9.09 -11.68
CA CYS A 529 22.87 10.16 -12.14
C CYS A 529 24.16 10.34 -11.34
N TYR A 530 24.08 10.29 -10.02
CA TYR A 530 25.29 10.41 -9.22
C TYR A 530 26.16 9.17 -9.45
N ASP A 531 25.47 8.03 -9.60
CA ASP A 531 26.12 6.76 -9.76
C ASP A 531 26.93 6.75 -11.05
N ALA A 532 26.38 7.31 -12.12
CA ALA A 532 27.06 7.41 -13.42
C ALA A 532 28.19 8.40 -13.32
N GLY A 533 27.88 9.57 -12.77
CA GLY A 533 28.91 10.54 -12.35
C GLY A 533 30.15 9.88 -11.80
N CYS A 534 30.00 9.12 -10.71
CA CYS A 534 31.10 8.35 -10.12
C CYS A 534 31.63 7.19 -10.98
N ALA A 535 30.70 6.38 -11.50
CA ALA A 535 31.05 5.16 -12.21
C ALA A 535 31.79 5.49 -13.49
N TRP A 536 31.23 6.42 -14.27
CA TRP A 536 31.58 6.57 -15.69
C TRP A 536 32.26 7.86 -16.12
N TYR A 537 31.98 8.96 -15.45
CA TYR A 537 32.33 10.27 -16.01
C TYR A 537 33.23 11.05 -15.05
N GLU A 538 33.87 10.35 -14.12
CA GLU A 538 34.79 10.98 -13.18
C GLU A 538 34.27 12.34 -12.71
N LEU A 539 32.97 12.44 -12.46
CA LEU A 539 32.40 13.63 -11.83
C LEU A 539 32.25 13.37 -10.35
N THR A 540 32.75 14.29 -9.53
CA THR A 540 32.49 14.22 -8.12
C THR A 540 31.04 14.60 -7.89
N PRO A 541 30.46 14.17 -6.78
CA PRO A 541 29.09 14.50 -6.46
C PRO A 541 28.73 15.99 -6.54
N ALA A 542 29.61 16.85 -6.04
CA ALA A 542 29.33 18.29 -6.00
C ALA A 542 29.22 18.79 -7.42
N GLU A 543 30.10 18.31 -8.29
CA GLU A 543 30.05 18.67 -9.70
C GLU A 543 28.71 18.26 -10.31
N THR A 544 28.31 17.01 -10.06
CA THR A 544 27.03 16.47 -10.52
C THR A 544 25.82 17.29 -10.04
N SER A 545 25.80 17.63 -8.75
CA SER A 545 24.74 18.50 -8.21
C SER A 545 24.50 19.72 -9.11
N VAL A 546 25.57 20.37 -9.52
CA VAL A 546 25.52 21.56 -10.35
C VAL A 546 24.87 21.25 -11.70
N ARG A 547 25.31 20.21 -12.36
CA ARG A 547 24.70 19.85 -13.64
C ARG A 547 23.19 19.63 -13.46
N LEU A 548 22.81 18.89 -12.41
CA LEU A 548 21.44 18.46 -12.24
C LEU A 548 20.60 19.62 -11.80
N ARG A 549 21.20 20.51 -11.02
CA ARG A 549 20.50 21.68 -10.55
C ARG A 549 20.17 22.60 -11.74
N ALA A 550 21.07 22.67 -12.73
CA ALA A 550 20.78 23.34 -14.01
C ALA A 550 19.59 22.70 -14.72
N TYR A 551 19.49 21.37 -14.64
CA TYR A 551 18.36 20.64 -15.25
C TYR A 551 17.06 21.01 -14.55
N LEU A 552 17.10 20.97 -13.22
CA LEU A 552 15.89 21.13 -12.42
C LEU A 552 15.30 22.53 -12.59
N ASN A 553 16.12 23.54 -12.33
CA ASN A 553 15.75 24.94 -12.51
C ASN A 553 15.48 25.40 -13.95
N THR A 554 15.79 24.61 -14.98
CA THR A 554 15.29 24.92 -16.31
C THR A 554 13.89 24.37 -16.46
N PRO A 555 12.96 25.18 -16.97
CA PRO A 555 11.58 24.74 -17.03
C PRO A 555 11.28 24.13 -18.38
N GLY A 556 10.20 23.36 -18.46
CA GLY A 556 9.82 22.66 -19.68
C GLY A 556 10.50 21.33 -19.86
N LEU A 557 11.28 20.92 -18.86
CA LEU A 557 11.84 19.57 -18.84
C LEU A 557 11.01 18.69 -17.92
N PRO A 558 11.22 17.37 -17.96
CA PRO A 558 10.67 16.47 -16.94
C PRO A 558 11.03 16.88 -15.51
N VAL A 559 10.10 16.67 -14.60
CA VAL A 559 10.24 17.20 -13.25
C VAL A 559 10.49 16.09 -12.29
N CYS A 560 10.79 16.48 -11.06
CA CYS A 560 11.41 15.59 -10.13
C CYS A 560 11.44 16.06 -8.71
N GLN A 561 11.00 15.23 -7.78
CA GLN A 561 11.23 15.51 -6.36
C GLN A 561 12.69 15.94 -6.18
N ASP A 562 12.93 17.15 -5.69
CA ASP A 562 14.31 17.65 -5.56
C ASP A 562 15.06 17.08 -4.36
N HIS A 563 15.84 16.03 -4.61
CA HIS A 563 16.59 15.31 -3.60
C HIS A 563 18.09 15.41 -3.86
N LEU A 564 18.49 16.39 -4.65
CA LEU A 564 19.88 16.68 -4.95
C LEU A 564 20.83 16.62 -3.73
N GLU A 565 20.57 17.42 -2.69
CA GLU A 565 21.48 17.47 -1.53
C GLU A 565 21.61 16.12 -0.84
N PHE A 566 20.50 15.41 -0.72
CA PHE A 566 20.51 14.08 -0.09
C PHE A 566 21.42 13.04 -0.79
N TRP A 567 21.30 12.92 -2.11
CA TRP A 567 22.11 11.96 -2.85
C TRP A 567 23.56 12.43 -2.90
N GLU A 568 23.77 13.71 -3.17
CA GLU A 568 25.10 14.30 -3.08
C GLU A 568 25.79 13.86 -1.81
N SER A 569 25.06 13.89 -0.71
CA SER A 569 25.62 13.52 0.60
C SER A 569 25.99 12.05 0.66
N VAL A 570 25.06 11.21 0.21
CA VAL A 570 25.26 9.77 0.23
C VAL A 570 26.54 9.43 -0.51
N PHE A 571 26.70 9.94 -1.72
CA PHE A 571 27.84 9.55 -2.57
C PHE A 571 29.17 10.19 -2.13
N THR A 572 29.12 11.38 -1.59
CA THR A 572 30.27 11.95 -0.91
C THR A 572 30.91 10.99 0.11
N GLY A 573 30.09 10.32 0.92
CA GLY A 573 30.62 9.37 1.89
C GLY A 573 31.07 8.01 1.36
N LEU A 574 30.90 7.74 0.07
CA LEU A 574 31.23 6.42 -0.45
C LEU A 574 32.67 6.41 -1.05
N THR A 575 33.66 6.53 -0.17
CA THR A 575 35.03 6.71 -0.64
C THR A 575 35.88 5.41 -0.58
N HIS A 576 36.92 5.39 -1.41
CA HIS A 576 37.84 4.26 -1.52
C HIS A 576 37.13 2.99 -1.99
N ILE A 577 36.32 3.13 -3.03
CA ILE A 577 35.72 1.99 -3.69
C ILE A 577 36.82 1.18 -4.36
N ASP A 578 36.56 -0.10 -4.53
CA ASP A 578 37.47 -1.01 -5.17
C ASP A 578 37.36 -0.91 -6.71
N ALA A 579 38.44 -0.44 -7.36
CA ALA A 579 38.45 -0.24 -8.82
C ALA A 579 38.05 -1.49 -9.61
N HIS A 580 38.44 -2.65 -9.09
CA HIS A 580 38.20 -3.88 -9.82
C HIS A 580 36.74 -4.29 -9.79
N PHE A 581 36.08 -4.21 -8.63
CA PHE A 581 34.64 -4.42 -8.59
C PHE A 581 33.94 -3.36 -9.45
N LEU A 582 34.39 -2.12 -9.37
CA LEU A 582 33.74 -1.08 -10.16
C LEU A 582 33.78 -1.41 -11.65
N SER A 583 34.89 -1.97 -12.12
CA SER A 583 35.06 -2.20 -13.56
C SER A 583 34.24 -3.39 -14.03
N GLN A 584 33.98 -4.35 -13.13
CA GLN A 584 33.18 -5.52 -13.46
C GLN A 584 31.70 -5.18 -13.50
N THR A 585 31.24 -4.38 -12.55
CA THR A 585 29.84 -3.92 -12.55
C THR A 585 29.61 -2.99 -13.72
N LYS A 586 30.54 -2.06 -13.97
CA LYS A 586 30.45 -1.26 -15.19
C LYS A 586 30.30 -2.13 -16.46
N GLN A 587 31.21 -3.06 -16.63
CA GLN A 587 31.20 -3.93 -17.79
C GLN A 587 29.86 -4.66 -17.87
N ALA A 588 29.41 -5.15 -16.72
CA ALA A 588 28.24 -6.01 -16.62
C ALA A 588 26.99 -5.41 -17.25
N GLY A 589 26.91 -4.08 -17.34
CA GLY A 589 25.75 -3.41 -17.92
C GLY A 589 24.55 -3.16 -16.99
N ASP A 590 24.59 -3.69 -15.78
CA ASP A 590 23.45 -3.57 -14.87
C ASP A 590 23.40 -2.23 -14.13
N ASN A 591 22.36 -2.04 -13.33
CA ASN A 591 22.09 -0.72 -12.81
C ASN A 591 22.80 -0.45 -11.50
N PHE A 592 23.03 0.84 -11.24
CA PHE A 592 23.71 1.30 -10.03
C PHE A 592 25.06 0.64 -9.84
N PRO A 593 25.90 0.69 -10.90
CA PRO A 593 27.17 0.01 -10.89
C PRO A 593 28.01 0.46 -9.72
N TYR A 594 27.96 1.76 -9.40
CA TYR A 594 28.77 2.27 -8.32
C TYR A 594 28.27 1.80 -6.95
N LEU A 595 26.96 1.69 -6.77
CA LEU A 595 26.42 1.17 -5.51
C LEU A 595 26.64 -0.32 -5.35
N VAL A 596 26.59 -1.07 -6.44
CA VAL A 596 26.70 -2.51 -6.32
C VAL A 596 28.13 -2.73 -5.95
N ALA A 597 29.04 -2.14 -6.71
CA ALA A 597 30.47 -2.34 -6.48
C ALA A 597 30.88 -1.84 -5.11
N TYR A 598 30.28 -0.74 -4.65
CA TYR A 598 30.62 -0.27 -3.29
C TYR A 598 30.17 -1.28 -2.23
N GLN A 599 28.95 -1.78 -2.34
CA GLN A 599 28.46 -2.75 -1.40
C GLN A 599 29.38 -3.98 -1.38
N ALA A 600 29.77 -4.42 -2.56
CA ALA A 600 30.77 -5.49 -2.73
C ALA A 600 32.13 -5.16 -2.10
N THR A 601 32.56 -3.89 -2.20
CA THR A 601 33.85 -3.49 -1.65
C THR A 601 33.88 -3.75 -0.14
N VAL A 602 32.87 -3.23 0.53
CA VAL A 602 32.74 -3.31 1.98
C VAL A 602 32.69 -4.76 2.47
N CYS A 603 32.04 -5.61 1.68
CA CYS A 603 31.91 -7.02 1.99
C CYS A 603 33.21 -7.73 1.84
N ALA A 604 33.81 -7.59 0.68
CA ALA A 604 35.09 -8.23 0.41
C ALA A 604 36.04 -7.92 1.55
N ARG A 605 36.11 -6.65 1.94
CA ARG A 605 37.02 -6.20 2.97
C ARG A 605 36.56 -6.48 4.39
N ALA A 606 35.38 -7.07 4.56
CA ALA A 606 34.92 -7.57 5.86
C ALA A 606 34.97 -9.09 5.85
N GLN A 607 35.48 -9.63 4.76
CA GLN A 607 35.29 -11.03 4.43
C GLN A 607 33.85 -11.48 4.73
N ALA A 608 32.87 -10.63 4.39
CA ALA A 608 31.45 -10.99 4.56
C ALA A 608 30.81 -11.33 3.20
N PRO A 609 29.82 -12.23 3.19
CA PRO A 609 29.11 -12.48 1.92
C PRO A 609 28.19 -11.33 1.55
N PRO A 610 27.78 -11.26 0.27
CA PRO A 610 26.84 -10.25 -0.15
C PRO A 610 25.46 -10.57 0.35
N PRO A 611 24.53 -9.63 0.21
CA PRO A 611 23.17 -9.82 0.69
C PRO A 611 22.39 -10.93 -0.03
N SER A 612 22.88 -11.43 -1.14
CA SER A 612 22.30 -12.61 -1.75
C SER A 612 23.33 -13.22 -2.67
N TRP A 613 22.93 -14.27 -3.39
CA TRP A 613 23.73 -14.76 -4.51
C TRP A 613 22.96 -14.61 -5.82
N ASP A 614 22.27 -13.48 -5.94
CA ASP A 614 21.69 -13.10 -7.21
C ASP A 614 22.83 -12.72 -8.15
N GLN A 615 22.53 -12.79 -9.44
CA GLN A 615 23.39 -12.33 -10.53
C GLN A 615 24.08 -10.98 -10.22
N MET A 616 23.38 -10.06 -9.60
CA MET A 616 23.93 -8.77 -9.15
C MET A 616 25.29 -8.86 -8.42
N TRP A 617 25.53 -9.96 -7.72
CA TRP A 617 26.70 -10.10 -6.87
C TRP A 617 27.71 -11.07 -7.44
N LYS A 618 27.63 -11.33 -8.75
CA LYS A 618 28.45 -12.38 -9.37
C LYS A 618 29.93 -12.10 -9.21
N CYS A 619 30.26 -10.82 -9.05
CA CYS A 619 31.64 -10.38 -8.95
C CYS A 619 32.25 -10.83 -7.65
N LEU A 620 31.44 -11.33 -6.72
CA LEU A 620 31.95 -11.93 -5.47
C LEU A 620 31.97 -13.46 -5.44
N ILE A 621 31.46 -14.14 -6.48
CA ILE A 621 31.33 -15.60 -6.51
C ILE A 621 32.70 -16.27 -6.37
N ARG A 622 33.58 -15.91 -7.27
CA ARG A 622 35.00 -16.14 -7.11
C ARG A 622 35.41 -16.39 -5.64
N LEU A 623 35.07 -15.42 -4.78
CA LEU A 623 35.51 -15.36 -3.38
C LEU A 623 34.62 -16.11 -2.37
N LYS A 624 33.57 -16.77 -2.85
CA LYS A 624 32.50 -17.34 -2.00
C LYS A 624 32.96 -18.21 -0.80
N PRO A 625 33.88 -19.17 -1.02
CA PRO A 625 34.49 -19.94 0.09
C PRO A 625 34.97 -19.11 1.28
N THR A 626 35.60 -17.97 1.05
CA THR A 626 36.24 -17.22 2.11
C THR A 626 35.31 -16.22 2.83
N LEU A 627 34.05 -16.13 2.39
CA LEU A 627 33.14 -15.10 2.92
C LEU A 627 32.14 -15.68 3.91
N HIS A 628 32.23 -15.24 5.15
CA HIS A 628 31.50 -15.80 6.29
C HIS A 628 30.91 -14.63 7.09
N GLY A 629 29.73 -14.83 7.67
CA GLY A 629 29.14 -13.84 8.57
C GLY A 629 27.97 -13.02 8.04
N PRO A 630 27.45 -12.09 8.87
CA PRO A 630 26.38 -11.21 8.42
C PRO A 630 26.94 -10.19 7.44
N THR A 631 26.15 -9.75 6.47
CA THR A 631 26.66 -8.81 5.51
C THR A 631 26.58 -7.43 6.13
N PRO A 632 27.58 -6.60 5.88
CA PRO A 632 27.55 -5.24 6.37
C PRO A 632 26.72 -4.37 5.41
N LEU A 633 25.42 -4.27 5.68
CA LEU A 633 24.47 -3.76 4.72
C LEU A 633 24.45 -2.25 4.69
N LEU A 634 24.59 -1.71 3.48
CA LEU A 634 24.61 -0.27 3.27
C LEU A 634 23.26 0.27 2.83
N TYR A 635 22.57 -0.53 2.03
CA TYR A 635 21.29 -0.16 1.46
C TYR A 635 20.72 -1.43 0.84
N ARG A 636 19.53 -1.36 0.27
CA ARG A 636 18.91 -2.52 -0.35
C ARG A 636 18.67 -2.26 -1.81
N LEU A 637 19.19 -3.15 -2.65
CA LEU A 637 19.04 -3.06 -4.09
C LEU A 637 18.29 -4.27 -4.60
N GLY A 638 17.75 -5.06 -3.68
CA GLY A 638 17.22 -6.38 -3.98
C GLY A 638 16.96 -7.18 -2.71
N ALA A 639 16.74 -8.48 -2.88
CA ALA A 639 16.46 -9.35 -1.73
C ALA A 639 17.74 -9.53 -0.90
N VAL A 640 17.68 -9.13 0.36
CA VAL A 640 18.74 -9.49 1.29
C VAL A 640 18.37 -10.88 1.81
N GLN A 641 19.32 -11.81 1.79
CA GLN A 641 19.08 -13.19 2.25
C GLN A 641 20.01 -13.59 3.38
N ASN A 642 21.27 -13.15 3.32
CA ASN A 642 22.19 -13.38 4.44
C ASN A 642 21.68 -12.63 5.64
N GLU A 643 22.21 -12.92 6.83
CA GLU A 643 21.92 -12.05 7.98
C GLU A 643 22.65 -10.75 7.73
N VAL A 644 22.17 -9.67 8.32
CA VAL A 644 22.80 -8.39 8.11
C VAL A 644 23.31 -7.87 9.43
N THR A 645 24.04 -6.76 9.33
CA THR A 645 24.68 -6.12 10.46
C THR A 645 24.85 -4.65 10.08
N LEU A 646 24.41 -3.75 10.95
CA LEU A 646 24.38 -2.32 10.65
C LEU A 646 25.45 -1.52 11.42
N THR A 647 26.56 -2.17 11.78
CA THR A 647 27.61 -1.48 12.59
C THR A 647 28.71 -0.82 11.75
N HIS A 648 28.66 -1.04 10.44
CA HIS A 648 29.69 -0.49 9.56
C HIS A 648 29.59 1.02 9.60
N PRO A 649 30.75 1.70 9.62
CA PRO A 649 30.76 3.16 9.59
C PRO A 649 29.98 3.72 8.42
N ILE A 650 30.10 3.09 7.27
CA ILE A 650 29.36 3.55 6.08
C ILE A 650 27.84 3.44 6.29
N THR A 651 27.36 2.33 6.82
CA THR A 651 25.95 2.21 7.14
C THR A 651 25.51 3.39 7.98
N LYS A 652 26.22 3.61 9.10
CA LYS A 652 25.90 4.74 10.01
C LYS A 652 25.93 6.09 9.29
N TYR A 653 26.96 6.34 8.49
CA TYR A 653 27.03 7.58 7.72
C TYR A 653 25.78 7.78 6.84
N ILE A 654 25.43 6.74 6.08
CA ILE A 654 24.25 6.81 5.22
C ILE A 654 23.02 6.99 6.08
N MET A 655 22.91 6.21 7.16
CA MET A 655 21.80 6.39 8.11
C MET A 655 21.68 7.84 8.57
N ALA A 656 22.79 8.52 8.79
CA ALA A 656 22.74 9.92 9.18
C ALA A 656 22.21 10.81 8.05
N CYS A 657 22.68 10.55 6.82
CA CYS A 657 22.16 11.24 5.65
C CYS A 657 20.62 11.21 5.59
N MET A 658 20.03 10.11 6.06
CA MET A 658 18.57 9.95 6.05
C MET A 658 17.85 11.03 6.87
N SER A 659 18.51 11.64 7.83
CA SER A 659 17.91 12.73 8.59
C SER A 659 17.79 14.04 7.76
N ALA A 660 18.20 13.99 6.49
CA ALA A 660 17.97 15.07 5.55
C ALA A 660 16.50 15.45 5.52
N ASP A 661 16.22 16.56 4.84
CA ASP A 661 14.84 17.00 4.60
C ASP A 661 14.37 16.58 3.22
N LEU A 662 13.55 15.54 3.17
CA LEU A 662 13.07 14.97 1.92
C LEU A 662 11.67 15.48 1.59
N GLU A 663 11.52 16.05 0.40
CA GLU A 663 10.22 16.42 -0.12
C GLU A 663 9.54 15.16 -0.62
N VAL A 664 8.37 14.81 -0.10
CA VAL A 664 7.68 13.60 -0.54
C VAL A 664 6.30 13.97 -1.06
N VAL A 665 5.89 13.40 -2.20
CA VAL A 665 4.55 13.66 -2.71
C VAL A 665 3.59 12.99 -1.75
N THR A 666 2.49 13.68 -1.50
CA THR A 666 1.57 13.32 -0.42
C THR A 666 0.12 13.55 -0.81
N LEU A 667 -0.22 14.65 -1.27
N GLY A 668 -9.81 7.78 -18.43
CA GLY A 668 -11.04 8.30 -17.79
C GLY A 668 -10.78 9.60 -17.05
N SER A 669 -11.85 10.28 -16.68
CA SER A 669 -11.74 11.61 -16.16
C SER A 669 -11.55 11.55 -14.66
N VAL A 670 -11.02 12.62 -14.08
CA VAL A 670 -11.04 12.81 -12.64
C VAL A 670 -12.51 13.02 -12.29
N VAL A 671 -12.94 12.49 -11.15
CA VAL A 671 -14.33 12.58 -10.78
C VAL A 671 -14.40 13.18 -9.39
N ILE A 672 -15.34 14.10 -9.19
CA ILE A 672 -15.60 14.62 -7.86
C ILE A 672 -16.46 13.61 -7.10
N VAL A 673 -15.93 13.09 -6.02
CA VAL A 673 -16.64 12.13 -5.21
C VAL A 673 -17.08 12.70 -3.85
N GLY A 674 -16.76 13.97 -3.58
CA GLY A 674 -17.02 14.57 -2.27
C GLY A 674 -16.57 16.00 -2.18
N ARG A 675 -16.69 16.61 -1.01
CA ARG A 675 -16.32 18.00 -0.79
C ARG A 675 -16.03 18.27 0.68
N ILE A 676 -15.14 19.23 0.93
CA ILE A 676 -14.90 19.70 2.27
C ILE A 676 -15.60 21.05 2.34
N ILE A 677 -16.45 21.24 3.35
CA ILE A 677 -17.11 22.51 3.63
C ILE A 677 -16.36 23.27 4.69
N LEU A 678 -16.12 24.57 4.45
CA LEU A 678 -15.37 25.43 5.36
C LEU A 678 -16.33 26.34 6.11
N SER A 679 -15.99 26.66 7.36
CA SER A 679 -16.80 27.57 8.17
C SER A 679 -16.78 28.98 7.58
N GLY A 680 -17.95 29.62 7.53
CA GLY A 680 -18.12 30.97 6.95
C GLY A 680 -17.78 32.08 7.91
N SER A 681 -17.67 31.77 9.20
CA SER A 681 -17.38 32.76 10.20
C SER A 681 -16.76 32.06 11.39
N GLY A 682 -16.40 32.81 12.41
CA GLY A 682 -15.65 32.24 13.51
C GLY A 682 -14.29 31.77 13.00
N SER A 683 -13.69 30.86 13.76
CA SER A 683 -12.39 30.29 13.39
C SER A 683 -12.56 29.25 12.28
N ILE B 38 4.00 -29.66 -15.73
CA ILE B 38 3.02 -28.57 -15.62
C ILE B 38 3.49 -27.22 -16.20
N THR B 39 2.53 -26.50 -16.75
CA THR B 39 2.75 -25.22 -17.38
C THR B 39 1.44 -24.41 -17.23
N ALA B 40 1.53 -23.09 -17.25
CA ALA B 40 0.37 -22.29 -16.92
C ALA B 40 0.39 -20.90 -17.53
N TYR B 41 -0.79 -20.41 -17.87
CA TYR B 41 -0.92 -19.07 -18.41
C TYR B 41 -2.27 -18.47 -17.97
N SER B 42 -2.29 -17.17 -17.74
CA SER B 42 -3.47 -16.49 -17.23
C SER B 42 -4.32 -15.86 -18.32
N GLN B 43 -5.61 -15.75 -18.05
CA GLN B 43 -6.54 -15.05 -18.94
C GLN B 43 -7.48 -14.10 -18.17
N GLN B 44 -7.34 -12.80 -18.41
CA GLN B 44 -8.20 -11.83 -17.79
C GLN B 44 -9.56 -11.82 -18.45
N THR B 45 -10.60 -11.98 -17.66
CA THR B 45 -11.95 -12.06 -18.19
C THR B 45 -12.80 -10.84 -17.84
N ARG B 46 -12.45 -10.12 -16.77
CA ARG B 46 -13.18 -8.91 -16.37
C ARG B 46 -12.25 -7.79 -15.99
N GLY B 47 -12.66 -6.58 -16.32
CA GLY B 47 -11.97 -5.37 -15.93
C GLY B 47 -12.76 -4.70 -14.83
N LEU B 48 -12.19 -3.62 -14.31
CA LEU B 48 -12.74 -2.95 -13.14
C LEU B 48 -14.28 -2.76 -13.15
N LEU B 49 -14.85 -2.16 -14.20
CA LEU B 49 -16.28 -1.78 -14.13
C LEU B 49 -17.21 -2.99 -13.94
N GLY B 50 -16.94 -4.07 -14.66
CA GLY B 50 -17.77 -5.26 -14.61
C GLY B 50 -17.65 -5.93 -13.26
N CYS B 51 -16.43 -5.94 -12.74
CA CYS B 51 -16.14 -6.51 -11.42
C CYS B 51 -16.94 -5.80 -10.33
N ILE B 52 -16.98 -4.48 -10.38
CA ILE B 52 -17.78 -3.74 -9.43
C ILE B 52 -19.27 -4.00 -9.65
N ILE B 53 -19.77 -3.70 -10.84
CA ILE B 53 -21.16 -4.01 -11.21
C ILE B 53 -21.59 -5.39 -10.77
N THR B 54 -20.74 -6.39 -11.01
CA THR B 54 -21.11 -7.78 -10.71
C THR B 54 -21.09 -8.05 -9.21
N SER B 55 -20.09 -7.50 -8.53
CA SER B 55 -20.00 -7.61 -7.09
C SER B 55 -21.32 -7.21 -6.40
N LEU B 56 -21.91 -6.11 -6.86
CA LEU B 56 -23.13 -5.59 -6.25
C LEU B 56 -24.34 -6.41 -6.67
N THR B 57 -24.48 -6.69 -7.96
CA THR B 57 -25.64 -7.45 -8.43
C THR B 57 -25.57 -8.91 -7.97
N GLY B 58 -24.35 -9.42 -7.86
CA GLY B 58 -24.11 -10.83 -7.52
C GLY B 58 -24.43 -11.78 -8.65
N ARG B 59 -24.51 -11.26 -9.88
CA ARG B 59 -24.87 -12.06 -11.06
C ARG B 59 -23.72 -12.17 -12.06
N ASP B 60 -22.99 -13.27 -12.00
CA ASP B 60 -21.85 -13.53 -12.89
C ASP B 60 -22.43 -14.33 -14.02
N LYS B 61 -22.59 -13.71 -15.19
CA LYS B 61 -23.20 -14.39 -16.33
C LYS B 61 -22.17 -15.11 -17.22
N ASN B 62 -20.87 -14.85 -17.02
CA ASN B 62 -19.81 -15.47 -17.82
C ASN B 62 -19.53 -16.89 -17.40
N GLN B 63 -19.22 -17.75 -18.36
CA GLN B 63 -19.18 -19.19 -18.12
C GLN B 63 -17.84 -19.59 -17.53
N VAL B 64 -17.90 -20.21 -16.34
CA VAL B 64 -16.71 -20.54 -15.58
C VAL B 64 -16.00 -21.72 -16.23
N GLU B 65 -15.02 -21.41 -17.07
CA GLU B 65 -14.11 -22.41 -17.60
C GLU B 65 -12.86 -22.46 -16.72
N GLY B 66 -11.96 -23.38 -17.01
CA GLY B 66 -10.78 -23.60 -16.15
C GLY B 66 -11.14 -24.30 -14.83
N GLU B 67 -10.14 -24.53 -14.00
CA GLU B 67 -10.40 -25.03 -12.65
C GLU B 67 -9.72 -24.18 -11.57
N VAL B 68 -8.72 -23.38 -11.96
CA VAL B 68 -8.19 -22.31 -11.10
C VAL B 68 -8.70 -20.95 -11.56
N GLN B 69 -9.43 -20.26 -10.69
CA GLN B 69 -9.94 -18.96 -11.02
C GLN B 69 -9.14 -17.90 -10.30
N VAL B 70 -9.06 -16.72 -10.91
CA VAL B 70 -8.62 -15.50 -10.24
C VAL B 70 -9.88 -14.76 -9.79
N VAL B 71 -9.95 -14.49 -8.49
CA VAL B 71 -11.10 -13.83 -7.91
C VAL B 71 -10.71 -12.49 -7.29
N SER B 72 -11.71 -11.65 -7.06
CA SER B 72 -11.51 -10.35 -6.49
C SER B 72 -12.64 -10.03 -5.54
N THR B 73 -12.32 -9.23 -4.50
CA THR B 73 -13.32 -8.51 -3.70
C THR B 73 -13.05 -7.06 -4.00
N ALA B 74 -13.73 -6.14 -3.33
CA ALA B 74 -13.45 -4.70 -3.52
C ALA B 74 -11.99 -4.35 -3.19
N THR B 75 -11.37 -5.10 -2.28
CA THR B 75 -10.05 -4.76 -1.78
C THR B 75 -8.98 -5.76 -2.25
N GLN B 76 -9.13 -7.02 -1.86
CA GLN B 76 -8.18 -8.08 -2.20
C GLN B 76 -8.40 -8.69 -3.61
N SER B 77 -7.32 -9.21 -4.19
CA SER B 77 -7.43 -10.15 -5.28
C SER B 77 -6.60 -11.39 -4.96
N PHE B 78 -7.10 -12.55 -5.35
CA PHE B 78 -6.53 -13.83 -4.95
C PHE B 78 -7.14 -14.92 -5.82
N LEU B 79 -6.78 -16.17 -5.56
CA LEU B 79 -7.11 -17.30 -6.41
C LEU B 79 -8.08 -18.24 -5.74
N ALA B 80 -8.90 -18.93 -6.54
CA ALA B 80 -9.81 -19.96 -6.03
C ALA B 80 -9.68 -21.18 -6.92
N THR B 81 -9.55 -22.36 -6.31
CA THR B 81 -9.39 -23.60 -7.03
C THR B 81 -10.61 -24.46 -6.91
N CYS B 82 -10.97 -25.18 -7.97
CA CYS B 82 -12.02 -26.20 -7.86
C CYS B 82 -11.46 -27.60 -7.63
N VAL B 83 -11.86 -28.23 -6.54
CA VAL B 83 -11.54 -29.64 -6.31
C VAL B 83 -12.82 -30.40 -5.94
N ASN B 84 -13.01 -31.59 -6.50
CA ASN B 84 -14.20 -32.42 -6.24
C ASN B 84 -15.50 -31.62 -6.31
N GLY B 85 -15.70 -30.90 -7.40
CA GLY B 85 -16.95 -30.20 -7.64
C GLY B 85 -17.24 -29.01 -6.75
N VAL B 86 -16.30 -28.66 -5.87
CA VAL B 86 -16.42 -27.47 -5.03
C VAL B 86 -15.28 -26.53 -5.32
N CYS B 87 -15.63 -25.26 -5.36
CA CYS B 87 -14.70 -24.22 -5.68
C CYS B 87 -14.14 -23.59 -4.39
N TRP B 88 -12.87 -23.87 -4.08
CA TRP B 88 -12.33 -23.54 -2.78
C TRP B 88 -11.48 -22.28 -2.77
N THR B 89 -11.40 -21.65 -1.62
CA THR B 89 -10.41 -20.64 -1.40
C THR B 89 -10.23 -20.36 0.08
N VAL B 90 -9.33 -19.43 0.39
CA VAL B 90 -9.00 -19.05 1.76
C VAL B 90 -10.01 -18.09 2.41
N TYR B 91 -10.24 -18.30 3.70
CA TYR B 91 -11.18 -17.47 4.45
C TYR B 91 -10.68 -16.01 4.60
N HIS B 92 -9.40 -15.82 4.90
CA HIS B 92 -8.91 -14.46 5.06
C HIS B 92 -9.06 -13.59 3.81
N GLY B 93 -9.11 -14.21 2.64
CA GLY B 93 -9.45 -13.47 1.41
C GLY B 93 -10.96 -13.34 1.17
N ALA B 94 -11.68 -14.45 1.30
CA ALA B 94 -13.10 -14.56 0.89
C ALA B 94 -14.10 -14.12 1.94
N GLY B 95 -13.77 -14.35 3.20
CA GLY B 95 -14.65 -14.01 4.29
C GLY B 95 -15.84 -14.92 4.32
N SER B 96 -17.01 -14.35 4.58
CA SER B 96 -18.27 -15.07 4.55
C SER B 96 -19.00 -14.75 3.26
N LYS B 97 -18.28 -14.11 2.34
CA LYS B 97 -18.88 -13.52 1.14
C LYS B 97 -19.46 -14.56 0.20
N THR B 98 -20.56 -14.20 -0.44
CA THR B 98 -21.15 -14.99 -1.49
C THR B 98 -20.35 -14.89 -2.81
N LEU B 99 -20.54 -15.87 -3.69
CA LEU B 99 -19.90 -15.92 -5.02
C LEU B 99 -20.90 -15.47 -6.04
N ALA B 100 -20.49 -14.56 -6.91
CA ALA B 100 -21.35 -14.08 -7.98
C ALA B 100 -21.55 -15.21 -8.95
N GLY B 101 -22.79 -15.55 -9.25
CA GLY B 101 -23.10 -16.71 -10.08
C GLY B 101 -24.22 -16.50 -11.08
N PRO B 102 -24.40 -17.46 -12.00
CA PRO B 102 -25.36 -17.34 -13.09
C PRO B 102 -26.74 -16.89 -12.63
N LYS B 103 -27.23 -17.46 -11.53
CA LYS B 103 -28.59 -17.16 -11.05
C LYS B 103 -28.57 -16.26 -9.81
N GLY B 104 -27.59 -15.36 -9.75
CA GLY B 104 -27.39 -14.54 -8.54
C GLY B 104 -26.43 -15.17 -7.52
N PRO B 105 -26.25 -14.48 -6.37
CA PRO B 105 -25.21 -14.81 -5.39
C PRO B 105 -25.28 -16.23 -4.87
N ILE B 106 -24.15 -16.92 -4.88
CA ILE B 106 -24.05 -18.22 -4.24
C ILE B 106 -23.51 -18.03 -2.83
N THR B 107 -24.26 -18.48 -1.83
CA THR B 107 -23.76 -18.44 -0.46
C THR B 107 -22.79 -19.60 -0.30
N GLN B 108 -21.93 -19.54 0.71
CA GLN B 108 -20.92 -20.56 0.87
C GLN B 108 -21.54 -21.86 1.33
N MET B 109 -21.09 -22.97 0.77
CA MET B 109 -21.53 -24.26 1.23
C MET B 109 -20.74 -24.69 2.44
N TYR B 110 -19.46 -24.32 2.49
CA TYR B 110 -18.58 -24.73 3.57
C TYR B 110 -17.70 -23.57 4.03
N THR B 111 -17.45 -23.52 5.33
CA THR B 111 -16.74 -22.40 5.96
C THR B 111 -16.00 -22.98 7.15
N ASN B 112 -14.77 -23.44 6.97
CA ASN B 112 -13.94 -23.77 8.13
C ASN B 112 -12.93 -22.64 8.41
N VAL B 113 -13.27 -21.76 9.36
CA VAL B 113 -12.36 -20.68 9.70
C VAL B 113 -11.12 -21.20 10.42
N ASP B 114 -11.22 -22.38 11.05
CA ASP B 114 -10.07 -22.96 11.75
C ASP B 114 -9.02 -23.49 10.78
N GLN B 115 -9.43 -23.73 9.54
CA GLN B 115 -8.52 -24.11 8.48
C GLN B 115 -8.51 -23.13 7.33
N ASP B 116 -8.91 -21.88 7.57
CA ASP B 116 -8.79 -20.84 6.57
C ASP B 116 -9.35 -21.29 5.25
N LEU B 117 -10.51 -21.90 5.28
CA LEU B 117 -11.07 -22.56 4.11
C LEU B 117 -12.50 -22.11 3.89
N VAL B 118 -12.84 -21.74 2.67
CA VAL B 118 -14.22 -21.51 2.30
C VAL B 118 -14.48 -22.22 0.99
N GLY B 119 -15.74 -22.46 0.67
CA GLY B 119 -16.05 -23.23 -0.53
C GLY B 119 -17.48 -22.99 -0.99
N TRP B 120 -17.63 -22.77 -2.28
CA TRP B 120 -18.94 -22.65 -2.87
C TRP B 120 -19.16 -23.82 -3.80
N GLN B 121 -20.39 -24.34 -3.80
CA GLN B 121 -20.87 -25.28 -4.82
C GLN B 121 -20.48 -24.76 -6.21
N ALA B 122 -19.91 -25.64 -7.04
CA ALA B 122 -19.32 -25.20 -8.32
C ALA B 122 -20.40 -24.96 -9.40
N PRO B 123 -20.41 -23.76 -10.02
CA PRO B 123 -21.38 -23.46 -11.10
C PRO B 123 -21.29 -24.47 -12.26
N PRO B 124 -22.45 -25.03 -12.70
CA PRO B 124 -22.54 -26.02 -13.78
C PRO B 124 -21.63 -25.75 -14.99
N GLY B 125 -20.73 -26.70 -15.28
CA GLY B 125 -19.69 -26.52 -16.30
C GLY B 125 -18.34 -26.07 -15.73
N ALA B 126 -18.10 -26.37 -14.46
CA ALA B 126 -16.78 -26.16 -13.87
C ALA B 126 -16.05 -27.51 -13.86
N ARG B 127 -14.92 -27.55 -14.55
CA ARG B 127 -13.97 -28.62 -14.38
C ARG B 127 -13.43 -28.54 -12.96
N SER B 128 -12.82 -29.63 -12.53
CA SER B 128 -12.32 -29.71 -11.18
C SER B 128 -11.02 -30.48 -11.24
N LEU B 129 -10.06 -30.14 -10.41
CA LEU B 129 -8.93 -31.02 -10.21
C LEU B 129 -9.45 -32.17 -9.37
N THR B 130 -8.77 -33.31 -9.44
CA THR B 130 -9.07 -34.40 -8.53
C THR B 130 -7.90 -34.56 -7.55
N PRO B 131 -8.20 -34.95 -6.31
CA PRO B 131 -7.21 -35.20 -5.29
C PRO B 131 -6.02 -36.06 -5.68
N CYS B 132 -5.08 -36.11 -4.75
CA CYS B 132 -3.81 -36.75 -4.94
C CYS B 132 -3.83 -37.95 -4.00
N THR B 133 -3.86 -39.14 -4.58
CA THR B 133 -3.86 -40.37 -3.79
C THR B 133 -2.46 -40.62 -3.22
N CYS B 134 -1.55 -41.05 -4.09
CA CYS B 134 -0.17 -41.36 -3.67
C CYS B 134 0.72 -40.14 -3.83
N GLY B 135 0.62 -39.24 -2.86
CA GLY B 135 1.41 -38.01 -2.87
C GLY B 135 2.86 -38.24 -3.21
N SER B 136 3.38 -37.38 -4.09
CA SER B 136 4.82 -37.22 -4.28
C SER B 136 5.28 -36.25 -3.20
N SER B 137 6.57 -35.92 -3.22
CA SER B 137 7.08 -34.85 -2.37
C SER B 137 7.37 -33.59 -3.18
N ASP B 138 7.70 -33.77 -4.46
CA ASP B 138 7.82 -32.65 -5.37
C ASP B 138 6.43 -32.13 -5.68
N LEU B 139 6.21 -30.87 -5.35
CA LEU B 139 4.95 -30.19 -5.60
C LEU B 139 5.21 -29.00 -6.49
N TYR B 140 4.13 -28.48 -7.07
CA TYR B 140 4.22 -27.34 -7.96
C TYR B 140 3.13 -26.35 -7.62
N LEU B 141 3.56 -25.15 -7.25
CA LEU B 141 2.68 -24.12 -6.79
C LEU B 141 2.36 -23.15 -7.92
N VAL B 142 1.11 -23.14 -8.34
CA VAL B 142 0.64 -22.23 -9.35
C VAL B 142 0.35 -20.87 -8.70
N THR B 143 1.06 -19.82 -9.11
CA THR B 143 0.81 -18.45 -8.59
C THR B 143 -0.16 -17.72 -9.50
N ARG B 144 -0.55 -16.50 -9.11
CA ARG B 144 -1.55 -15.76 -9.86
C ARG B 144 -0.99 -15.13 -11.13
N HIS B 145 0.33 -15.17 -11.30
CA HIS B 145 0.98 -14.69 -12.53
C HIS B 145 1.17 -15.84 -13.49
N ALA B 146 0.55 -16.98 -13.20
CA ALA B 146 0.75 -18.21 -13.96
C ALA B 146 2.18 -18.76 -13.88
N ASP B 147 2.95 -18.36 -12.88
CA ASP B 147 4.27 -18.97 -12.65
C ASP B 147 4.08 -20.23 -11.85
N VAL B 148 4.76 -21.30 -12.26
CA VAL B 148 4.66 -22.56 -11.56
C VAL B 148 5.93 -22.73 -10.76
N ILE B 149 5.77 -22.92 -9.46
CA ILE B 149 6.87 -22.86 -8.53
C ILE B 149 7.05 -24.22 -7.91
N PRO B 150 8.27 -24.80 -8.01
CA PRO B 150 8.59 -26.05 -7.32
C PRO B 150 8.58 -25.93 -5.80
N VAL B 151 8.17 -27.01 -5.13
CA VAL B 151 8.03 -27.06 -3.67
C VAL B 151 8.31 -28.44 -3.12
N ARG B 152 9.02 -28.52 -2.00
CA ARG B 152 9.38 -29.76 -1.38
C ARG B 152 8.53 -29.93 -0.11
N ARG B 153 7.71 -30.98 -0.07
CA ARG B 153 6.74 -31.16 1.01
C ARG B 153 7.35 -31.72 2.29
N ARG B 154 7.09 -31.07 3.43
CA ARG B 154 7.68 -31.45 4.72
C ARG B 154 6.65 -31.97 5.72
N GLY B 155 5.65 -31.15 6.02
CA GLY B 155 4.56 -31.55 6.90
C GLY B 155 3.39 -31.99 6.07
N ASP B 156 2.23 -32.15 6.73
CA ASP B 156 0.96 -32.40 6.03
C ASP B 156 0.59 -31.17 5.22
N SER B 157 0.91 -30.00 5.79
CA SER B 157 0.44 -28.72 5.30
C SER B 157 1.59 -27.73 5.08
N ARG B 158 2.80 -28.26 4.92
CA ARG B 158 3.99 -27.41 4.79
C ARG B 158 4.84 -27.83 3.61
N GLY B 159 5.35 -26.85 2.86
CA GLY B 159 6.25 -27.13 1.76
C GLY B 159 7.34 -26.07 1.71
N SER B 160 8.55 -26.47 1.34
CA SER B 160 9.67 -25.53 1.25
C SER B 160 10.02 -25.18 -0.20
N LEU B 161 10.06 -23.88 -0.48
CA LEU B 161 10.44 -23.41 -1.82
C LEU B 161 11.89 -23.74 -2.07
N LEU B 162 12.16 -24.45 -3.16
CA LEU B 162 13.52 -24.79 -3.58
C LEU B 162 14.38 -23.53 -3.73
N SER B 163 13.88 -22.57 -4.49
CA SER B 163 14.50 -21.27 -4.61
C SER B 163 13.67 -20.27 -3.81
N PRO B 164 14.20 -19.81 -2.65
CA PRO B 164 13.58 -18.73 -1.87
C PRO B 164 13.27 -17.48 -2.70
N ARG B 165 12.12 -16.84 -2.41
CA ARG B 165 11.67 -15.64 -3.13
C ARG B 165 11.11 -14.61 -2.17
N PRO B 166 11.21 -13.31 -2.51
CA PRO B 166 10.49 -12.22 -1.82
C PRO B 166 9.04 -12.56 -1.52
N VAL B 167 8.57 -12.19 -0.34
CA VAL B 167 7.21 -12.55 0.04
C VAL B 167 6.24 -11.78 -0.87
N SER B 168 6.60 -10.56 -1.26
CA SER B 168 5.80 -9.80 -2.22
C SER B 168 5.42 -10.61 -3.46
N TYR B 169 6.34 -11.45 -3.94
CA TYR B 169 6.12 -12.26 -5.13
C TYR B 169 4.89 -13.15 -4.99
N LEU B 170 4.70 -13.74 -3.82
CA LEU B 170 3.61 -14.69 -3.60
C LEU B 170 2.27 -14.04 -3.26
N LYS B 171 2.28 -12.75 -2.93
CA LYS B 171 1.06 -12.08 -2.50
C LYS B 171 0.14 -11.86 -3.68
N GLY B 172 -1.07 -12.40 -3.54
CA GLY B 172 -2.05 -12.48 -4.59
C GLY B 172 -2.39 -13.93 -4.91
N SER B 173 -1.69 -14.87 -4.30
CA SER B 173 -1.80 -16.25 -4.72
C SER B 173 -2.44 -17.13 -3.66
N SER B 174 -3.05 -16.52 -2.64
CA SER B 174 -3.79 -17.30 -1.65
C SER B 174 -4.93 -18.04 -2.30
N GLY B 175 -4.99 -19.35 -2.08
CA GLY B 175 -6.03 -20.20 -2.65
C GLY B 175 -5.66 -20.73 -4.03
N GLY B 176 -4.41 -20.55 -4.41
CA GLY B 176 -3.85 -21.18 -5.60
C GLY B 176 -3.54 -22.62 -5.21
N PRO B 177 -3.56 -23.52 -6.18
CA PRO B 177 -3.37 -24.92 -5.87
C PRO B 177 -1.92 -25.36 -5.84
N LEU B 178 -1.57 -26.21 -4.87
CA LEU B 178 -0.31 -26.97 -4.88
C LEU B 178 -0.60 -28.26 -5.63
N LEU B 179 0.16 -28.51 -6.70
CA LEU B 179 -0.03 -29.72 -7.51
C LEU B 179 1.11 -30.71 -7.37
N CYS B 180 0.82 -31.95 -7.73
CA CYS B 180 1.83 -32.97 -7.93
C CYS B 180 2.12 -33.00 -9.43
N PRO B 181 3.17 -33.70 -9.85
CA PRO B 181 3.50 -33.72 -11.28
C PRO B 181 2.35 -34.23 -12.16
N SER B 182 1.66 -35.29 -11.71
CA SER B 182 0.53 -35.87 -12.48
C SER B 182 -0.64 -34.91 -12.75
N GLY B 183 -0.55 -33.67 -12.23
CA GLY B 183 -1.56 -32.65 -12.43
C GLY B 183 -2.61 -32.63 -11.34
N HIS B 184 -2.53 -33.60 -10.42
CA HIS B 184 -3.51 -33.71 -9.35
C HIS B 184 -3.25 -32.69 -8.23
N ALA B 185 -4.21 -32.57 -7.31
CA ALA B 185 -4.31 -31.44 -6.39
C ALA B 185 -3.97 -31.83 -4.94
N VAL B 186 -2.79 -31.45 -4.47
CA VAL B 186 -2.36 -31.76 -3.11
C VAL B 186 -3.00 -30.88 -2.03
N GLY B 187 -3.36 -29.64 -2.38
CA GLY B 187 -3.96 -28.68 -1.43
C GLY B 187 -4.03 -27.25 -1.97
N ILE B 188 -4.44 -26.28 -1.15
CA ILE B 188 -4.45 -24.86 -1.58
C ILE B 188 -3.60 -23.97 -0.66
N PHE B 189 -2.88 -23.06 -1.29
CA PHE B 189 -1.86 -22.24 -0.65
C PHE B 189 -2.54 -21.28 0.30
N ARG B 190 -1.97 -21.08 1.49
CA ARG B 190 -2.56 -20.07 2.38
C ARG B 190 -1.61 -19.07 3.02
N ALA B 191 -0.41 -19.52 3.37
CA ALA B 191 0.57 -18.59 3.90
C ALA B 191 1.97 -18.93 3.46
N ALA B 192 2.78 -17.89 3.37
CA ALA B 192 4.22 -18.00 3.24
C ALA B 192 4.79 -18.13 4.65
N VAL B 193 5.89 -18.86 4.80
CA VAL B 193 6.67 -18.83 6.04
C VAL B 193 7.98 -18.14 5.70
N CYS B 194 8.32 -17.10 6.45
CA CYS B 194 9.30 -16.11 6.00
C CYS B 194 10.37 -15.85 7.01
N THR B 195 11.57 -15.66 6.48
CA THR B 195 12.68 -15.14 7.26
C THR B 195 13.01 -13.79 6.72
N ARG B 196 12.98 -12.79 7.59
CA ARG B 196 13.33 -11.41 7.25
C ARG B 196 12.76 -10.92 5.91
N GLY B 197 11.52 -11.33 5.63
CA GLY B 197 10.81 -10.91 4.41
C GLY B 197 11.09 -11.71 3.16
N VAL B 198 11.64 -12.90 3.32
CA VAL B 198 11.96 -13.74 2.19
C VAL B 198 11.25 -15.08 2.39
N ALA B 199 10.26 -15.36 1.54
CA ALA B 199 9.53 -16.61 1.63
C ALA B 199 10.47 -17.78 1.33
N LYS B 200 10.48 -18.74 2.24
CA LYS B 200 11.29 -19.93 2.14
C LYS B 200 10.45 -21.21 2.27
N ALA B 201 9.27 -21.09 2.87
CA ALA B 201 8.32 -22.21 2.97
C ALA B 201 6.91 -21.75 2.63
N VAL B 202 6.05 -22.70 2.28
CA VAL B 202 4.62 -22.43 2.09
C VAL B 202 3.74 -23.22 3.05
N ASP B 203 2.66 -22.58 3.47
CA ASP B 203 1.63 -23.22 4.28
C ASP B 203 0.45 -23.43 3.35
N PHE B 204 -0.09 -24.64 3.33
CA PHE B 204 -1.27 -24.92 2.53
C PHE B 204 -2.30 -25.72 3.31
N VAL B 205 -3.53 -25.70 2.79
CA VAL B 205 -4.62 -26.54 3.30
C VAL B 205 -4.56 -27.85 2.54
N PRO B 206 -4.28 -28.99 3.24
CA PRO B 206 -4.26 -30.27 2.54
C PRO B 206 -5.62 -30.63 2.02
N VAL B 207 -5.63 -31.46 0.99
CA VAL B 207 -6.87 -31.76 0.29
C VAL B 207 -7.82 -32.60 1.18
N GLU B 208 -7.27 -33.35 2.14
CA GLU B 208 -8.08 -34.15 3.07
C GLU B 208 -8.88 -33.32 4.06
N SER B 209 -8.33 -32.18 4.47
CA SER B 209 -9.05 -31.20 5.29
C SER B 209 -10.33 -30.69 4.61
N MET B 210 -10.31 -30.67 3.28
CA MET B 210 -11.52 -30.38 2.49
C MET B 210 -12.48 -31.56 2.52
N GLU B 211 -11.91 -32.74 2.41
CA GLU B 211 -12.68 -33.96 2.48
C GLU B 211 -13.32 -34.09 3.89
N THR B 212 -12.54 -33.79 4.95
CA THR B 212 -13.10 -33.63 6.29
C THR B 212 -14.19 -32.57 6.29
N THR B 213 -13.86 -31.41 5.73
CA THR B 213 -14.76 -30.26 5.75
C THR B 213 -16.08 -30.60 5.07
N MET B 214 -16.02 -31.24 3.90
CA MET B 214 -17.23 -31.53 3.17
C MET B 214 -18.10 -32.48 3.98
N ARG B 215 -17.45 -33.46 4.59
CA ARG B 215 -18.12 -34.45 5.45
C ARG B 215 -18.77 -33.88 6.72
N SER B 216 -18.20 -32.81 7.26
CA SER B 216 -18.73 -32.23 8.50
C SER B 216 -20.17 -31.73 8.32
N PRO B 217 -20.96 -31.78 9.41
CA PRO B 217 -22.32 -31.25 9.30
C PRO B 217 -22.28 -29.79 8.90
N VAL B 218 -22.79 -29.48 7.70
CA VAL B 218 -22.79 -28.09 7.21
C VAL B 218 -23.69 -27.21 8.12
N PHE B 219 -24.77 -27.79 8.65
CA PHE B 219 -25.54 -27.18 9.73
C PHE B 219 -25.35 -28.04 10.99
N THR B 220 -24.90 -27.43 12.09
CA THR B 220 -24.94 -28.08 13.41
C THR B 220 -25.71 -27.23 14.40
N ASP B 221 -26.40 -27.90 15.32
CA ASP B 221 -27.21 -27.26 16.35
C ASP B 221 -26.37 -26.98 17.61
N ASN B 222 -26.25 -25.70 17.98
CA ASN B 222 -25.51 -25.30 19.17
C ASN B 222 -26.27 -24.28 20.04
N SER B 223 -27.60 -24.24 19.95
CA SER B 223 -28.41 -23.26 20.70
C SER B 223 -28.70 -23.69 22.13
N SER B 224 -29.05 -24.97 22.31
CA SER B 224 -29.29 -25.53 23.64
C SER B 224 -27.97 -25.86 24.34
N PRO B 225 -27.92 -25.69 25.68
CA PRO B 225 -26.69 -25.95 26.43
C PRO B 225 -26.36 -27.44 26.48
N PRO B 226 -25.06 -27.79 26.41
CA PRO B 226 -24.66 -29.19 26.48
C PRO B 226 -24.92 -29.85 27.83
N ALA B 227 -25.13 -31.17 27.83
CA ALA B 227 -25.29 -31.92 29.07
C ALA B 227 -23.91 -32.20 29.63
N VAL B 228 -23.78 -32.35 30.94
CA VAL B 228 -22.45 -32.39 31.57
C VAL B 228 -21.75 -33.75 31.44
N PRO B 229 -20.83 -33.89 30.46
CA PRO B 229 -20.33 -35.21 30.07
C PRO B 229 -19.59 -35.97 31.18
N GLN B 230 -19.52 -37.28 31.01
CA GLN B 230 -18.93 -38.18 31.99
C GLN B 230 -17.49 -37.79 32.31
N SER B 231 -16.75 -37.31 31.30
CA SER B 231 -15.41 -36.71 31.53
C SER B 231 -15.22 -35.41 30.72
N PHE B 232 -14.00 -34.87 30.73
CA PHE B 232 -13.75 -33.55 30.15
C PHE B 232 -14.18 -33.42 28.69
N GLN B 233 -14.55 -32.20 28.33
CA GLN B 233 -15.04 -31.89 27.00
C GLN B 233 -15.24 -30.39 26.89
N VAL B 234 -14.65 -29.78 25.86
CA VAL B 234 -14.96 -28.39 25.53
C VAL B 234 -16.16 -28.40 24.60
N ALA B 235 -17.14 -27.55 24.88
CA ALA B 235 -18.35 -27.51 24.07
C ALA B 235 -18.63 -26.07 23.66
N HIS B 236 -19.38 -25.88 22.58
CA HIS B 236 -19.77 -24.55 22.11
C HIS B 236 -21.24 -24.24 22.34
N LEU B 237 -21.55 -22.96 22.51
CA LEU B 237 -22.92 -22.51 22.63
C LEU B 237 -23.12 -21.29 21.77
N HIS B 238 -23.83 -21.46 20.67
CA HIS B 238 -24.18 -20.33 19.81
C HIS B 238 -25.66 -20.00 20.00
N ALA B 239 -25.90 -18.88 20.67
CA ALA B 239 -27.24 -18.44 20.97
C ALA B 239 -27.22 -16.93 20.99
N PRO B 240 -28.32 -16.31 20.53
CA PRO B 240 -28.37 -14.85 20.43
C PRO B 240 -28.42 -14.22 21.81
N THR B 241 -28.09 -12.94 21.93
CA THR B 241 -28.15 -12.30 23.24
C THR B 241 -29.62 -12.22 23.65
N GLY B 242 -29.93 -12.82 24.80
CA GLY B 242 -31.32 -12.99 25.26
C GLY B 242 -31.68 -14.42 25.61
N SER B 243 -30.90 -15.38 25.11
CA SER B 243 -31.12 -16.82 25.35
C SER B 243 -30.80 -17.28 26.79
N GLY B 244 -30.41 -16.35 27.67
CA GLY B 244 -30.01 -16.66 29.02
C GLY B 244 -28.70 -17.44 29.10
N LYS B 245 -27.85 -17.31 28.08
CA LYS B 245 -26.52 -17.99 28.03
C LYS B 245 -25.71 -17.88 29.32
N SER B 246 -25.80 -16.73 29.99
CA SER B 246 -25.07 -16.49 31.23
C SER B 246 -25.99 -16.08 32.39
N THR B 247 -27.27 -16.40 32.26
CA THR B 247 -28.24 -16.32 33.38
C THR B 247 -29.04 -17.62 33.44
N LYS B 248 -29.92 -17.87 32.46
CA LYS B 248 -30.74 -19.10 32.46
C LYS B 248 -29.92 -20.38 32.57
N VAL B 249 -28.94 -20.53 31.69
CA VAL B 249 -28.23 -21.80 31.59
C VAL B 249 -27.40 -22.08 32.84
N PRO B 250 -26.58 -21.12 33.32
CA PRO B 250 -25.92 -21.38 34.60
C PRO B 250 -26.89 -21.70 35.76
N ALA B 251 -28.05 -21.06 35.79
CA ALA B 251 -29.10 -21.40 36.77
C ALA B 251 -29.54 -22.86 36.62
N ALA B 252 -29.77 -23.29 35.38
CA ALA B 252 -30.05 -24.70 35.07
C ALA B 252 -28.99 -25.65 35.64
N TYR B 253 -27.73 -25.41 35.32
CA TYR B 253 -26.63 -26.26 35.79
C TYR B 253 -26.56 -26.36 37.32
N ALA B 254 -26.82 -25.25 38.00
CA ALA B 254 -26.81 -25.20 39.45
C ALA B 254 -28.02 -25.91 40.08
N ALA B 255 -29.18 -25.84 39.43
CA ALA B 255 -30.36 -26.61 39.86
C ALA B 255 -30.13 -28.13 39.67
N GLN B 256 -29.29 -28.49 38.71
CA GLN B 256 -28.82 -29.87 38.53
C GLN B 256 -27.69 -30.19 39.50
N GLY B 257 -27.34 -29.24 40.38
CA GLY B 257 -26.35 -29.45 41.43
C GLY B 257 -24.88 -29.22 41.07
N TYR B 258 -24.62 -28.51 39.97
CA TYR B 258 -23.23 -28.21 39.57
C TYR B 258 -22.75 -26.82 40.02
N LYS B 259 -21.46 -26.74 40.37
CA LYS B 259 -20.79 -25.50 40.75
C LYS B 259 -20.18 -24.84 39.49
N VAL B 260 -20.60 -23.61 39.21
CA VAL B 260 -20.47 -23.02 37.89
C VAL B 260 -19.78 -21.67 37.94
N LEU B 261 -18.70 -21.49 37.17
CA LEU B 261 -18.05 -20.19 36.98
C LEU B 261 -18.42 -19.64 35.61
N VAL B 262 -18.89 -18.40 35.56
CA VAL B 262 -19.26 -17.74 34.32
C VAL B 262 -18.34 -16.57 34.09
N LEU B 263 -17.48 -16.67 33.09
CA LEU B 263 -16.49 -15.62 32.84
C LEU B 263 -17.03 -14.60 31.84
N ASN B 264 -16.69 -13.34 32.04
CA ASN B 264 -17.18 -12.30 31.17
C ASN B 264 -16.14 -11.16 31.06
N PRO B 265 -16.05 -10.51 29.89
CA PRO B 265 -15.11 -9.36 29.76
C PRO B 265 -15.46 -8.10 30.59
N SER B 266 -16.73 -7.70 30.53
CA SER B 266 -17.25 -6.46 31.11
C SER B 266 -17.50 -6.49 32.63
N VAL B 267 -16.97 -5.51 33.35
CA VAL B 267 -17.27 -5.34 34.78
C VAL B 267 -18.71 -4.92 34.96
N ALA B 268 -19.15 -3.97 34.14
CA ALA B 268 -20.53 -3.51 34.20
C ALA B 268 -21.50 -4.70 34.07
N ALA B 269 -21.21 -5.60 33.13
CA ALA B 269 -22.01 -6.81 32.94
C ALA B 269 -21.79 -7.79 34.08
N THR B 270 -20.56 -8.18 34.37
CA THR B 270 -20.32 -9.12 35.47
C THR B 270 -21.12 -8.73 36.71
N LEU B 271 -21.07 -7.44 37.06
CA LEU B 271 -21.75 -6.93 38.25
C LEU B 271 -23.26 -6.99 38.12
N GLY B 272 -23.75 -6.73 36.92
CA GLY B 272 -25.18 -6.63 36.65
C GLY B 272 -25.93 -7.95 36.77
N PHE B 273 -25.22 -9.05 36.54
CA PHE B 273 -25.80 -10.40 36.68
C PHE B 273 -26.05 -10.69 38.14
N GLY B 274 -25.06 -10.41 38.98
CA GLY B 274 -25.23 -10.57 40.41
C GLY B 274 -26.63 -10.17 40.83
N ALA B 275 -27.02 -8.95 40.45
CA ALA B 275 -28.30 -8.36 40.88
C ALA B 275 -29.50 -9.03 40.21
N TYR B 276 -29.43 -9.18 38.90
CA TYR B 276 -30.48 -9.88 38.18
C TYR B 276 -30.72 -11.27 38.76
N MET B 277 -29.66 -11.96 39.15
CA MET B 277 -29.77 -13.29 39.68
C MET B 277 -30.57 -13.30 40.97
N SER B 278 -30.08 -12.59 41.98
CA SER B 278 -30.78 -12.49 43.27
C SER B 278 -32.28 -12.33 43.03
N LYS B 279 -32.64 -11.44 42.10
CA LYS B 279 -34.01 -11.30 41.68
C LYS B 279 -34.48 -12.59 41.00
N ALA B 280 -34.25 -12.71 39.69
CA ALA B 280 -35.02 -13.62 38.82
C ALA B 280 -34.74 -15.13 38.95
N HIS B 281 -33.82 -15.50 39.84
CA HIS B 281 -33.52 -16.91 40.10
C HIS B 281 -33.16 -17.18 41.57
N GLY B 282 -33.44 -16.25 42.47
CA GLY B 282 -33.16 -16.46 43.89
C GLY B 282 -31.87 -17.20 44.18
N ILE B 283 -30.79 -16.81 43.53
CA ILE B 283 -29.43 -17.15 43.99
C ILE B 283 -28.70 -15.83 44.15
N ASP B 284 -28.16 -15.56 45.33
CA ASP B 284 -27.18 -14.49 45.41
C ASP B 284 -25.84 -15.14 45.10
N PRO B 285 -25.35 -14.90 43.88
CA PRO B 285 -24.15 -15.56 43.45
C PRO B 285 -22.95 -14.80 43.92
N ASN B 286 -21.81 -15.45 43.90
CA ASN B 286 -20.54 -14.79 44.12
C ASN B 286 -20.25 -13.87 42.93
N ILE B 287 -19.66 -12.72 43.18
CA ILE B 287 -19.22 -11.82 42.13
C ILE B 287 -17.74 -11.56 42.31
N ARG B 288 -16.98 -11.62 41.23
CA ARG B 288 -15.56 -11.25 41.30
C ARG B 288 -15.15 -10.27 40.20
N THR B 289 -15.03 -9.00 40.57
CA THR B 289 -14.47 -7.98 39.70
C THR B 289 -13.32 -7.26 40.44
N GLY B 290 -12.31 -6.84 39.68
CA GLY B 290 -11.24 -5.99 40.22
C GLY B 290 -11.75 -4.89 41.16
N VAL B 291 -12.65 -4.04 40.68
CA VAL B 291 -13.24 -3.03 41.54
C VAL B 291 -13.84 -3.66 42.83
N ARG B 292 -14.72 -4.65 42.71
CA ARG B 292 -15.54 -5.08 43.84
C ARG B 292 -15.99 -6.53 43.83
N THR B 293 -15.52 -7.37 44.77
CA THR B 293 -15.95 -8.80 44.84
C THR B 293 -16.82 -9.14 46.06
N ILE B 294 -17.59 -10.23 45.94
CA ILE B 294 -18.54 -10.69 46.96
C ILE B 294 -18.50 -12.22 47.05
N THR B 295 -18.39 -12.80 48.23
CA THR B 295 -18.35 -14.26 48.34
C THR B 295 -19.45 -14.80 49.25
N THR B 296 -20.63 -15.00 48.66
CA THR B 296 -21.81 -15.51 49.39
C THR B 296 -21.76 -17.00 49.72
N GLY B 297 -20.75 -17.71 49.25
CA GLY B 297 -20.73 -19.18 49.32
C GLY B 297 -21.44 -19.90 48.17
N ALA B 298 -22.27 -19.16 47.41
CA ALA B 298 -23.19 -19.70 46.38
C ALA B 298 -22.51 -20.63 45.38
N PRO B 299 -23.29 -21.54 44.77
CA PRO B 299 -22.76 -22.48 43.78
C PRO B 299 -22.34 -21.83 42.45
N VAL B 300 -22.91 -20.66 42.10
CA VAL B 300 -22.54 -19.91 40.89
C VAL B 300 -21.70 -18.66 41.17
N THR B 301 -20.60 -18.51 40.44
CA THR B 301 -19.74 -17.34 40.52
C THR B 301 -19.77 -16.60 39.20
N TYR B 302 -19.89 -15.28 39.25
CA TYR B 302 -19.68 -14.46 38.07
C TYR B 302 -18.34 -13.74 38.20
N SER B 303 -17.59 -13.70 37.12
CA SER B 303 -16.26 -13.09 37.19
C SER B 303 -15.81 -12.49 35.86
N THR B 304 -15.04 -11.43 35.95
CA THR B 304 -14.41 -10.87 34.77
C THR B 304 -13.26 -11.80 34.45
N TYR B 305 -12.94 -11.93 33.16
CA TYR B 305 -11.72 -12.61 32.77
C TYR B 305 -10.53 -11.97 33.46
N GLY B 306 -10.56 -10.65 33.56
CA GLY B 306 -9.47 -9.91 34.19
C GLY B 306 -9.18 -10.40 35.60
N LYS B 307 -10.21 -10.40 36.44
CA LYS B 307 -10.05 -10.82 37.81
C LYS B 307 -9.70 -12.31 37.85
N PHE B 308 -10.23 -13.09 36.92
CA PHE B 308 -9.94 -14.51 36.87
C PHE B 308 -8.43 -14.77 36.80
N LEU B 309 -7.77 -14.02 35.91
CA LEU B 309 -6.34 -14.09 35.72
C LEU B 309 -5.60 -13.50 36.91
N ALA B 310 -6.11 -12.40 37.44
CA ALA B 310 -5.53 -11.78 38.63
C ALA B 310 -5.36 -12.77 39.81
N ASP B 311 -6.23 -13.80 39.88
CA ASP B 311 -6.25 -14.77 40.98
C ASP B 311 -5.63 -16.09 40.61
N GLY B 312 -4.62 -16.07 39.74
CA GLY B 312 -3.94 -17.30 39.33
C GLY B 312 -4.82 -18.36 38.70
N GLY B 313 -5.75 -17.95 37.84
CA GLY B 313 -6.58 -18.87 37.05
C GLY B 313 -7.51 -19.79 37.83
N CYS B 314 -7.46 -21.08 37.51
CA CYS B 314 -8.26 -22.08 38.21
C CYS B 314 -7.72 -22.47 39.57
N SER B 315 -8.62 -22.48 40.55
CA SER B 315 -8.38 -23.12 41.84
C SER B 315 -8.98 -24.52 41.76
N GLY B 316 -8.14 -25.53 41.88
CA GLY B 316 -8.57 -26.92 41.76
C GLY B 316 -9.66 -27.27 42.75
N GLY B 317 -10.79 -27.77 42.24
CA GLY B 317 -11.95 -28.18 43.06
C GLY B 317 -13.07 -27.15 43.12
N ALA B 318 -12.79 -25.95 42.63
CA ALA B 318 -13.73 -24.87 42.67
C ALA B 318 -14.98 -25.14 41.83
N TYR B 319 -14.81 -25.63 40.59
CA TYR B 319 -15.94 -25.65 39.61
C TYR B 319 -16.06 -26.87 38.70
N ASP B 320 -17.31 -27.26 38.43
CA ASP B 320 -17.61 -28.37 37.53
C ASP B 320 -17.71 -27.82 36.12
N ILE B 321 -18.52 -26.77 35.93
CA ILE B 321 -18.67 -26.12 34.63
C ILE B 321 -18.02 -24.72 34.59
N ILE B 322 -17.33 -24.42 33.49
CA ILE B 322 -16.84 -23.05 33.25
C ILE B 322 -17.46 -22.51 31.95
N ILE B 323 -18.28 -21.47 32.06
CA ILE B 323 -18.86 -20.85 30.89
C ILE B 323 -18.09 -19.59 30.52
N CYS B 324 -17.46 -19.60 29.35
CA CYS B 324 -16.75 -18.44 28.82
C CYS B 324 -17.65 -17.65 27.89
N ASP B 325 -18.24 -16.57 28.39
CA ASP B 325 -19.14 -15.77 27.59
C ASP B 325 -18.34 -14.79 26.75
N GLU B 326 -18.93 -14.36 25.63
CA GLU B 326 -18.31 -13.41 24.70
C GLU B 326 -16.93 -13.86 24.28
N CYS B 327 -16.81 -15.13 23.93
CA CYS B 327 -15.52 -15.68 23.52
C CYS B 327 -15.16 -15.30 22.10
N HIS B 328 -16.10 -14.70 21.36
CA HIS B 328 -15.80 -14.01 20.10
C HIS B 328 -14.90 -12.79 20.31
N SER B 329 -14.81 -12.34 21.56
CA SER B 329 -13.96 -11.23 21.96
C SER B 329 -12.48 -11.52 21.67
N THR B 330 -11.81 -10.52 21.11
CA THR B 330 -10.42 -10.66 20.73
C THR B 330 -9.58 -9.60 21.45
N ASP B 331 -9.98 -9.25 22.66
CA ASP B 331 -9.12 -8.43 23.46
C ASP B 331 -8.14 -9.36 24.19
N SER B 332 -6.99 -8.81 24.55
CA SER B 332 -5.95 -9.63 25.12
C SER B 332 -6.43 -10.38 26.39
N THR B 333 -7.17 -9.69 27.25
CA THR B 333 -7.64 -10.32 28.48
C THR B 333 -8.64 -11.45 28.26
N THR B 334 -9.51 -11.34 27.27
CA THR B 334 -10.40 -12.46 27.02
C THR B 334 -9.55 -13.61 26.49
N ILE B 335 -8.69 -13.33 25.53
CA ILE B 335 -7.90 -14.38 24.90
C ILE B 335 -7.07 -15.14 25.95
N LEU B 336 -6.29 -14.38 26.72
CA LEU B 336 -5.49 -14.92 27.79
C LEU B 336 -6.34 -15.68 28.81
N GLY B 337 -7.46 -15.09 29.20
CA GLY B 337 -8.38 -15.74 30.10
C GLY B 337 -8.95 -17.06 29.58
N ILE B 338 -9.39 -17.06 28.32
CA ILE B 338 -9.99 -18.25 27.74
C ILE B 338 -8.89 -19.27 27.56
N GLY B 339 -7.70 -18.80 27.21
CA GLY B 339 -6.55 -19.70 27.09
C GLY B 339 -6.34 -20.41 28.40
N THR B 340 -6.17 -19.64 29.47
CA THR B 340 -6.05 -20.18 30.82
C THR B 340 -7.10 -21.22 31.20
N VAL B 341 -8.37 -20.92 30.97
CA VAL B 341 -9.41 -21.88 31.27
C VAL B 341 -9.19 -23.18 30.48
N LEU B 342 -8.90 -23.06 29.19
CA LEU B 342 -8.66 -24.23 28.37
C LEU B 342 -7.39 -24.94 28.85
N ASP B 343 -6.39 -24.18 29.29
CA ASP B 343 -5.16 -24.81 29.74
C ASP B 343 -5.34 -25.56 31.04
N GLN B 344 -6.14 -25.01 31.96
CA GLN B 344 -6.11 -25.48 33.35
C GLN B 344 -7.27 -26.37 33.76
N ALA B 345 -8.46 -26.10 33.23
CA ALA B 345 -9.70 -26.73 33.69
C ALA B 345 -9.75 -28.28 33.65
N GLU B 346 -9.09 -28.96 32.70
CA GLU B 346 -9.10 -30.43 32.76
C GLU B 346 -8.48 -30.85 34.09
N THR B 347 -7.49 -30.09 34.57
CA THR B 347 -6.84 -30.38 35.85
C THR B 347 -7.55 -29.89 37.12
N ALA B 348 -8.26 -28.77 37.05
CA ALA B 348 -8.90 -28.19 38.23
C ALA B 348 -10.17 -28.94 38.64
N GLY B 349 -10.50 -30.00 37.92
CA GLY B 349 -11.65 -30.85 38.24
C GLY B 349 -12.86 -30.66 37.35
N ALA B 350 -12.87 -29.59 36.54
CA ALA B 350 -14.03 -29.28 35.73
C ALA B 350 -14.20 -30.40 34.75
N ARG B 351 -15.45 -30.62 34.34
CA ARG B 351 -15.81 -31.62 33.34
C ARG B 351 -16.37 -30.98 32.06
N LEU B 352 -16.71 -29.69 32.13
CA LEU B 352 -17.25 -28.97 30.99
C LEU B 352 -16.79 -27.51 30.94
N VAL B 353 -16.16 -27.17 29.83
CA VAL B 353 -15.93 -25.79 29.46
C VAL B 353 -16.95 -25.54 28.38
N VAL B 354 -17.59 -24.38 28.42
CA VAL B 354 -18.52 -23.94 27.37
C VAL B 354 -18.05 -22.60 26.78
N LEU B 355 -17.74 -22.60 25.49
CA LEU B 355 -17.41 -21.36 24.79
C LEU B 355 -18.71 -20.80 24.19
N ALA B 356 -19.23 -19.75 24.82
CA ALA B 356 -20.55 -19.22 24.48
C ALA B 356 -20.43 -17.89 23.75
N THR B 357 -21.22 -17.71 22.70
CA THR B 357 -21.17 -16.49 21.90
C THR B 357 -22.37 -16.39 20.94
N ALA B 358 -22.84 -15.18 20.71
CA ALA B 358 -23.89 -14.97 19.72
C ALA B 358 -23.32 -14.95 18.28
N THR B 359 -22.03 -14.62 18.17
CA THR B 359 -21.41 -14.35 16.87
C THR B 359 -20.08 -15.09 16.74
N PRO B 360 -20.12 -16.39 16.42
CA PRO B 360 -18.90 -17.17 16.32
C PRO B 360 -18.17 -16.84 15.01
N PRO B 361 -16.89 -17.23 14.90
CA PRO B 361 -16.09 -16.86 13.72
C PRO B 361 -16.72 -17.31 12.41
N GLY B 362 -16.87 -16.39 11.46
CA GLY B 362 -17.43 -16.73 10.16
C GLY B 362 -18.91 -16.49 10.06
N SER B 363 -19.48 -15.85 11.07
CA SER B 363 -20.91 -15.60 11.10
C SER B 363 -21.24 -14.28 10.40
N VAL B 364 -22.42 -14.25 9.76
CA VAL B 364 -22.88 -13.13 8.94
C VAL B 364 -23.91 -12.27 9.68
N THR B 365 -23.73 -10.95 9.63
CA THR B 365 -24.72 -10.02 10.22
C THR B 365 -26.04 -10.11 9.45
N VAL B 366 -27.02 -10.74 10.07
CA VAL B 366 -28.32 -10.95 9.46
C VAL B 366 -29.41 -10.01 10.03
N PRO B 367 -30.46 -9.73 9.24
CA PRO B 367 -31.66 -9.05 9.72
C PRO B 367 -32.09 -9.45 11.12
N HIS B 368 -32.40 -8.46 11.96
CA HIS B 368 -32.95 -8.66 13.30
C HIS B 368 -34.44 -8.29 13.24
N PRO B 369 -35.34 -9.14 13.77
CA PRO B 369 -36.78 -8.87 13.60
C PRO B 369 -37.31 -7.65 14.38
N ASN B 370 -36.45 -7.05 15.19
CA ASN B 370 -36.82 -5.99 16.12
C ASN B 370 -36.19 -4.62 15.77
N ILE B 371 -35.38 -4.56 14.71
CA ILE B 371 -34.54 -3.38 14.43
C ILE B 371 -34.65 -2.96 12.99
N GLU B 372 -35.29 -1.84 12.74
CA GLU B 372 -35.36 -1.28 11.42
C GLU B 372 -33.96 -0.76 11.13
N GLU B 373 -33.40 -1.11 9.99
CA GLU B 373 -32.08 -0.61 9.58
C GLU B 373 -32.16 0.39 8.42
N VAL B 374 -31.67 1.59 8.64
CA VAL B 374 -31.75 2.63 7.62
C VAL B 374 -30.36 3.16 7.28
N ALA B 375 -30.16 3.54 6.02
CA ALA B 375 -28.90 4.15 5.63
C ALA B 375 -29.02 5.61 5.96
N LEU B 376 -28.01 6.18 6.62
CA LEU B 376 -27.82 7.62 6.62
C LEU B 376 -27.68 8.08 5.18
N SER B 377 -28.24 9.26 4.88
CA SER B 377 -28.12 9.89 3.57
C SER B 377 -27.26 11.16 3.71
N ASN B 378 -27.34 12.06 2.73
CA ASN B 378 -26.58 13.31 2.83
C ASN B 378 -27.36 14.58 3.12
N THR B 379 -28.69 14.46 3.24
CA THR B 379 -29.52 15.60 3.63
C THR B 379 -29.90 15.51 5.12
N GLY B 380 -29.03 16.05 5.99
CA GLY B 380 -29.27 16.21 7.42
C GLY B 380 -28.55 17.44 7.97
N GLU B 381 -28.87 17.86 9.19
CA GLU B 381 -28.29 19.06 9.79
C GLU B 381 -26.89 18.83 10.35
N ILE B 382 -26.52 17.57 10.58
CA ILE B 382 -25.29 17.26 11.32
C ILE B 382 -24.39 16.41 10.46
N PRO B 383 -23.18 16.93 10.12
CA PRO B 383 -22.21 16.11 9.40
C PRO B 383 -21.74 14.95 10.27
N PHE B 384 -21.65 13.77 9.69
CA PHE B 384 -21.26 12.60 10.42
C PHE B 384 -20.65 11.62 9.42
N TYR B 385 -19.31 11.54 9.45
CA TYR B 385 -18.52 10.63 8.61
C TYR B 385 -18.83 10.70 7.13
N GLY B 386 -19.03 11.91 6.61
CA GLY B 386 -19.27 12.05 5.20
C GLY B 386 -20.73 12.09 4.87
N LYS B 387 -21.56 11.50 5.74
CA LYS B 387 -23.00 11.53 5.56
C LYS B 387 -23.54 12.63 6.45
N ALA B 388 -24.84 12.65 6.70
CA ALA B 388 -25.42 13.60 7.63
C ALA B 388 -26.51 12.97 8.51
N ILE B 389 -26.75 13.59 9.67
CA ILE B 389 -27.78 13.16 10.61
C ILE B 389 -28.79 14.28 10.74
N PRO B 390 -30.08 13.97 10.49
CA PRO B 390 -31.14 14.93 10.71
C PRO B 390 -31.32 15.18 12.19
N ILE B 391 -31.53 16.42 12.58
CA ILE B 391 -31.69 16.75 14.01
C ILE B 391 -33.00 16.19 14.58
N GLU B 392 -33.97 16.00 13.69
CA GLU B 392 -35.19 15.27 14.01
C GLU B 392 -34.87 13.90 14.63
N ALA B 393 -34.02 13.14 13.96
CA ALA B 393 -33.66 11.77 14.34
C ALA B 393 -33.15 11.59 15.79
N ILE B 394 -32.59 12.63 16.40
CA ILE B 394 -31.97 12.52 17.74
C ILE B 394 -32.42 13.53 18.80
N ARG B 395 -33.20 14.55 18.43
CA ARG B 395 -33.78 15.45 19.46
C ARG B 395 -34.86 14.67 20.23
N GLY B 396 -34.69 14.57 21.54
CA GLY B 396 -35.56 13.74 22.36
C GLY B 396 -35.39 12.25 22.12
N GLY B 397 -35.56 11.48 23.18
CA GLY B 397 -35.24 10.05 23.20
C GLY B 397 -33.80 9.79 23.60
N ARG B 398 -33.44 8.51 23.64
CA ARG B 398 -32.09 8.11 24.01
C ARG B 398 -31.41 7.45 22.83
N HIS B 399 -30.33 8.06 22.36
CA HIS B 399 -29.65 7.59 21.16
C HIS B 399 -28.16 7.39 21.39
N LEU B 400 -27.57 6.55 20.55
CA LEU B 400 -26.17 6.18 20.66
C LEU B 400 -25.50 6.33 19.32
N ILE B 401 -24.56 7.26 19.26
CA ILE B 401 -23.81 7.47 18.06
C ILE B 401 -22.42 6.93 18.30
N PHE B 402 -22.05 5.86 17.63
CA PHE B 402 -20.66 5.36 17.71
C PHE B 402 -19.66 6.14 16.82
N CYS B 403 -18.53 6.52 17.41
CA CYS B 403 -17.39 7.05 16.68
C CYS B 403 -16.13 6.22 16.89
N HIS B 404 -15.23 6.25 15.92
CA HIS B 404 -13.99 5.48 16.02
C HIS B 404 -13.01 6.07 17.02
N SER B 405 -13.07 7.37 17.27
CA SER B 405 -12.00 8.02 18.03
C SER B 405 -12.53 8.97 19.05
N LYS B 406 -11.84 9.04 20.19
CA LYS B 406 -12.29 9.95 21.22
C LYS B 406 -12.26 11.41 20.74
N LYS B 407 -11.31 11.77 19.90
CA LYS B 407 -11.31 13.12 19.37
C LYS B 407 -12.67 13.38 18.77
N LYS B 408 -13.08 12.54 17.84
CA LYS B 408 -14.28 12.81 17.06
C LYS B 408 -15.56 12.79 17.90
N CYS B 409 -15.50 12.13 19.05
CA CYS B 409 -16.61 12.08 19.97
C CYS B 409 -16.85 13.41 20.63
N ASP B 410 -15.77 13.99 21.15
CA ASP B 410 -15.86 15.26 21.84
C ASP B 410 -16.27 16.34 20.85
N GLU B 411 -15.68 16.28 19.66
CA GLU B 411 -16.04 17.19 18.61
C GLU B 411 -17.56 17.15 18.37
N LEU B 412 -18.12 15.95 18.15
CA LEU B 412 -19.56 15.77 17.90
C LEU B 412 -20.43 16.09 19.15
N ALA B 413 -20.01 15.65 20.32
CA ALA B 413 -20.73 15.99 21.53
C ALA B 413 -20.80 17.52 21.75
N ALA B 414 -19.83 18.27 21.23
CA ALA B 414 -19.90 19.73 21.30
C ALA B 414 -20.96 20.22 20.32
N LYS B 415 -20.76 19.92 19.04
CA LYS B 415 -21.68 20.32 18.01
C LYS B 415 -23.12 20.21 18.53
N LEU B 416 -23.45 19.03 19.08
CA LEU B 416 -24.81 18.74 19.54
C LEU B 416 -25.26 19.61 20.72
N SER B 417 -24.46 19.71 21.78
CA SER B 417 -24.71 20.67 22.86
C SER B 417 -24.84 22.12 22.33
N GLY B 418 -24.07 22.45 21.31
CA GLY B 418 -24.23 23.70 20.57
C GLY B 418 -25.66 23.90 20.13
N LEU B 419 -26.26 22.84 19.56
CA LEU B 419 -27.62 22.89 19.02
C LEU B 419 -28.71 22.65 20.08
N GLY B 420 -28.33 22.66 21.35
CA GLY B 420 -29.29 22.41 22.42
C GLY B 420 -29.65 20.95 22.69
N ILE B 421 -29.20 20.02 21.86
CA ILE B 421 -29.37 18.59 22.17
C ILE B 421 -28.53 18.26 23.40
N ASN B 422 -29.03 17.35 24.23
CA ASN B 422 -28.29 16.87 25.40
C ASN B 422 -27.30 15.77 24.99
N ALA B 423 -26.06 16.15 24.66
CA ALA B 423 -25.04 15.19 24.21
C ALA B 423 -24.03 14.92 25.30
N VAL B 424 -23.45 13.74 25.26
CA VAL B 424 -22.49 13.30 26.25
C VAL B 424 -21.51 12.37 25.54
N ALA B 425 -20.20 12.64 25.64
CA ALA B 425 -19.16 11.75 25.08
C ALA B 425 -18.80 10.72 26.12
N TYR B 426 -18.55 9.48 25.69
CA TYR B 426 -17.95 8.49 26.57
C TYR B 426 -16.87 7.74 25.82
N TYR B 427 -15.73 7.53 26.47
CA TYR B 427 -14.65 6.71 25.92
C TYR B 427 -13.71 6.27 27.04
N ARG B 428 -12.66 5.51 26.71
CA ARG B 428 -11.72 5.07 27.74
C ARG B 428 -11.18 6.29 28.51
N GLY B 429 -11.27 6.23 29.84
CA GLY B 429 -10.78 7.33 30.67
C GLY B 429 -11.92 7.86 31.50
N LEU B 430 -12.85 8.54 30.84
CA LEU B 430 -14.10 9.01 31.45
C LEU B 430 -14.81 7.93 32.27
N ASP B 431 -15.44 8.34 33.38
CA ASP B 431 -16.30 7.43 34.13
C ASP B 431 -17.73 7.36 33.59
N VAL B 432 -18.36 6.22 33.82
CA VAL B 432 -19.59 5.84 33.17
C VAL B 432 -20.81 6.62 33.72
N SER B 433 -20.61 7.33 34.82
CA SER B 433 -21.62 8.22 35.34
C SER B 433 -21.85 9.47 34.47
N VAL B 434 -21.02 9.73 33.46
CA VAL B 434 -21.34 10.82 32.53
C VAL B 434 -22.58 10.48 31.71
N ILE B 435 -22.94 9.20 31.67
CA ILE B 435 -24.12 8.78 30.94
C ILE B 435 -25.30 8.73 31.89
N PRO B 436 -26.24 9.69 31.75
CA PRO B 436 -27.42 9.68 32.60
C PRO B 436 -28.19 8.39 32.37
N THR B 437 -28.53 7.69 33.45
CA THR B 437 -29.18 6.38 33.30
C THR B 437 -30.64 6.53 32.92
N ILE B 438 -31.21 7.71 33.15
CA ILE B 438 -32.59 7.98 32.73
C ILE B 438 -32.58 9.32 31.98
N GLY B 439 -33.61 9.54 31.14
CA GLY B 439 -33.84 10.83 30.48
C GLY B 439 -33.16 11.01 29.13
N ASP B 440 -33.72 11.87 28.29
CA ASP B 440 -33.18 12.10 26.94
C ASP B 440 -31.71 12.40 26.96
N VAL B 441 -31.01 11.89 25.95
CA VAL B 441 -29.56 12.06 25.83
C VAL B 441 -29.09 11.47 24.50
N VAL B 442 -28.07 12.06 23.92
CA VAL B 442 -27.35 11.40 22.83
C VAL B 442 -25.98 11.10 23.41
N VAL B 443 -25.62 9.82 23.40
CA VAL B 443 -24.31 9.37 23.87
C VAL B 443 -23.42 9.13 22.68
N VAL B 444 -22.42 9.98 22.51
CA VAL B 444 -21.43 9.78 21.46
C VAL B 444 -20.30 8.98 22.08
N ALA B 445 -20.09 7.73 21.65
CA ALA B 445 -19.15 6.81 22.33
C ALA B 445 -18.24 6.08 21.37
N THR B 446 -17.08 5.67 21.89
CA THR B 446 -16.23 4.67 21.23
C THR B 446 -16.63 3.32 21.77
N ASP B 447 -15.92 2.29 21.36
CA ASP B 447 -16.27 0.94 21.77
C ASP B 447 -16.07 0.69 23.25
N ALA B 448 -15.28 1.51 23.93
CA ALA B 448 -15.19 1.42 25.39
C ALA B 448 -16.58 1.20 25.96
N LEU B 449 -17.54 1.97 25.47
CA LEU B 449 -18.93 1.83 25.88
C LEU B 449 -19.38 0.38 26.03
N MET B 450 -18.87 -0.54 25.22
CA MET B 450 -19.32 -1.94 25.25
C MET B 450 -19.01 -2.64 26.57
N THR B 451 -17.82 -2.41 27.14
CA THR B 451 -17.43 -3.04 28.40
C THR B 451 -17.67 -2.15 29.59
N GLY B 452 -18.14 -0.92 29.34
CA GLY B 452 -18.29 0.06 30.41
C GLY B 452 -19.69 0.41 30.86
N TYR B 453 -20.70 0.02 30.10
CA TYR B 453 -22.05 0.53 30.31
C TYR B 453 -23.00 -0.48 29.77
N THR B 454 -24.03 -0.84 30.52
CA THR B 454 -24.88 -1.97 30.14
C THR B 454 -26.26 -1.60 29.54
N GLY B 455 -26.70 -0.34 29.67
CA GLY B 455 -28.00 0.09 29.12
C GLY B 455 -28.21 -0.09 27.61
N ASP B 456 -29.46 0.05 27.19
CA ASP B 456 -29.85 0.00 25.76
C ASP B 456 -30.46 1.35 25.27
N PHE B 457 -30.79 1.46 23.99
CA PHE B 457 -31.10 2.77 23.37
C PHE B 457 -32.22 2.72 22.34
N ASP B 458 -32.95 3.82 22.19
CA ASP B 458 -34.06 3.86 21.22
C ASP B 458 -33.50 3.70 19.80
N SER B 459 -32.38 4.35 19.51
CA SER B 459 -31.68 4.16 18.22
C SER B 459 -30.18 4.05 18.38
N VAL B 460 -29.51 3.47 17.39
CA VAL B 460 -28.05 3.51 17.31
C VAL B 460 -27.59 3.99 15.93
N ILE B 461 -26.68 4.95 15.93
CA ILE B 461 -26.06 5.45 14.70
C ILE B 461 -24.60 5.05 14.68
N ASP B 462 -24.20 4.35 13.63
CA ASP B 462 -22.92 3.65 13.55
C ASP B 462 -22.11 4.23 12.38
N CYS B 463 -20.91 4.72 12.69
CA CYS B 463 -19.98 5.21 11.65
C CYS B 463 -19.33 4.09 10.88
N ASN B 464 -19.57 2.86 11.34
CA ASN B 464 -19.12 1.62 10.68
C ASN B 464 -17.61 1.49 10.52
N THR B 465 -16.84 2.03 11.46
CA THR B 465 -15.39 1.88 11.40
C THR B 465 -14.80 1.90 12.79
N CYS B 466 -13.69 1.20 12.97
CA CYS B 466 -12.99 1.14 14.27
C CYS B 466 -11.48 1.25 14.11
N VAL B 467 -10.86 1.78 15.16
CA VAL B 467 -9.43 1.87 15.24
C VAL B 467 -8.90 0.51 15.63
N THR B 468 -7.78 0.15 15.04
CA THR B 468 -7.15 -1.13 15.31
C THR B 468 -5.65 -0.97 15.29
N GLN B 469 -4.97 -1.94 15.90
CA GLN B 469 -3.52 -1.92 16.01
C GLN B 469 -2.96 -3.00 15.16
N THR B 470 -1.95 -2.65 14.39
CA THR B 470 -1.47 -3.54 13.38
C THR B 470 0.05 -3.51 13.48
N VAL B 471 0.62 -4.67 13.80
CA VAL B 471 2.08 -4.80 13.90
C VAL B 471 2.62 -4.99 12.50
N ASP B 472 3.74 -4.34 12.20
CA ASP B 472 4.40 -4.42 10.90
C ASP B 472 5.86 -4.80 11.15
N PHE B 473 6.34 -5.88 10.57
CA PHE B 473 7.74 -6.28 10.78
C PHE B 473 8.64 -5.51 9.83
N SER B 474 8.84 -4.24 10.15
CA SER B 474 9.44 -3.27 9.27
C SER B 474 10.98 -3.30 9.22
N LEU B 475 11.59 -3.94 10.21
CA LEU B 475 13.03 -4.04 10.30
C LEU B 475 13.70 -2.66 10.29
N ASP B 476 13.12 -1.71 11.01
CA ASP B 476 13.61 -0.33 10.99
C ASP B 476 13.64 0.31 12.39
N PRO B 477 14.22 -0.38 13.39
CA PRO B 477 15.07 -1.55 13.32
C PRO B 477 14.43 -2.90 13.53
N THR B 478 13.22 -2.92 14.08
CA THR B 478 12.62 -4.17 14.56
C THR B 478 11.20 -4.29 14.00
N PHE B 479 10.19 -4.17 14.86
CA PHE B 479 8.80 -4.15 14.43
C PHE B 479 8.19 -2.83 14.83
N THR B 480 7.00 -2.56 14.29
CA THR B 480 6.25 -1.31 14.57
C THR B 480 4.84 -1.70 14.90
N ILE B 481 4.17 -0.90 15.72
CA ILE B 481 2.72 -1.04 16.02
C ILE B 481 2.01 0.25 15.63
N GLU B 482 1.28 0.20 14.53
CA GLU B 482 0.56 1.37 14.02
C GLU B 482 -0.89 1.27 14.41
N THR B 483 -1.50 2.41 14.64
CA THR B 483 -2.94 2.51 14.72
C THR B 483 -3.49 2.69 13.32
N THR B 484 -4.73 2.25 13.10
CA THR B 484 -5.36 2.40 11.80
C THR B 484 -6.88 2.36 11.92
N THR B 485 -7.55 3.36 11.35
CA THR B 485 -8.98 3.32 11.15
C THR B 485 -9.28 2.27 10.13
N VAL B 486 -10.11 1.30 10.48
CA VAL B 486 -10.44 0.24 9.51
C VAL B 486 -11.94 0.00 9.52
N PRO B 487 -12.48 -0.47 8.38
CA PRO B 487 -13.84 -1.00 8.29
C PRO B 487 -14.18 -1.93 9.45
N GLN B 488 -15.39 -1.82 9.97
CA GLN B 488 -15.79 -2.66 11.08
C GLN B 488 -16.02 -4.08 10.60
N ASP B 489 -15.73 -5.05 11.46
CA ASP B 489 -16.01 -6.44 11.14
C ASP B 489 -17.43 -6.71 11.53
N ALA B 490 -17.90 -7.90 11.20
CA ALA B 490 -19.31 -8.23 11.34
C ALA B 490 -19.70 -8.46 12.80
N VAL B 491 -18.73 -8.84 13.63
CA VAL B 491 -19.00 -8.99 15.06
C VAL B 491 -19.28 -7.61 15.63
N SER B 492 -18.39 -6.65 15.40
CA SER B 492 -18.59 -5.28 15.85
C SER B 492 -19.94 -4.71 15.44
N ARG B 493 -20.30 -4.86 14.16
CA ARG B 493 -21.57 -4.33 13.66
C ARG B 493 -22.71 -4.92 14.45
N SER B 494 -22.58 -6.19 14.81
CA SER B 494 -23.64 -6.83 15.55
C SER B 494 -23.63 -6.41 17.04
N GLN B 495 -22.47 -6.21 17.65
CA GLN B 495 -22.43 -5.64 19.02
C GLN B 495 -23.00 -4.22 19.02
N ARG B 496 -22.51 -3.38 18.13
CA ARG B 496 -23.01 -2.02 18.01
C ARG B 496 -24.52 -1.94 17.75
N ARG B 497 -25.00 -2.67 16.77
CA ARG B 497 -26.42 -2.57 16.38
C ARG B 497 -27.30 -3.18 17.46
N GLY B 498 -26.80 -4.22 18.12
CA GLY B 498 -27.52 -4.84 19.21
C GLY B 498 -27.58 -4.05 20.50
N ARG B 499 -27.24 -2.78 20.50
CA ARG B 499 -27.55 -1.91 21.65
C ARG B 499 -28.93 -1.22 21.54
N THR B 500 -29.62 -1.47 20.43
CA THR B 500 -31.02 -1.08 20.21
C THR B 500 -31.75 -2.39 19.89
N GLY B 501 -33.06 -2.42 20.08
CA GLY B 501 -33.87 -3.58 19.75
C GLY B 501 -34.05 -4.62 20.85
N ARG B 502 -33.61 -4.36 22.07
CA ARG B 502 -33.67 -5.37 23.14
C ARG B 502 -35.06 -5.49 23.82
N GLY B 503 -35.94 -6.31 23.23
CA GLY B 503 -37.31 -6.47 23.73
C GLY B 503 -38.18 -5.25 23.51
N ARG B 504 -37.85 -4.47 22.49
CA ARG B 504 -38.50 -3.19 22.21
C ARG B 504 -37.88 -2.71 20.93
N ARG B 505 -38.54 -1.81 20.20
CA ARG B 505 -38.13 -1.59 18.81
C ARG B 505 -36.95 -0.65 18.69
N GLY B 506 -36.18 -0.77 17.61
CA GLY B 506 -34.97 0.01 17.42
C GLY B 506 -34.67 0.45 16.00
N ILE B 507 -34.10 1.63 15.85
CA ILE B 507 -33.60 2.06 14.56
C ILE B 507 -32.10 1.91 14.61
N TYR B 508 -31.50 1.51 13.53
CA TYR B 508 -30.06 1.42 13.44
C TYR B 508 -29.72 2.16 12.17
N ARG B 509 -28.99 3.24 12.32
CA ARG B 509 -28.60 4.05 11.17
C ARG B 509 -27.18 3.79 10.88
N PHE B 510 -26.81 3.69 9.61
CA PHE B 510 -25.42 3.38 9.29
C PHE B 510 -24.90 4.27 8.20
N VAL B 511 -23.59 4.46 8.22
CA VAL B 511 -22.90 5.21 7.17
C VAL B 511 -22.70 4.31 5.96
N THR B 512 -22.56 3.01 6.17
CA THR B 512 -22.13 2.09 5.11
C THR B 512 -22.49 0.61 5.40
N PRO B 513 -22.88 -0.15 4.35
CA PRO B 513 -23.38 -1.52 4.56
C PRO B 513 -22.31 -2.59 4.80
N GLY B 514 -21.06 -2.29 4.46
CA GLY B 514 -19.98 -3.29 4.59
C GLY B 514 -19.69 -3.88 5.97
N GLU B 515 -19.41 -5.18 5.98
CA GLU B 515 -18.66 -5.81 7.07
C GLU B 515 -17.34 -6.28 6.51
N ARG B 516 -16.33 -6.34 7.35
CA ARG B 516 -15.11 -7.08 7.06
C ARG B 516 -15.41 -8.46 7.68
N PRO B 517 -14.71 -9.51 7.25
CA PRO B 517 -15.00 -10.82 7.86
C PRO B 517 -14.49 -10.99 9.31
N SER B 518 -15.26 -11.74 10.08
CA SER B 518 -15.10 -11.79 11.54
C SER B 518 -14.30 -13.01 12.02
N GLY B 519 -13.65 -12.86 13.18
CA GLY B 519 -13.03 -13.99 13.87
C GLY B 519 -11.57 -14.19 13.55
N MET B 520 -10.94 -13.13 13.06
CA MET B 520 -9.51 -13.16 12.82
C MET B 520 -8.96 -11.99 13.62
N PHE B 521 -7.78 -12.16 14.21
CA PHE B 521 -7.17 -11.03 14.87
C PHE B 521 -5.70 -10.86 14.53
N ASP B 522 -5.18 -9.68 14.79
CA ASP B 522 -3.85 -9.32 14.36
C ASP B 522 -2.86 -9.86 15.39
N SER B 523 -1.65 -10.13 14.93
CA SER B 523 -0.56 -10.59 15.79
C SER B 523 -0.28 -9.62 16.94
N SER B 524 -0.64 -8.36 16.77
CA SER B 524 -0.42 -7.40 17.80
C SER B 524 -1.29 -7.74 18.99
N VAL B 525 -2.43 -8.38 18.77
CA VAL B 525 -3.25 -8.85 19.92
C VAL B 525 -2.46 -9.84 20.78
N LEU B 526 -1.71 -10.73 20.13
CA LEU B 526 -0.79 -11.62 20.86
C LEU B 526 0.29 -10.84 21.58
N CYS B 527 0.90 -9.91 20.87
CA CYS B 527 1.83 -9.04 21.50
C CYS B 527 1.25 -8.44 22.78
N GLU B 528 0.03 -7.91 22.70
CA GLU B 528 -0.68 -7.36 23.86
C GLU B 528 -0.85 -8.34 25.01
N CYS B 529 -1.05 -9.62 24.68
CA CYS B 529 -1.20 -10.63 25.71
C CYS B 529 0.03 -10.80 26.54
N TYR B 530 1.19 -10.85 25.90
CA TYR B 530 2.45 -10.95 26.63
C TYR B 530 2.69 -9.70 27.46
N ASP B 531 2.45 -8.55 26.85
CA ASP B 531 2.57 -7.30 27.53
C ASP B 531 1.73 -7.36 28.80
N ALA B 532 0.42 -7.61 28.65
CA ALA B 532 -0.49 -7.89 29.77
C ALA B 532 0.01 -8.96 30.77
N GLY B 533 0.44 -10.12 30.27
CA GLY B 533 1.07 -11.12 31.10
C GLY B 533 2.12 -10.54 32.06
N CYS B 534 3.03 -9.72 31.55
CA CYS B 534 4.05 -9.08 32.40
C CYS B 534 3.48 -7.95 33.21
N ALA B 535 2.81 -7.02 32.55
CA ALA B 535 2.33 -5.84 33.20
C ALA B 535 1.50 -6.18 34.45
N TRP B 536 0.53 -7.09 34.32
CA TRP B 536 -0.58 -7.22 35.28
C TRP B 536 -0.69 -8.52 36.02
N TYR B 537 -0.35 -9.62 35.38
CA TYR B 537 -0.66 -10.93 35.92
C TYR B 537 0.56 -11.77 36.26
N GLU B 538 1.72 -11.15 36.41
CA GLU B 538 2.94 -11.86 36.79
C GLU B 538 3.11 -13.22 36.06
N LEU B 539 2.89 -13.23 34.74
CA LEU B 539 3.10 -14.43 33.93
C LEU B 539 4.40 -14.27 33.18
N THR B 540 5.25 -15.28 33.25
CA THR B 540 6.47 -15.34 32.44
C THR B 540 6.05 -15.57 30.99
N PRO B 541 6.82 -15.05 30.04
CA PRO B 541 6.36 -15.21 28.66
C PRO B 541 6.14 -16.68 28.26
N ALA B 542 6.87 -17.62 28.87
CA ALA B 542 6.70 -19.05 28.53
C ALA B 542 5.40 -19.65 29.07
N GLU B 543 4.86 -19.07 30.15
CA GLU B 543 3.56 -19.49 30.68
C GLU B 543 2.42 -18.85 29.88
N THR B 544 2.54 -17.57 29.50
CA THR B 544 1.60 -16.93 28.57
C THR B 544 1.45 -17.73 27.26
N SER B 545 2.59 -18.19 26.73
CA SER B 545 2.63 -19.02 25.54
C SER B 545 1.80 -20.28 25.64
N VAL B 546 1.87 -20.94 26.79
CA VAL B 546 1.19 -22.22 26.98
C VAL B 546 -0.32 -21.99 26.92
N ARG B 547 -0.74 -20.87 27.49
CA ARG B 547 -2.16 -20.52 27.54
C ARG B 547 -2.66 -20.04 26.20
N LEU B 548 -1.87 -19.24 25.49
CA LEU B 548 -2.22 -18.81 24.13
C LEU B 548 -2.28 -20.01 23.20
N ARG B 549 -1.36 -20.94 23.40
CA ARG B 549 -1.27 -22.15 22.58
C ARG B 549 -2.48 -23.04 22.82
N ALA B 550 -3.06 -22.99 24.02
CA ALA B 550 -4.31 -23.67 24.31
C ALA B 550 -5.46 -23.02 23.52
N TYR B 551 -5.46 -21.68 23.45
CA TYR B 551 -6.45 -20.91 22.69
C TYR B 551 -6.41 -21.25 21.22
N LEU B 552 -5.19 -21.17 20.67
CA LEU B 552 -4.95 -21.38 19.24
C LEU B 552 -5.34 -22.78 18.78
N ASN B 553 -5.10 -23.77 19.63
CA ASN B 553 -5.33 -25.16 19.30
C ASN B 553 -6.71 -25.64 19.69
N THR B 554 -7.59 -24.75 20.14
CA THR B 554 -9.00 -25.10 20.29
C THR B 554 -9.72 -24.60 19.06
N PRO B 555 -10.47 -25.50 18.40
CA PRO B 555 -11.30 -25.07 17.28
C PRO B 555 -12.51 -24.28 17.75
N GLY B 556 -13.02 -23.40 16.88
CA GLY B 556 -14.22 -22.60 17.13
C GLY B 556 -14.00 -21.24 17.77
N LEU B 557 -12.74 -20.85 17.94
CA LEU B 557 -12.39 -19.53 18.43
C LEU B 557 -11.88 -18.64 17.28
N PRO B 558 -11.85 -17.32 17.51
CA PRO B 558 -11.12 -16.46 16.58
C PRO B 558 -9.71 -17.00 16.28
N VAL B 559 -9.19 -16.70 15.11
CA VAL B 559 -7.92 -17.25 14.66
C VAL B 559 -6.93 -16.16 14.41
N CYS B 560 -5.68 -16.58 14.27
CA CYS B 560 -4.52 -15.72 14.41
C CYS B 560 -3.36 -16.41 13.79
N GLN B 561 -2.47 -15.69 13.12
CA GLN B 561 -1.30 -16.34 12.57
C GLN B 561 -0.43 -16.79 13.75
N ASP B 562 0.19 -17.97 13.66
CA ASP B 562 0.93 -18.52 14.80
C ASP B 562 2.29 -17.83 14.99
N HIS B 563 2.31 -16.81 15.84
CA HIS B 563 3.54 -16.09 16.15
C HIS B 563 3.85 -16.16 17.63
N LEU B 564 3.44 -17.23 18.29
CA LEU B 564 3.66 -17.34 19.71
C LEU B 564 5.15 -17.29 20.05
N GLU B 565 5.96 -18.12 19.39
CA GLU B 565 7.41 -18.14 19.69
C GLU B 565 8.12 -16.80 19.44
N PHE B 566 7.83 -16.18 18.31
CA PHE B 566 8.37 -14.85 18.03
C PHE B 566 8.21 -13.85 19.16
N TRP B 567 6.98 -13.71 19.64
CA TRP B 567 6.70 -12.74 20.68
C TRP B 567 7.28 -13.19 22.01
N GLU B 568 7.22 -14.50 22.26
CA GLU B 568 7.78 -15.03 23.49
C GLU B 568 9.24 -14.68 23.62
N SER B 569 9.95 -14.81 22.49
CA SER B 569 11.37 -14.58 22.50
C SER B 569 11.69 -13.12 22.78
N VAL B 570 10.91 -12.20 22.22
CA VAL B 570 11.22 -10.78 22.43
C VAL B 570 10.94 -10.36 23.86
N PHE B 571 9.95 -10.97 24.49
CA PHE B 571 9.61 -10.59 25.87
C PHE B 571 10.56 -11.26 26.84
N THR B 572 10.93 -12.51 26.51
CA THR B 572 12.02 -13.21 27.19
C THR B 572 13.23 -12.29 27.41
N GLY B 573 13.64 -11.56 26.38
CA GLY B 573 14.74 -10.62 26.50
C GLY B 573 14.50 -9.32 27.25
N LEU B 574 13.25 -8.95 27.52
CA LEU B 574 12.99 -7.66 28.16
C LEU B 574 13.12 -7.75 29.70
N THR B 575 14.36 -7.74 30.18
CA THR B 575 14.62 -8.02 31.61
C THR B 575 15.00 -6.77 32.39
N HIS B 576 14.92 -6.90 33.71
CA HIS B 576 15.23 -5.81 34.61
C HIS B 576 14.54 -4.52 34.17
N ILE B 577 13.22 -4.59 33.99
CA ILE B 577 12.41 -3.39 33.77
C ILE B 577 12.46 -2.53 35.02
N ASP B 578 12.23 -1.23 34.86
CA ASP B 578 12.09 -0.34 36.00
C ASP B 578 10.66 -0.39 36.55
N ALA B 579 10.50 -0.91 37.76
CA ALA B 579 9.18 -0.99 38.40
C ALA B 579 8.45 0.35 38.35
N HIS B 580 9.13 1.44 38.70
CA HIS B 580 8.46 2.72 38.78
C HIS B 580 7.91 3.22 37.45
N PHE B 581 8.53 2.83 36.36
CA PHE B 581 8.03 3.23 35.05
C PHE B 581 6.85 2.37 34.67
N LEU B 582 6.96 1.06 34.91
CA LEU B 582 5.83 0.15 34.76
C LEU B 582 4.61 0.70 35.49
N SER B 583 4.86 1.24 36.67
CA SER B 583 3.82 1.81 37.49
C SER B 583 3.04 2.83 36.70
N GLN B 584 3.71 3.88 36.25
CA GLN B 584 3.03 5.04 35.63
C GLN B 584 2.34 4.71 34.33
N THR B 585 2.85 3.75 33.58
CA THR B 585 2.20 3.34 32.33
C THR B 585 0.95 2.48 32.56
N LYS B 586 0.94 1.69 33.63
CA LYS B 586 -0.30 1.03 34.09
C LYS B 586 -1.29 2.08 34.55
N GLN B 587 -0.92 2.85 35.56
CA GLN B 587 -1.72 4.02 35.96
C GLN B 587 -2.38 4.71 34.76
N ALA B 588 -1.58 5.27 33.86
CA ALA B 588 -2.09 5.99 32.69
C ALA B 588 -2.90 5.06 31.76
N GLY B 589 -2.57 3.77 31.79
CA GLY B 589 -3.35 2.73 31.13
C GLY B 589 -3.64 2.89 29.64
N ASP B 590 -2.63 3.27 28.87
CA ASP B 590 -2.70 3.16 27.41
C ASP B 590 -2.08 1.79 27.06
N ASN B 591 -2.00 1.46 25.78
CA ASN B 591 -1.63 0.10 25.39
C ASN B 591 -0.15 -0.16 25.58
N PHE B 592 0.19 -1.44 25.57
CA PHE B 592 1.57 -1.87 25.67
C PHE B 592 2.29 -1.21 26.82
N PRO B 593 1.70 -1.25 28.02
CA PRO B 593 2.37 -0.56 29.12
C PRO B 593 3.79 -1.09 29.33
N TYR B 594 3.98 -2.38 29.12
CA TYR B 594 5.26 -2.99 29.38
C TYR B 594 6.35 -2.59 28.37
N LEU B 595 6.02 -2.56 27.08
CA LEU B 595 6.94 -2.08 26.05
C LEU B 595 7.25 -0.60 26.22
N VAL B 596 6.22 0.19 26.51
CA VAL B 596 6.38 1.64 26.71
C VAL B 596 7.26 1.93 27.92
N ALA B 597 7.11 1.11 28.96
CA ALA B 597 7.93 1.22 30.14
C ALA B 597 9.36 0.78 29.84
N TYR B 598 9.50 -0.32 29.11
CA TYR B 598 10.81 -0.86 28.84
C TYR B 598 11.64 0.02 27.91
N GLN B 599 11.01 0.70 26.96
CA GLN B 599 11.74 1.70 26.19
C GLN B 599 12.13 2.77 27.19
N ALA B 600 11.12 3.33 27.85
CA ALA B 600 11.33 4.37 28.85
C ALA B 600 12.52 4.04 29.72
N THR B 601 12.56 2.82 30.26
CA THR B 601 13.67 2.32 31.07
C THR B 601 15.02 2.48 30.37
N VAL B 602 15.25 1.70 29.32
CA VAL B 602 16.48 1.78 28.53
C VAL B 602 16.92 3.23 28.22
N CYS B 603 15.98 4.08 27.85
CA CYS B 603 16.23 5.53 27.64
C CYS B 603 16.87 6.24 28.83
N ALA B 604 16.50 5.81 30.03
CA ALA B 604 16.95 6.40 31.28
C ALA B 604 18.31 5.82 31.65
N ARG B 605 18.54 4.55 31.36
CA ARG B 605 19.85 3.96 31.60
C ARG B 605 20.87 4.36 30.51
N ALA B 606 20.72 5.56 29.96
CA ALA B 606 21.57 6.06 28.90
C ALA B 606 21.34 7.55 28.70
N GLN B 607 21.13 8.29 29.80
CA GLN B 607 20.53 9.66 29.80
C GLN B 607 19.95 10.12 28.45
N ALA B 608 19.36 9.17 27.72
CA ALA B 608 18.99 9.31 26.32
C ALA B 608 17.53 9.66 26.27
N PRO B 609 17.15 10.65 25.44
CA PRO B 609 15.75 11.05 25.36
C PRO B 609 14.82 9.98 24.72
N PRO B 610 13.50 10.16 24.85
CA PRO B 610 12.50 9.27 24.24
C PRO B 610 12.23 9.55 22.75
N PRO B 611 11.73 8.54 22.02
CA PRO B 611 11.35 8.75 20.63
C PRO B 611 10.75 10.12 20.37
N SER B 612 9.87 10.59 21.25
CA SER B 612 9.22 11.87 21.06
C SER B 612 8.71 12.37 22.40
N TRP B 613 8.08 13.55 22.40
CA TRP B 613 7.57 14.13 23.63
C TRP B 613 6.05 14.15 23.74
N ASP B 614 5.39 13.30 22.97
CA ASP B 614 3.94 13.17 23.10
C ASP B 614 3.62 12.49 24.45
N GLN B 615 2.33 12.31 24.71
CA GLN B 615 1.81 11.78 25.99
C GLN B 615 2.53 10.51 26.46
N MET B 616 2.67 9.57 25.52
CA MET B 616 3.28 8.28 25.78
C MET B 616 4.50 8.35 26.69
N TRP B 617 5.36 9.33 26.42
CA TRP B 617 6.62 9.50 27.15
C TRP B 617 6.48 10.71 28.04
N LYS B 618 5.35 10.81 28.74
CA LYS B 618 5.20 11.81 29.79
C LYS B 618 5.87 11.28 31.04
N CYS B 619 5.92 9.95 31.19
CA CYS B 619 6.53 9.38 32.37
C CYS B 619 8.00 9.76 32.43
N LEU B 620 8.47 10.53 31.44
CA LEU B 620 9.83 11.08 31.44
C LEU B 620 9.90 12.62 31.57
N ILE B 621 8.79 13.32 31.32
CA ILE B 621 8.77 14.80 31.33
C ILE B 621 9.64 15.38 32.45
N ARG B 622 9.48 14.83 33.65
CA ARG B 622 10.28 15.29 34.81
C ARG B 622 11.80 15.23 34.60
N LEU B 623 12.28 14.50 33.59
CA LEU B 623 13.72 14.44 33.29
C LEU B 623 14.09 15.09 31.94
N LYS B 624 13.13 15.81 31.34
CA LYS B 624 13.29 16.34 30.00
C LYS B 624 14.57 17.17 29.81
N PRO B 625 14.83 18.18 30.67
CA PRO B 625 16.02 19.00 30.42
C PRO B 625 17.32 18.30 30.79
N THR B 626 17.24 17.07 31.29
CA THR B 626 18.41 16.31 31.69
C THR B 626 18.97 15.45 30.54
N LEU B 627 18.08 14.82 29.76
CA LEU B 627 18.45 13.85 28.70
C LEU B 627 18.87 14.51 27.39
N HIS B 628 19.90 13.93 26.74
CA HIS B 628 20.41 14.40 25.43
C HIS B 628 21.10 13.27 24.66
N GLY B 629 21.00 13.31 23.34
CA GLY B 629 21.61 12.28 22.48
C GLY B 629 20.60 11.57 21.59
N PRO B 630 21.01 10.44 20.98
CA PRO B 630 20.12 9.62 20.17
C PRO B 630 19.36 8.59 21.01
N THR B 631 18.11 8.35 20.67
CA THR B 631 17.28 7.35 21.35
C THR B 631 17.72 5.93 21.03
N PRO B 632 17.99 5.12 22.05
CA PRO B 632 18.27 3.71 21.80
C PRO B 632 16.99 2.91 21.52
N LEU B 633 16.61 2.82 20.26
CA LEU B 633 15.28 2.39 19.87
C LEU B 633 15.15 0.86 19.76
N LEU B 634 14.11 0.32 20.38
CA LEU B 634 13.88 -1.13 20.45
C LEU B 634 12.81 -1.58 19.45
N TYR B 635 11.94 -0.64 19.12
CA TYR B 635 10.74 -0.86 18.30
C TYR B 635 9.97 0.45 18.23
N ARG B 636 9.12 0.55 17.25
CA ARG B 636 8.39 1.76 17.02
C ARG B 636 6.96 1.58 17.49
N LEU B 637 6.57 2.33 18.51
CA LEU B 637 5.19 2.32 19.01
C LEU B 637 4.52 3.63 18.67
N GLY B 638 5.15 4.46 17.84
CA GLY B 638 4.54 5.70 17.42
C GLY B 638 5.47 6.46 16.52
N ALA B 639 5.22 7.77 16.43
CA ALA B 639 6.11 8.67 15.68
C ALA B 639 7.39 8.82 16.47
N VAL B 640 8.52 8.61 15.79
CA VAL B 640 9.82 8.81 16.39
C VAL B 640 10.31 10.14 15.85
N GLN B 641 10.64 11.07 16.74
CA GLN B 641 11.07 12.41 16.33
C GLN B 641 12.49 12.71 16.78
N ASN B 642 13.33 11.71 16.94
CA ASN B 642 14.65 11.94 17.49
C ASN B 642 15.68 11.18 16.68
N GLU B 643 16.94 11.61 16.80
CA GLU B 643 18.04 10.80 16.31
C GLU B 643 17.87 9.46 17.00
N VAL B 644 18.26 8.39 16.32
CA VAL B 644 18.15 7.07 16.89
C VAL B 644 19.44 6.29 16.65
N THR B 645 20.00 5.76 17.73
CA THR B 645 21.10 4.81 17.64
C THR B 645 20.54 3.41 17.83
N LEU B 646 21.13 2.46 17.10
CA LEU B 646 20.71 1.06 17.10
C LEU B 646 21.68 0.19 17.88
N THR B 647 22.67 0.81 18.51
CA THR B 647 23.79 0.04 19.05
C THR B 647 23.56 -0.53 20.45
N HIS B 648 22.32 -0.48 20.98
CA HIS B 648 22.03 -1.05 22.30
C HIS B 648 21.95 -2.58 22.26
N PRO B 649 22.52 -3.25 23.27
CA PRO B 649 22.47 -4.73 23.24
C PRO B 649 21.08 -5.34 23.09
N ILE B 650 20.07 -4.78 23.77
CA ILE B 650 18.68 -5.28 23.64
C ILE B 650 18.14 -5.10 22.22
N THR B 651 18.27 -3.90 21.65
CA THR B 651 17.86 -3.67 20.26
C THR B 651 18.35 -4.78 19.36
N LYS B 652 19.64 -5.09 19.48
CA LYS B 652 20.27 -6.19 18.75
C LYS B 652 19.60 -7.54 19.05
N TYR B 653 19.31 -7.81 20.32
CA TYR B 653 18.63 -9.06 20.66
C TYR B 653 17.30 -9.16 19.90
N ILE B 654 16.54 -8.07 19.93
CA ILE B 654 15.25 -8.00 19.23
C ILE B 654 15.49 -8.24 17.74
N MET B 655 16.43 -7.54 17.12
CA MET B 655 16.71 -7.75 15.68
C MET B 655 17.02 -9.21 15.40
N ALA B 656 17.72 -9.87 16.32
CA ALA B 656 17.97 -11.31 16.18
C ALA B 656 16.67 -12.10 16.31
N CYS B 657 15.77 -11.67 17.20
CA CYS B 657 14.42 -12.28 17.27
C CYS B 657 13.64 -12.20 15.94
N MET B 658 13.92 -11.19 15.14
CA MET B 658 13.27 -10.98 13.84
C MET B 658 13.66 -12.03 12.78
N SER B 659 14.72 -12.78 13.04
CA SER B 659 15.16 -13.82 12.10
C SER B 659 14.32 -15.09 12.23
N ALA B 660 13.26 -15.02 13.03
CA ALA B 660 12.37 -16.15 13.26
C ALA B 660 11.53 -16.46 12.03
N ASP B 661 11.15 -17.72 11.86
CA ASP B 661 10.15 -18.08 10.85
C ASP B 661 8.85 -17.36 11.22
N LEU B 662 8.27 -16.63 10.27
CA LEU B 662 7.00 -15.94 10.52
C LEU B 662 5.98 -16.29 9.43
N GLU B 663 4.97 -17.07 9.80
CA GLU B 663 3.81 -17.30 8.94
C GLU B 663 3.20 -15.94 8.58
N VAL B 664 3.12 -15.61 7.29
CA VAL B 664 2.38 -14.41 6.86
C VAL B 664 1.36 -14.77 5.82
N VAL B 665 0.23 -14.04 5.79
CA VAL B 665 -0.78 -14.29 4.77
C VAL B 665 -0.40 -13.69 3.44
N THR B 666 -0.76 -14.43 2.40
CA THR B 666 -0.39 -14.15 1.03
C THR B 666 -1.56 -14.49 0.09
N LEU B 667 -1.44 -14.86 -1.08
N GLY B 668 -21.68 -7.11 -0.64
CA GLY B 668 -20.92 -7.34 -1.90
C GLY B 668 -20.34 -8.74 -2.07
N SER B 669 -20.31 -9.23 -3.31
CA SER B 669 -19.89 -10.61 -3.58
C SER B 669 -18.47 -10.70 -4.13
N VAL B 670 -17.85 -11.86 -3.93
CA VAL B 670 -16.61 -12.18 -4.59
C VAL B 670 -16.93 -12.43 -6.07
N VAL B 671 -16.04 -11.92 -6.93
CA VAL B 671 -16.23 -11.95 -8.41
C VAL B 671 -15.03 -12.59 -9.08
N ILE B 672 -15.31 -13.42 -10.10
CA ILE B 672 -14.27 -14.01 -10.95
C ILE B 672 -13.82 -13.00 -12.03
N VAL B 673 -12.54 -12.61 -11.94
CA VAL B 673 -11.96 -11.61 -12.84
C VAL B 673 -11.07 -12.21 -13.91
N GLY B 674 -10.70 -13.48 -13.76
CA GLY B 674 -9.74 -14.10 -14.66
C GLY B 674 -9.58 -15.57 -14.31
N ARG B 675 -8.60 -16.22 -14.92
CA ARG B 675 -8.37 -17.64 -14.67
C ARG B 675 -7.00 -18.06 -15.14
N ILE B 676 -6.51 -19.17 -14.58
CA ILE B 676 -5.17 -19.70 -14.84
C ILE B 676 -5.35 -21.07 -15.45
N ILE B 677 -4.86 -21.24 -16.69
CA ILE B 677 -5.02 -22.47 -17.45
C ILE B 677 -3.77 -23.33 -17.34
N LEU B 678 -3.95 -24.59 -16.93
CA LEU B 678 -2.85 -25.51 -16.70
C LEU B 678 -2.55 -26.29 -17.97
N SER B 679 -1.27 -26.63 -18.18
CA SER B 679 -0.82 -27.44 -19.33
C SER B 679 -1.91 -28.33 -19.96
N SER B 681 4.54 -32.35 -17.91
CA SER B 681 5.09 -31.49 -16.86
C SER B 681 4.47 -30.09 -16.89
S SO4 C . 27.86 6.09 -26.46
O1 SO4 C . 26.66 6.28 -25.65
O2 SO4 C . 27.85 7.00 -27.59
O3 SO4 C . 29.07 6.29 -25.63
O4 SO4 C . 27.87 4.73 -26.99
N13 20L D . 7.97 21.71 -8.02
C15 20L D . 8.73 20.73 -8.84
C22 20L D . 7.48 12.18 -8.26
C21 20L D . 6.19 12.53 -7.93
C20 20L D . 5.67 13.75 -8.33
C19 20L D . 6.45 14.60 -9.09
C18 20L D . 7.75 14.27 -9.39
C17 20L D . 8.27 13.05 -9.00
C23 20L D . 8.00 19.42 -9.01
C24 20L D . 6.96 19.30 -9.93
C25 20L D . 6.27 18.12 -10.06
C26 20L D . 6.65 17.00 -9.34
C27 20L D . 7.66 17.11 -8.39
C28 20L D . 8.34 18.31 -8.24
O10 20L D . 5.93 15.83 -9.45
H19 20L D . 8.47 21.98 -7.30
H29 20L D . 7.19 21.33 -7.72
H39 20L D . 7.76 22.45 -8.52
H21 20L D . 5.65 11.93 -7.43
H25 20L D . 5.57 18.04 -10.70
H17 20L D . 9.15 12.81 -9.23
H18 20L D . 8.29 14.86 -9.91
H22 20L D . 7.83 11.34 -7.98
H24 20L D . 6.71 20.05 -10.45
H28 20L D . 9.05 18.37 -7.61
H27 20L D . 7.91 16.37 -7.87
H20 20L D . 4.79 13.98 -8.10
H51 20L D . 8.89 21.13 -9.72
H52 20L D . 9.59 20.58 -8.41
S SO4 E . -27.60 -13.92 27.43
O1 SO4 E . -28.10 -14.18 28.78
O2 SO4 E . -28.07 -12.62 26.95
O3 SO4 E . -26.14 -13.91 27.44
O4 SO4 E . -28.05 -14.95 26.48
N13 20L F . -4.66 -10.71 9.43
C15 20L F . -4.89 -11.67 10.55
C22 20L F . -5.22 -20.33 11.34
C21 20L F . -6.23 -20.33 10.41
C20 20L F . -6.42 -19.23 9.59
C19 20L F . -5.58 -18.13 9.71
C18 20L F . -4.58 -18.13 10.67
C17 20L F . -4.39 -19.23 11.47
C23 20L F . -5.13 -13.09 10.10
C24 20L F . -5.46 -14.08 11.03
C25 20L F . -5.66 -15.38 10.64
C26 20L F . -5.57 -15.73 9.30
C27 20L F . -5.25 -14.76 8.36
C28 20L F . -5.03 -13.45 8.75
O10 20L F . -5.78 -17.04 8.89
H19 20L F . -5.37 -10.73 8.83
H29 20L F . -3.89 -10.94 8.98
H39 20L F . -4.57 -9.86 9.77
H21 20L F . -6.80 -21.09 10.32
H25 20L F . -5.89 -16.04 11.28
H17 20L F . -3.70 -19.24 12.12
H18 20L F . -4.00 -17.38 10.74
H22 20L F . -5.10 -21.09 11.91
H24 20L F . -5.52 -13.85 11.95
H28 20L F . -4.81 -12.79 8.11
H27 20L F . -5.18 -15.00 7.44
H20 20L F . -7.11 -19.23 8.94
H51 20L F . -4.12 -11.63 11.14
H52 20L F . -5.67 -11.35 11.05
#